data_7BM6
#
_entry.id   7BM6
#
_cell.length_a   164.132
_cell.length_b   164.132
_cell.length_c   168.370
_cell.angle_alpha   90.000
_cell.angle_beta   90.000
_cell.angle_gamma   120.000
#
_symmetry.space_group_name_H-M   'P 65'
#
loop_
_entity.id
_entity.type
_entity.pdbx_description
1 polymer 'Alginate lyase, family PL17'
2 branched '4-deoxy-alpha-L-erythro-hex-4-enopyranuronic acid-(1-4)-alpha-D-mannopyranuronic acid'
3 non-polymer 'CALCIUM ION'
4 non-polymer 'MAGNESIUM ION'
5 non-polymer GLYCEROL
6 water water
#
_entity_poly.entity_id   1
_entity_poly.type   'polypeptide(L)'
_entity_poly.pdbx_seq_one_letter_code
;MNMTKYIPVLQSLLFVLLLSFSGHAQEHPSLILTKAGVEKIRAELGNIPIFDATLEKVKAEVDAEIALGIDTPLPKDYSG
GYTHERHKRNFFILQKAGVLYQILNDEKYALYIKDMLFQYEGMYKDLPVHPQTRSYARGKLFWQCLNDSNWLVYVSQAYD
CVYDYLSKKERKQLEKNLFRPFADYISIENPQFYNRVHNHSTWGNAAVGMIGLVMGDEELIQRALYGIEDDGLPIGAKDN
DGGFIKVEGQKAGFLANIDEPFSPDGYYTEGPYAQRYAMYPFLIFAEALHNVRPQQKIFEHKDGVLLKSVNTLLSLSDAD
GEFFPLNDAQKGMSYHSRELVTAVDIAYHYGNHNPQLLSIAEEQGQVLLDDSGLAVALGIREGKSEDFQKKSIKLSDGAN
GDQGGVAILRYGNEAMTLVYKYAAQGLSHGHYDKLSFSLYEKGTEILQDYGLARFVNIEQKGGGNYLKENTTWAKQTIAH
NTLVQNETSHFEGKYEVGSQHHSELYFFDASNPEVQVVSAKEQNAYPGTEMHRTMALIKTDGFEKPFVLDILRVGSNAAN
QYDLPFYFKGQVMQTNFDFTTPKSLEPLGSDNGYQHLWSEGLGQPKGDNSQLSWLENGRFYTLTTATNNDDELHFVRIGA
NDPEFNLRRDAGLIIRRKNTKNTTFVSILESHGHYSPVSEFSVNANSSISKIELMLDTKEYTAVLIDAKSNTEQTLLILA
NENKNVNKEHIIEIKGKEYRWTGPYQFIKIN
;
_entity_poly.pdbx_strand_id   A,B
#
loop_
_chem_comp.id
_chem_comp.type
_chem_comp.name
_chem_comp.formula
CA non-polymer 'CALCIUM ION' 'Ca 2'
GOL non-polymer GLYCEROL 'C3 H8 O3'
MAV D-saccharide, alpha linking 'alpha-D-mannopyranuronic acid' 'C6 H10 O7'
MAW L-saccharide, alpha linking '4-deoxy-alpha-L-erythro-hex-4-enopyranuronic acid' 'C6 H8 O6'
MG non-polymer 'MAGNESIUM ION' 'Mg 2'
#
# COMPACT_ATOMS: atom_id res chain seq x y z
N ALA A 25 56.48 9.31 -1.34
CA ALA A 25 55.93 10.69 -1.40
C ALA A 25 54.39 10.71 -1.24
N GLN A 26 53.69 9.90 -2.05
CA GLN A 26 52.22 9.79 -1.95
C GLN A 26 51.85 9.15 -0.61
N GLU A 27 51.02 9.83 0.17
CA GLU A 27 50.43 9.24 1.36
C GLU A 27 49.31 8.25 1.06
N HIS A 28 49.18 7.27 1.95
CA HIS A 28 48.09 6.31 1.91
C HIS A 28 47.50 6.14 3.32
N PRO A 29 46.19 6.28 3.50
CA PRO A 29 45.26 6.64 2.41
C PRO A 29 45.30 8.13 2.06
N SER A 30 44.76 8.52 0.90
CA SER A 30 44.57 9.96 0.60
C SER A 30 43.53 10.35 -0.47
N LEU A 31 42.94 9.32 -1.05
CA LEU A 31 41.94 9.49 -2.15
C LEU A 31 40.59 9.93 -1.64
N ILE A 32 40.06 9.17 -0.68
CA ILE A 32 38.73 9.36 -0.15
C ILE A 32 38.84 9.66 1.38
N LEU A 33 39.20 8.68 2.17
CA LEU A 33 39.65 8.95 3.51
C LEU A 33 41.09 9.49 3.42
N THR A 34 41.37 10.61 4.11
CA THR A 34 42.72 11.19 4.18
C THR A 34 43.26 11.09 5.62
N LYS A 35 44.57 11.26 5.79
CA LYS A 35 45.23 11.16 7.10
C LYS A 35 44.86 12.29 8.03
N ALA A 36 44.77 13.51 7.49
CA ALA A 36 44.23 14.60 8.29
C ALA A 36 42.76 14.31 8.64
N GLY A 37 42.00 13.71 7.72
CA GLY A 37 40.65 13.26 8.04
C GLY A 37 40.57 12.28 9.21
N VAL A 38 41.41 11.26 9.18
CA VAL A 38 41.48 10.29 10.25
C VAL A 38 41.75 10.97 11.61
N GLU A 39 42.70 11.91 11.65
CA GLU A 39 42.98 12.65 12.92
C GLU A 39 41.79 13.48 13.38
N LYS A 40 41.11 14.15 12.45
CA LYS A 40 39.99 15.00 12.86
C LYS A 40 38.84 14.12 13.37
N ILE A 41 38.55 13.03 12.63
CA ILE A 41 37.52 12.09 13.03
C ILE A 41 37.81 11.58 14.48
N ARG A 42 38.99 11.04 14.70
CA ARG A 42 39.36 10.49 16.05
C ARG A 42 39.21 11.53 17.21
N ALA A 43 39.55 12.78 16.94
CA ALA A 43 39.35 13.89 17.87
C ALA A 43 37.87 14.18 18.18
N GLU A 44 36.94 13.88 17.25
CA GLU A 44 35.53 14.20 17.40
C GLU A 44 34.68 13.02 17.84
N LEU A 45 35.19 11.78 17.74
CA LEU A 45 34.37 10.59 18.04
C LEU A 45 33.73 10.72 19.41
N GLY A 46 32.47 10.30 19.50
CA GLY A 46 31.64 10.45 20.66
C GLY A 46 30.86 11.74 20.82
N ASN A 47 31.15 12.77 20.04
CA ASN A 47 30.36 14.01 20.02
C ASN A 47 29.80 14.36 18.60
N ILE A 48 29.60 13.33 17.74
CA ILE A 48 29.02 13.51 16.38
C ILE A 48 27.96 12.41 16.08
N PRO A 49 26.75 12.52 16.70
CA PRO A 49 25.77 11.38 16.77
C PRO A 49 25.49 10.57 15.47
N ILE A 50 25.22 11.26 14.35
CA ILE A 50 24.99 10.58 13.09
C ILE A 50 26.24 9.74 12.63
N PHE A 51 27.44 10.28 12.82
CA PHE A 51 28.67 9.58 12.52
C PHE A 51 28.92 8.46 13.51
N ASP A 52 28.82 8.78 14.80
CA ASP A 52 28.92 7.74 15.89
C ASP A 52 27.97 6.53 15.67
N ALA A 53 26.71 6.80 15.31
CA ALA A 53 25.74 5.77 15.03
C ALA A 53 26.11 4.94 13.81
N THR A 54 26.58 5.59 12.73
CA THR A 54 27.00 4.88 11.54
C THR A 54 28.24 3.97 11.83
N LEU A 55 29.22 4.52 12.52
CA LEU A 55 30.43 3.75 12.89
C LEU A 55 30.10 2.47 13.68
N GLU A 56 29.23 2.62 14.66
CA GLU A 56 28.74 1.48 15.43
C GLU A 56 28.02 0.38 14.61
N LYS A 57 27.11 0.79 13.73
CA LYS A 57 26.43 -0.13 12.80
C LYS A 57 27.42 -0.85 11.85
N VAL A 58 28.34 -0.11 11.25
CA VAL A 58 29.34 -0.66 10.29
C VAL A 58 30.34 -1.59 11.03
N LYS A 59 30.82 -1.16 12.19
CA LYS A 59 31.66 -2.04 13.01
C LYS A 59 31.01 -3.41 13.27
N ALA A 60 29.74 -3.40 13.72
CA ALA A 60 29.00 -4.64 13.99
C ALA A 60 28.82 -5.50 12.74
N GLU A 61 28.54 -4.84 11.63
CA GLU A 61 28.45 -5.53 10.34
C GLU A 61 29.77 -6.20 9.91
N VAL A 62 30.88 -5.47 9.93
CA VAL A 62 32.12 -6.05 9.51
C VAL A 62 32.55 -7.15 10.52
N ASP A 63 32.36 -6.92 11.82
CA ASP A 63 32.75 -7.92 12.83
C ASP A 63 31.98 -9.24 12.58
N ALA A 64 30.71 -9.16 12.20
CA ALA A 64 29.95 -10.36 11.85
C ALA A 64 30.57 -11.11 10.68
N GLU A 65 30.95 -10.39 9.63
CA GLU A 65 31.52 -11.06 8.45
C GLU A 65 32.89 -11.67 8.72
N ILE A 66 33.69 -10.96 9.52
CA ILE A 66 34.99 -11.51 9.99
C ILE A 66 34.75 -12.83 10.74
N ALA A 67 33.71 -12.90 11.59
CA ALA A 67 33.39 -14.18 12.29
C ALA A 67 33.00 -15.27 11.32
N LEU A 68 32.27 -14.94 10.26
CA LEU A 68 31.87 -15.94 9.30
C LEU A 68 33.02 -16.47 8.43
N GLY A 69 34.11 -15.71 8.24
CA GLY A 69 35.25 -16.22 7.46
C GLY A 69 35.39 -15.52 6.10
N ILE A 70 36.11 -16.15 5.21
CA ILE A 70 36.42 -15.52 3.92
C ILE A 70 36.01 -16.52 2.86
N ASP A 71 35.04 -16.15 2.04
CA ASP A 71 34.53 -17.03 0.99
C ASP A 71 34.67 -16.31 -0.38
N THR A 72 35.40 -16.96 -1.28
CA THR A 72 35.63 -16.44 -2.64
C THR A 72 35.25 -17.53 -3.64
N PRO A 73 33.93 -17.81 -3.82
CA PRO A 73 33.54 -19.04 -4.57
C PRO A 73 33.78 -18.92 -6.07
N LEU A 74 33.97 -20.06 -6.72
CA LEU A 74 34.08 -20.15 -8.16
C LEU A 74 32.82 -19.50 -8.75
N PRO A 75 32.92 -18.43 -9.54
CA PRO A 75 31.68 -17.77 -10.01
C PRO A 75 30.78 -18.64 -10.93
N LYS A 76 29.44 -18.64 -10.69
CA LYS A 76 28.43 -19.43 -11.46
CA LYS A 76 28.45 -19.42 -11.49
C LYS A 76 27.16 -18.67 -11.77
N ASP A 77 26.73 -17.85 -10.82
CA ASP A 77 25.36 -17.37 -10.77
C ASP A 77 25.05 -16.00 -11.37
N TYR A 78 23.78 -15.81 -11.70
CA TYR A 78 23.19 -14.52 -11.98
C TYR A 78 22.91 -13.79 -10.66
N SER A 79 22.51 -12.53 -10.78
CA SER A 79 22.19 -11.72 -9.63
C SER A 79 21.14 -12.39 -8.69
N GLY A 80 21.35 -12.24 -7.39
CA GLY A 80 20.55 -12.94 -6.44
C GLY A 80 21.00 -14.33 -6.10
N GLY A 81 21.78 -14.94 -6.99
CA GLY A 81 22.35 -16.25 -6.75
C GLY A 81 23.58 -16.12 -5.85
N TYR A 82 23.88 -17.22 -5.14
CA TYR A 82 24.99 -17.24 -4.19
C TYR A 82 26.33 -16.59 -4.64
N THR A 83 26.93 -16.97 -5.79
CA THR A 83 28.27 -16.46 -6.11
C THR A 83 28.25 -14.94 -6.42
N HIS A 84 27.19 -14.48 -7.05
CA HIS A 84 27.00 -13.06 -7.29
C HIS A 84 26.85 -12.31 -5.97
N GLU A 85 25.99 -12.77 -5.07
CA GLU A 85 25.75 -12.05 -3.79
C GLU A 85 26.97 -12.12 -2.86
N ARG A 86 27.69 -13.23 -2.86
CA ARG A 86 28.89 -13.35 -2.01
C ARG A 86 30.04 -12.40 -2.49
N HIS A 87 30.32 -12.39 -3.79
CA HIS A 87 31.38 -11.49 -4.30
C HIS A 87 31.00 -10.01 -4.16
N LYS A 88 29.70 -9.72 -4.25
CA LYS A 88 29.20 -8.35 -4.10
C LYS A 88 29.32 -7.95 -2.66
N ARG A 89 28.90 -8.84 -1.78
CA ARG A 89 29.01 -8.53 -0.35
C ARG A 89 30.50 -8.34 0.05
N ASN A 90 31.41 -9.17 -0.47
CA ASN A 90 32.83 -8.98 -0.20
C ASN A 90 33.35 -7.54 -0.54
N PHE A 91 32.96 -6.98 -1.69
CA PHE A 91 33.45 -5.65 -2.02
C PHE A 91 32.96 -4.56 -1.07
N PHE A 92 31.69 -4.61 -0.68
CA PHE A 92 31.12 -3.67 0.32
C PHE A 92 31.84 -3.79 1.68
N ILE A 93 32.02 -5.00 2.10
CA ILE A 93 32.69 -5.27 3.39
C ILE A 93 34.15 -4.86 3.39
N LEU A 94 34.89 -5.07 2.28
CA LEU A 94 36.31 -4.66 2.23
C LEU A 94 36.45 -3.16 2.38
N GLN A 95 35.63 -2.41 1.65
CA GLN A 95 35.65 -0.97 1.79
C GLN A 95 35.27 -0.50 3.21
N LYS A 96 34.30 -1.15 3.84
CA LYS A 96 33.97 -0.87 5.27
C LYS A 96 35.15 -1.25 6.22
N ALA A 97 35.76 -2.42 6.01
CA ALA A 97 36.93 -2.81 6.81
C ALA A 97 38.08 -1.81 6.72
N GLY A 98 38.27 -1.21 5.54
CA GLY A 98 39.33 -0.27 5.34
C GLY A 98 39.21 0.98 6.17
N VAL A 99 38.03 1.60 6.16
CA VAL A 99 37.82 2.80 6.97
C VAL A 99 37.81 2.47 8.48
N LEU A 100 37.35 1.28 8.86
CA LEU A 100 37.39 0.85 10.26
C LEU A 100 38.81 0.73 10.74
N TYR A 101 39.68 0.11 9.92
CA TYR A 101 41.09 -0.01 10.24
C TYR A 101 41.72 1.35 10.56
N GLN A 102 41.55 2.29 9.64
CA GLN A 102 42.07 3.63 9.79
C GLN A 102 41.46 4.38 10.97
N ILE A 103 40.15 4.33 11.12
CA ILE A 103 39.49 5.15 12.14
C ILE A 103 39.83 4.59 13.53
N LEU A 104 39.60 3.29 13.73
CA LEU A 104 39.80 2.63 15.01
C LEU A 104 41.23 2.23 15.28
N ASN A 105 42.13 2.30 14.29
CA ASN A 105 43.49 1.87 14.46
C ASN A 105 43.56 0.44 14.96
N ASP A 106 42.85 -0.47 14.31
CA ASP A 106 42.70 -1.82 14.82
C ASP A 106 43.00 -2.80 13.69
N GLU A 107 44.13 -3.47 13.83
CA GLU A 107 44.71 -4.34 12.80
C GLU A 107 43.92 -5.59 12.45
N LYS A 108 42.96 -5.96 13.28
CA LYS A 108 42.00 -7.00 12.93
C LYS A 108 41.34 -6.71 11.53
N TYR A 109 41.02 -5.44 11.26
CA TYR A 109 40.38 -5.03 9.99
C TYR A 109 41.34 -5.14 8.84
N ALA A 110 42.59 -4.72 9.08
CA ALA A 110 43.66 -4.78 8.04
C ALA A 110 44.01 -6.22 7.69
N LEU A 111 44.06 -7.07 8.70
CA LEU A 111 44.40 -8.49 8.51
C LEU A 111 43.31 -9.17 7.70
N TYR A 112 42.04 -8.85 7.97
CA TYR A 112 40.94 -9.37 7.17
C TYR A 112 41.06 -8.94 5.70
N ILE A 113 41.35 -7.65 5.47
CA ILE A 113 41.53 -7.16 4.08
C ILE A 113 42.68 -7.90 3.39
N LYS A 114 43.82 -8.02 4.09
CA LYS A 114 44.96 -8.73 3.54
C LYS A 114 44.65 -10.17 3.16
N ASP A 115 44.08 -10.94 4.10
CA ASP A 115 43.70 -12.30 3.87
C ASP A 115 42.68 -12.47 2.71
N MET A 116 41.72 -11.58 2.64
CA MET A 116 40.72 -11.65 1.54
C MET A 116 41.37 -11.33 0.20
N LEU A 117 42.20 -10.29 0.17
CA LEU A 117 42.93 -9.91 -1.08
C LEU A 117 43.81 -11.01 -1.58
N PHE A 118 44.56 -11.64 -0.67
CA PHE A 118 45.38 -12.81 -1.02
C PHE A 118 44.58 -14.04 -1.45
N GLN A 119 43.42 -14.28 -0.87
CA GLN A 119 42.55 -15.32 -1.35
C GLN A 119 42.02 -15.03 -2.76
N TYR A 120 41.60 -13.80 -3.01
CA TYR A 120 41.30 -13.41 -4.41
C TYR A 120 42.50 -13.63 -5.32
N GLU A 121 43.68 -13.17 -4.90
CA GLU A 121 44.90 -13.28 -5.72
C GLU A 121 45.21 -14.73 -6.12
N GLY A 122 44.86 -15.66 -5.24
CA GLY A 122 45.07 -17.06 -5.46
C GLY A 122 44.13 -17.70 -6.45
N MET A 123 43.00 -17.06 -6.76
CA MET A 123 41.99 -17.65 -7.65
C MET A 123 41.78 -16.85 -8.93
N TYR A 124 41.96 -15.52 -8.89
CA TYR A 124 41.48 -14.64 -9.95
C TYR A 124 42.14 -14.92 -11.30
N LYS A 125 43.47 -14.90 -11.33
CA LYS A 125 44.26 -15.27 -12.53
C LYS A 125 43.89 -16.59 -13.25
N ASP A 126 43.49 -17.61 -12.52
CA ASP A 126 43.13 -18.90 -13.08
C ASP A 126 41.67 -19.03 -13.52
N LEU A 127 40.86 -18.02 -13.24
CA LEU A 127 39.47 -18.06 -13.61
C LEU A 127 39.23 -17.89 -15.09
N PRO A 128 38.20 -18.58 -15.58
CA PRO A 128 37.81 -18.46 -17.00
C PRO A 128 36.66 -17.47 -17.06
N VAL A 129 36.34 -16.94 -18.25
CA VAL A 129 35.25 -15.99 -18.40
C VAL A 129 34.02 -16.52 -17.67
N HIS A 130 33.28 -15.65 -16.98
CA HIS A 130 32.11 -16.12 -16.25
C HIS A 130 31.30 -17.07 -17.16
N PRO A 131 30.85 -18.23 -16.62
CA PRO A 131 30.13 -19.18 -17.49
C PRO A 131 28.74 -18.75 -17.95
N GLN A 132 28.07 -17.83 -17.28
CA GLN A 132 26.82 -17.26 -17.86
C GLN A 132 27.12 -16.45 -19.12
N THR A 133 26.35 -16.68 -20.17
CA THR A 133 26.53 -15.97 -21.43
C THR A 133 25.31 -15.12 -21.77
N ARG A 134 25.18 -13.99 -21.08
CA ARG A 134 24.05 -13.08 -21.30
C ARG A 134 24.45 -11.64 -21.02
N SER A 135 25.69 -11.39 -21.33
CA SER A 135 26.18 -10.09 -21.24
C SER A 135 27.01 -9.94 -22.51
N TYR A 136 26.97 -8.73 -23.05
CA TYR A 136 27.76 -8.36 -24.17
C TYR A 136 29.22 -8.21 -23.69
N ALA A 137 29.46 -8.21 -22.39
CA ALA A 137 30.79 -8.09 -21.85
C ALA A 137 30.86 -8.90 -20.58
N ARG A 138 30.95 -10.19 -20.75
CA ARG A 138 30.95 -11.12 -19.61
C ARG A 138 32.13 -10.80 -18.68
N GLY A 139 31.88 -10.79 -17.38
CA GLY A 139 32.92 -10.49 -16.39
C GLY A 139 33.75 -11.74 -16.06
N LYS A 140 34.55 -11.67 -14.99
CA LYS A 140 35.17 -12.82 -14.39
C LYS A 140 34.58 -13.24 -13.06
N LEU A 141 34.61 -12.34 -12.10
CA LEU A 141 33.91 -12.53 -10.84
C LEU A 141 32.35 -12.60 -10.97
N PHE A 142 31.80 -11.84 -11.94
CA PHE A 142 30.37 -11.70 -12.14
C PHE A 142 29.98 -11.94 -13.59
N TRP A 143 28.69 -12.13 -13.83
CA TRP A 143 28.15 -12.34 -15.17
C TRP A 143 28.46 -11.20 -16.14
N GLN A 144 28.73 -10.01 -15.61
CA GLN A 144 29.02 -8.89 -16.47
C GLN A 144 30.14 -7.99 -15.88
N CYS A 145 30.85 -7.35 -16.79
CA CYS A 145 31.92 -6.40 -16.46
C CYS A 145 31.48 -5.22 -15.62
N LEU A 146 30.22 -4.80 -15.78
CA LEU A 146 29.66 -3.79 -14.87
C LEU A 146 29.95 -4.14 -13.41
N ASN A 147 29.67 -5.38 -13.03
CA ASN A 147 29.77 -5.77 -11.61
C ASN A 147 31.25 -6.03 -11.20
N ASP A 148 32.11 -6.54 -12.11
CA ASP A 148 33.53 -6.54 -11.86
C ASP A 148 34.05 -5.12 -11.60
N SER A 149 33.57 -4.14 -12.39
CA SER A 149 33.94 -2.77 -12.18
C SER A 149 33.48 -2.21 -10.80
N ASN A 150 32.24 -2.51 -10.38
CA ASN A 150 31.74 -2.17 -9.01
C ASN A 150 32.75 -2.66 -7.97
N TRP A 151 33.10 -3.92 -8.09
CA TRP A 151 34.05 -4.56 -7.21
C TRP A 151 35.37 -3.81 -7.09
N LEU A 152 35.99 -3.48 -8.25
CA LEU A 152 37.22 -2.70 -8.24
C LEU A 152 37.14 -1.28 -7.72
N VAL A 153 36.06 -0.53 -7.99
CA VAL A 153 35.88 0.79 -7.34
C VAL A 153 35.93 0.65 -5.77
N TYR A 154 35.22 -0.33 -5.25
CA TYR A 154 35.13 -0.50 -3.82
C TYR A 154 36.44 -1.02 -3.21
N VAL A 155 37.02 -2.04 -3.83
CA VAL A 155 38.27 -2.61 -3.36
C VAL A 155 39.48 -1.64 -3.41
N SER A 156 39.52 -0.77 -4.41
CA SER A 156 40.52 0.26 -4.53
C SER A 156 40.62 1.09 -3.27
N GLN A 157 39.45 1.43 -2.74
CA GLN A 157 39.37 2.23 -1.51
C GLN A 157 39.99 1.46 -0.33
N ALA A 158 39.67 0.18 -0.23
CA ALA A 158 40.24 -0.68 0.78
C ALA A 158 41.75 -0.79 0.63
N TYR A 159 42.23 -1.03 -0.59
CA TYR A 159 43.66 -1.10 -0.84
C TYR A 159 44.36 0.20 -0.38
N ASP A 160 43.76 1.35 -0.68
CA ASP A 160 44.30 2.62 -0.19
C ASP A 160 44.47 2.67 1.36
N CYS A 161 43.53 2.06 2.05
CA CYS A 161 43.49 2.05 3.51
C CYS A 161 44.51 1.08 4.14
N VAL A 162 44.89 0.01 3.43
CA VAL A 162 45.90 -0.92 3.92
C VAL A 162 47.24 -0.85 3.24
N TYR A 163 47.44 0.12 2.32
CA TYR A 163 48.66 0.17 1.52
C TYR A 163 49.95 0.12 2.39
N ASP A 164 50.02 0.95 3.45
CA ASP A 164 51.20 0.93 4.34
C ASP A 164 51.29 -0.27 5.27
N TYR A 165 50.17 -0.92 5.57
CA TYR A 165 50.16 -2.07 6.45
C TYR A 165 50.81 -3.26 5.76
N LEU A 166 50.57 -3.37 4.46
CA LEU A 166 51.18 -4.40 3.61
C LEU A 166 52.66 -4.11 3.45
N SER A 167 53.40 -5.17 3.19
CA SER A 167 54.81 -5.03 2.85
C SER A 167 54.91 -4.74 1.35
N LYS A 168 56.06 -4.22 0.95
CA LYS A 168 56.33 -4.00 -0.47
C LYS A 168 56.28 -5.28 -1.35
N LYS A 169 56.82 -6.39 -0.84
CA LYS A 169 56.68 -7.65 -1.54
C LYS A 169 55.19 -8.08 -1.75
N GLU A 170 54.36 -7.87 -0.73
CA GLU A 170 52.92 -8.18 -0.79
C GLU A 170 52.18 -7.31 -1.81
N ARG A 171 52.44 -6.01 -1.78
CA ARG A 171 51.86 -5.07 -2.75
C ARG A 171 52.26 -5.44 -4.17
N LYS A 172 53.55 -5.73 -4.38
CA LYS A 172 53.99 -6.11 -5.70
C LYS A 172 53.22 -7.33 -6.28
N GLN A 173 53.06 -8.39 -5.48
CA GLN A 173 52.30 -9.56 -5.94
C GLN A 173 50.80 -9.24 -6.21
N LEU A 174 50.16 -8.52 -5.30
CA LEU A 174 48.75 -8.13 -5.53
C LEU A 174 48.59 -7.32 -6.80
N GLU A 175 49.49 -6.36 -7.00
CA GLU A 175 49.45 -5.49 -8.19
C GLU A 175 49.70 -6.25 -9.50
N LYS A 176 50.70 -7.11 -9.50
CA LYS A 176 51.04 -7.90 -10.65
C LYS A 176 50.00 -8.99 -11.00
N ASN A 177 49.49 -9.66 -9.99
CA ASN A 177 48.62 -10.82 -10.25
C ASN A 177 47.14 -10.65 -10.02
N LEU A 178 46.73 -9.55 -9.39
CA LEU A 178 45.32 -9.28 -9.19
C LEU A 178 44.94 -7.93 -9.82
N PHE A 179 45.45 -6.82 -9.30
CA PHE A 179 44.94 -5.47 -9.74
C PHE A 179 45.19 -5.07 -11.18
N ARG A 180 46.42 -5.24 -11.68
CA ARG A 180 46.72 -4.87 -13.11
C ARG A 180 45.99 -5.74 -14.11
N PRO A 181 45.98 -7.06 -13.90
CA PRO A 181 45.19 -7.89 -14.81
C PRO A 181 43.68 -7.60 -14.74
N PHE A 182 43.16 -7.36 -13.53
CA PHE A 182 41.75 -7.00 -13.34
C PHE A 182 41.44 -5.73 -14.14
N ALA A 183 42.25 -4.70 -13.95
CA ALA A 183 42.00 -3.41 -14.61
C ALA A 183 42.03 -3.55 -16.14
N ASP A 184 42.92 -4.40 -16.66
CA ASP A 184 42.98 -4.66 -18.07
C ASP A 184 41.81 -5.38 -18.60
N TYR A 185 41.32 -6.35 -17.82
CA TYR A 185 40.18 -7.19 -18.22
C TYR A 185 38.92 -6.34 -18.43
N ILE A 186 38.66 -5.40 -17.52
CA ILE A 186 37.47 -4.54 -17.63
C ILE A 186 37.66 -3.37 -18.58
N SER A 187 38.83 -3.25 -19.22
CA SER A 187 39.13 -2.12 -20.11
C SER A 187 39.61 -2.61 -21.48
N ILE A 188 40.93 -2.74 -21.64
CA ILE A 188 41.52 -3.04 -22.96
C ILE A 188 41.07 -4.40 -23.52
N GLU A 189 40.72 -5.34 -22.67
CA GLU A 189 40.15 -6.62 -23.14
C GLU A 189 38.65 -6.62 -23.41
N ASN A 190 37.93 -5.60 -22.92
CA ASN A 190 36.47 -5.42 -23.18
C ASN A 190 36.18 -3.94 -23.49
N PRO A 191 36.76 -3.44 -24.60
CA PRO A 191 36.58 -2.05 -25.00
C PRO A 191 35.11 -1.73 -25.30
N GLN A 192 34.32 -2.72 -25.76
CA GLN A 192 32.88 -2.56 -26.01
C GLN A 192 32.08 -2.17 -24.73
N PHE A 193 32.60 -2.56 -23.56
CA PHE A 193 32.09 -2.15 -22.29
C PHE A 193 32.66 -0.81 -21.82
N TYR A 194 33.99 -0.71 -21.93
CA TYR A 194 34.74 0.36 -21.36
C TYR A 194 34.73 1.71 -22.07
N ASN A 195 34.60 1.73 -23.39
CA ASN A 195 34.84 2.96 -24.17
C ASN A 195 33.60 3.74 -24.74
N ARG A 196 32.50 3.70 -24.02
CA ARG A 196 31.26 4.36 -24.38
C ARG A 196 30.93 5.56 -23.52
N VAL A 197 29.83 6.20 -23.86
CA VAL A 197 29.26 7.27 -23.08
C VAL A 197 28.03 6.49 -22.61
N HIS A 198 28.07 6.10 -21.36
CA HIS A 198 27.14 5.17 -20.77
C HIS A 198 27.51 4.95 -19.31
N ASN A 199 26.53 4.74 -18.44
CA ASN A 199 26.78 4.43 -17.04
C ASN A 199 27.74 3.23 -16.81
N HIS A 200 27.64 2.22 -17.65
CA HIS A 200 28.64 1.13 -17.64
C HIS A 200 30.06 1.63 -17.71
N SER A 201 30.35 2.49 -18.69
CA SER A 201 31.70 2.98 -18.92
C SER A 201 32.12 3.92 -17.81
N THR A 202 31.19 4.67 -17.22
CA THR A 202 31.54 5.50 -16.08
C THR A 202 32.06 4.62 -14.93
N TRP A 203 31.42 3.47 -14.68
CA TRP A 203 31.89 2.53 -13.65
C TRP A 203 33.25 1.91 -14.00
N GLY A 204 33.39 1.46 -15.24
CA GLY A 204 34.66 0.95 -15.74
C GLY A 204 35.81 1.97 -15.67
N ASN A 205 35.56 3.21 -16.09
CA ASN A 205 36.55 4.29 -16.05
C ASN A 205 36.95 4.59 -14.60
N ALA A 206 35.96 4.68 -13.69
CA ALA A 206 36.26 4.97 -12.30
C ALA A 206 37.04 3.80 -11.63
N ALA A 207 36.72 2.56 -12.00
CA ALA A 207 37.42 1.38 -11.45
C ALA A 207 38.89 1.42 -11.81
N VAL A 208 39.17 1.66 -13.08
CA VAL A 208 40.54 1.72 -13.60
C VAL A 208 41.31 2.92 -13.02
N GLY A 209 40.59 4.01 -12.88
CA GLY A 209 41.15 5.24 -12.42
C GLY A 209 41.45 5.20 -10.92
N MET A 210 40.56 4.61 -10.13
CA MET A 210 40.74 4.55 -8.68
C MET A 210 41.98 3.68 -8.39
N ILE A 211 42.05 2.51 -9.01
CA ILE A 211 43.20 1.64 -8.80
C ILE A 211 44.51 2.27 -9.35
N GLY A 212 44.43 2.93 -10.52
CA GLY A 212 45.53 3.74 -11.00
C GLY A 212 46.03 4.78 -10.03
N LEU A 213 45.14 5.58 -9.47
CA LEU A 213 45.55 6.59 -8.48
C LEU A 213 46.23 6.00 -7.19
N VAL A 214 45.72 4.89 -6.68
CA VAL A 214 46.31 4.29 -5.46
C VAL A 214 47.74 3.85 -5.79
N MET A 215 47.92 3.22 -6.97
CA MET A 215 49.18 2.69 -7.43
C MET A 215 50.19 3.70 -8.00
N GLY A 216 49.79 4.91 -8.36
CA GLY A 216 50.66 5.87 -9.05
C GLY A 216 50.97 5.45 -10.48
N ASP A 217 50.01 4.82 -11.14
CA ASP A 217 50.18 4.34 -12.49
C ASP A 217 49.57 5.32 -13.50
N GLU A 218 50.46 6.08 -14.12
CA GLU A 218 50.08 7.13 -15.04
C GLU A 218 49.29 6.61 -16.26
N GLU A 219 49.65 5.44 -16.74
CA GLU A 219 48.98 4.81 -17.84
C GLU A 219 47.48 4.57 -17.58
N LEU A 220 47.19 3.97 -16.41
CA LEU A 220 45.83 3.68 -16.01
C LEU A 220 45.08 4.94 -15.73
N ILE A 221 45.72 5.89 -15.08
CA ILE A 221 45.09 7.17 -14.83
C ILE A 221 44.65 7.83 -16.16
N GLN A 222 45.51 7.84 -17.17
CA GLN A 222 45.19 8.44 -18.49
C GLN A 222 44.06 7.66 -19.18
N ARG A 223 44.12 6.33 -19.10
CA ARG A 223 43.10 5.45 -19.66
C ARG A 223 41.75 5.73 -19.02
N ALA A 224 41.76 6.04 -17.70
CA ALA A 224 40.54 6.39 -17.02
C ALA A 224 39.98 7.71 -17.49
N LEU A 225 40.84 8.71 -17.62
CA LEU A 225 40.41 10.07 -17.95
C LEU A 225 39.99 10.23 -19.42
N TYR A 226 40.74 9.57 -20.31
CA TYR A 226 40.69 9.81 -21.75
C TYR A 226 40.31 8.61 -22.59
N GLY A 227 40.05 7.48 -21.96
CA GLY A 227 39.63 6.27 -22.62
C GLY A 227 40.74 5.55 -23.34
N ILE A 228 40.40 4.44 -23.98
CA ILE A 228 41.33 3.68 -24.76
C ILE A 228 41.43 4.43 -26.09
N GLU A 229 42.68 4.61 -26.50
CA GLU A 229 43.01 5.24 -27.76
C GLU A 229 42.84 4.23 -28.91
N ASP A 230 42.22 4.67 -29.99
CA ASP A 230 41.97 3.81 -31.16
C ASP A 230 41.33 2.46 -30.75
N ASP A 231 40.10 2.52 -30.25
CA ASP A 231 39.46 1.33 -29.66
C ASP A 231 39.00 0.27 -30.68
N GLY A 232 38.88 0.65 -31.95
CA GLY A 232 38.54 -0.31 -33.02
C GLY A 232 37.10 -0.78 -33.01
N LEU A 233 36.23 -0.13 -32.23
CA LEU A 233 34.86 -0.59 -32.07
C LEU A 233 33.96 -0.27 -33.28
N PRO A 234 33.02 -1.17 -33.60
CA PRO A 234 32.08 -0.94 -34.69
C PRO A 234 31.02 0.06 -34.33
N ILE A 235 30.73 0.95 -35.25
CA ILE A 235 29.73 1.96 -35.10
C ILE A 235 28.49 1.33 -35.66
N GLY A 236 27.41 1.39 -34.90
CA GLY A 236 26.20 0.67 -35.30
C GLY A 236 25.98 -0.65 -34.59
N ALA A 237 26.97 -1.20 -33.91
CA ALA A 237 26.73 -2.40 -33.05
C ALA A 237 25.95 -2.03 -31.78
N LYS A 238 25.15 -2.99 -31.29
CA LYS A 238 24.24 -2.81 -30.14
C LYS A 238 24.61 -3.65 -28.94
N ASP A 239 24.31 -3.13 -27.76
CA ASP A 239 24.34 -3.87 -26.48
C ASP A 239 23.07 -4.74 -26.37
N ASN A 240 22.90 -5.49 -25.28
CA ASN A 240 21.72 -6.39 -25.08
C ASN A 240 20.42 -5.63 -24.86
N ASP A 241 20.50 -4.40 -24.39
CA ASP A 241 19.32 -3.58 -24.18
C ASP A 241 18.93 -2.74 -25.43
N GLY A 242 19.58 -2.99 -26.58
CA GLY A 242 19.22 -2.38 -27.87
C GLY A 242 19.86 -1.04 -28.27
N GLY A 243 20.75 -0.50 -27.44
CA GLY A 243 21.42 0.77 -27.74
C GLY A 243 22.81 0.61 -28.38
N PHE A 244 23.27 1.65 -29.04
CA PHE A 244 24.57 1.64 -29.72
C PHE A 244 25.72 1.58 -28.73
N ILE A 245 26.69 0.72 -29.02
CA ILE A 245 27.92 0.63 -28.26
C ILE A 245 28.69 1.94 -28.34
N LYS A 246 28.91 2.37 -29.59
CA LYS A 246 29.79 3.48 -29.93
C LYS A 246 29.13 4.47 -30.89
N VAL A 247 29.38 5.76 -30.66
CA VAL A 247 28.84 6.82 -31.50
C VAL A 247 30.02 7.40 -32.30
N GLU A 248 29.84 7.52 -33.61
CA GLU A 248 30.89 8.12 -34.45
C GLU A 248 31.31 9.52 -33.98
N GLY A 249 32.61 9.75 -33.85
CA GLY A 249 33.16 11.04 -33.46
C GLY A 249 33.07 11.35 -31.96
N GLN A 250 32.55 10.42 -31.18
CA GLN A 250 32.36 10.68 -29.77
C GLN A 250 33.60 10.20 -29.04
N LYS A 251 34.07 11.00 -28.10
CA LYS A 251 35.17 10.64 -27.23
C LYS A 251 34.78 9.55 -26.23
N ALA A 252 35.79 9.05 -25.52
CA ALA A 252 35.67 8.04 -24.47
C ALA A 252 36.40 8.52 -23.22
N GLY A 253 36.17 7.80 -22.12
CA GLY A 253 36.73 8.12 -20.81
C GLY A 253 35.85 8.92 -19.88
N PHE A 254 36.36 9.07 -18.67
CA PHE A 254 35.65 9.72 -17.61
C PHE A 254 35.18 11.12 -17.96
N LEU A 255 36.09 11.93 -18.51
CA LEU A 255 35.73 13.32 -18.87
C LEU A 255 34.62 13.38 -19.91
N ALA A 256 34.65 12.47 -20.88
CA ALA A 256 33.58 12.43 -21.94
C ALA A 256 32.22 12.06 -21.29
N ASN A 257 32.27 11.16 -20.28
CA ASN A 257 31.10 10.76 -19.53
C ASN A 257 30.54 11.83 -18.63
N ILE A 258 31.30 12.88 -18.32
CA ILE A 258 30.78 14.07 -17.68
C ILE A 258 30.22 15.07 -18.72
N ASP A 259 30.95 15.27 -19.83
CA ASP A 259 30.57 16.28 -20.85
C ASP A 259 29.34 15.91 -21.62
N GLU A 260 29.19 14.64 -22.02
CA GLU A 260 28.15 14.26 -22.97
C GLU A 260 26.73 13.94 -22.46
N PRO A 261 26.59 13.12 -21.38
CA PRO A 261 25.26 12.70 -21.00
C PRO A 261 24.64 13.59 -19.89
N PHE A 262 25.33 14.65 -19.48
CA PHE A 262 24.76 15.65 -18.57
C PHE A 262 24.50 16.91 -19.36
N SER A 263 23.32 17.50 -19.12
CA SER A 263 23.00 18.81 -19.65
C SER A 263 23.64 19.90 -18.81
N PRO A 264 23.56 21.15 -19.28
CA PRO A 264 24.00 22.26 -18.40
C PRO A 264 23.14 22.44 -17.12
N ASP A 265 21.99 21.77 -16.98
CA ASP A 265 21.19 21.80 -15.72
C ASP A 265 21.48 20.65 -14.75
N GLY A 266 22.48 19.84 -15.08
CA GLY A 266 22.85 18.69 -14.29
C GLY A 266 21.87 17.54 -14.44
N TYR A 267 21.07 17.52 -15.50
CA TYR A 267 20.18 16.41 -15.79
C TYR A 267 20.94 15.34 -16.58
N TYR A 268 20.99 14.14 -16.03
CA TYR A 268 21.64 12.96 -16.64
C TYR A 268 20.65 12.30 -17.59
N THR A 269 21.03 12.15 -18.86
CA THR A 269 20.07 11.85 -19.92
C THR A 269 19.36 10.51 -19.78
N GLU A 270 19.97 9.56 -19.10
CA GLU A 270 19.34 8.27 -18.92
C GLU A 270 18.19 8.29 -17.90
N GLY A 271 18.07 9.34 -17.09
CA GLY A 271 16.92 9.46 -16.23
C GLY A 271 17.37 9.16 -14.82
N PRO A 272 16.49 9.39 -13.81
CA PRO A 272 17.00 9.47 -12.44
C PRO A 272 17.38 8.15 -11.79
N TYR A 273 16.76 7.07 -12.19
CA TYR A 273 17.12 5.78 -11.65
C TYR A 273 18.56 5.46 -12.00
N ALA A 274 18.93 5.68 -13.26
CA ALA A 274 20.31 5.49 -13.71
C ALA A 274 21.25 6.60 -13.19
N GLN A 275 20.79 7.84 -13.12
CA GLN A 275 21.62 8.87 -12.56
C GLN A 275 22.06 8.51 -11.14
N ARG A 276 21.11 8.08 -10.32
CA ARG A 276 21.39 7.60 -8.99
C ARG A 276 22.57 6.58 -8.97
N TYR A 277 22.57 5.67 -9.90
CA TYR A 277 23.57 4.60 -9.91
C TYR A 277 24.92 5.22 -10.30
N ALA A 278 24.92 6.10 -11.31
CA ALA A 278 26.16 6.69 -11.82
C ALA A 278 26.84 7.68 -10.87
N MET A 279 26.08 8.29 -9.97
CA MET A 279 26.66 9.30 -9.06
C MET A 279 27.76 8.67 -8.20
N TYR A 280 27.63 7.38 -7.89
CA TYR A 280 28.66 6.81 -7.03
C TYR A 280 30.05 6.89 -7.71
N PRO A 281 30.21 6.27 -8.89
CA PRO A 281 31.53 6.37 -9.56
C PRO A 281 31.90 7.81 -9.98
N PHE A 282 30.93 8.62 -10.40
CA PHE A 282 31.24 10.00 -10.73
C PHE A 282 31.85 10.76 -9.54
N LEU A 283 31.18 10.74 -8.37
CA LEU A 283 31.62 11.58 -7.26
C LEU A 283 32.81 10.98 -6.52
N ILE A 284 32.88 9.65 -6.43
CA ILE A 284 34.01 8.99 -5.80
C ILE A 284 35.30 9.22 -6.57
N PHE A 285 35.25 8.95 -7.87
CA PHE A 285 36.40 9.20 -8.69
C PHE A 285 36.68 10.69 -8.77
N ALA A 286 35.67 11.57 -8.80
CA ALA A 286 35.96 12.99 -8.80
C ALA A 286 36.66 13.40 -7.47
N GLU A 287 36.22 12.81 -6.35
CA GLU A 287 36.77 13.17 -5.07
C GLU A 287 38.26 12.75 -5.04
N ALA A 288 38.54 11.50 -5.46
CA ALA A 288 39.92 11.00 -5.53
C ALA A 288 40.82 11.88 -6.43
N LEU A 289 40.30 12.28 -7.60
CA LEU A 289 41.00 13.17 -8.49
C LEU A 289 41.26 14.50 -7.82
N HIS A 290 40.29 15.04 -7.09
CA HIS A 290 40.49 16.31 -6.41
C HIS A 290 41.67 16.20 -5.42
N ASN A 291 41.70 15.13 -4.64
CA ASN A 291 42.72 14.97 -3.59
C ASN A 291 44.09 14.57 -4.13
N VAL A 292 44.14 13.77 -5.19
CA VAL A 292 45.42 13.30 -5.72
C VAL A 292 45.92 14.11 -6.93
N ARG A 293 45.04 14.59 -7.81
CA ARG A 293 45.41 15.37 -9.01
C ARG A 293 44.63 16.67 -9.08
N PRO A 294 44.87 17.59 -8.14
CA PRO A 294 44.08 18.82 -8.13
C PRO A 294 44.14 19.68 -9.41
N GLN A 295 45.22 19.54 -10.17
CA GLN A 295 45.39 20.21 -11.47
C GLN A 295 44.34 19.84 -12.53
N GLN A 296 43.66 18.72 -12.33
CA GLN A 296 42.55 18.32 -13.20
C GLN A 296 41.29 19.20 -13.08
N LYS A 297 41.15 19.87 -11.93
CA LYS A 297 40.00 20.72 -11.62
C LYS A 297 38.67 20.01 -11.88
N ILE A 298 38.54 18.77 -11.41
CA ILE A 298 37.41 17.92 -11.77
C ILE A 298 36.06 18.52 -11.31
N PHE A 299 36.03 19.15 -10.12
CA PHE A 299 34.81 19.79 -9.64
C PHE A 299 34.42 21.09 -10.37
N GLU A 300 35.28 21.59 -11.25
CA GLU A 300 34.95 22.70 -12.18
C GLU A 300 34.57 22.23 -13.57
N HIS A 301 34.76 20.96 -13.84
CA HIS A 301 34.51 20.46 -15.16
C HIS A 301 33.05 20.67 -15.59
N LYS A 302 32.89 21.09 -16.85
CA LYS A 302 31.63 21.49 -17.48
C LYS A 302 30.80 22.40 -16.59
N ASP A 303 31.42 23.48 -16.15
CA ASP A 303 30.77 24.47 -15.29
C ASP A 303 30.23 23.88 -13.94
N GLY A 304 31.04 23.12 -13.26
CA GLY A 304 30.62 22.46 -12.02
C GLY A 304 29.43 21.48 -12.10
N VAL A 305 29.26 20.73 -13.19
CA VAL A 305 28.03 19.99 -13.41
C VAL A 305 27.83 18.84 -12.39
N LEU A 306 28.90 18.21 -11.93
CA LEU A 306 28.74 17.06 -11.02
C LEU A 306 28.09 17.43 -9.68
N LEU A 307 28.54 18.52 -9.08
CA LEU A 307 27.95 19.05 -7.84
C LEU A 307 26.55 19.54 -8.07
N LYS A 308 26.34 20.24 -9.18
CA LYS A 308 25.03 20.68 -9.52
C LYS A 308 24.04 19.51 -9.70
N SER A 309 24.52 18.40 -10.27
CA SER A 309 23.65 17.28 -10.62
C SER A 309 23.05 16.57 -9.39
N VAL A 310 23.71 16.71 -8.24
CA VAL A 310 23.20 16.15 -7.01
C VAL A 310 21.87 16.85 -6.62
N ASN A 311 21.84 18.19 -6.70
CA ASN A 311 20.61 18.95 -6.44
CA ASN A 311 20.62 18.96 -6.44
C ASN A 311 19.55 18.57 -7.45
N THR A 312 19.94 18.48 -8.72
CA THR A 312 18.99 18.11 -9.76
C THR A 312 18.41 16.74 -9.46
N LEU A 313 19.26 15.77 -9.08
CA LEU A 313 18.73 14.45 -8.82
C LEU A 313 17.75 14.43 -7.61
N LEU A 314 18.14 15.09 -6.55
CA LEU A 314 17.25 15.24 -5.42
C LEU A 314 15.91 15.88 -5.84
N SER A 315 15.93 16.80 -6.80
CA SER A 315 14.68 17.41 -7.26
C SER A 315 13.82 16.50 -8.07
N LEU A 316 14.39 15.39 -8.56
CA LEU A 316 13.65 14.38 -9.31
C LEU A 316 13.10 13.24 -8.43
N SER A 317 12.79 13.58 -7.17
CA SER A 317 12.18 12.64 -6.26
C SER A 317 10.83 13.20 -5.78
N ASP A 318 9.87 12.28 -5.56
CA ASP A 318 8.60 12.61 -4.95
C ASP A 318 8.71 13.00 -3.45
N ALA A 319 7.59 13.24 -2.80
CA ALA A 319 7.62 13.71 -1.35
C ALA A 319 8.26 12.72 -0.35
N ASP A 320 8.36 11.44 -0.70
CA ASP A 320 9.00 10.47 0.11
C ASP A 320 10.44 10.23 -0.27
N GLY A 321 11.01 11.03 -1.18
CA GLY A 321 12.35 10.84 -1.66
C GLY A 321 12.51 9.70 -2.67
N GLU A 322 11.41 9.18 -3.27
CA GLU A 322 11.50 8.15 -4.31
C GLU A 322 11.64 8.78 -5.71
N PHE A 323 12.57 8.28 -6.51
CA PHE A 323 12.82 8.88 -7.84
C PHE A 323 11.70 8.60 -8.79
N PHE A 324 11.31 9.61 -9.58
CA PHE A 324 10.23 9.46 -10.55
C PHE A 324 10.60 8.35 -11.53
N PRO A 325 9.69 7.43 -11.82
CA PRO A 325 10.13 6.25 -12.61
C PRO A 325 10.10 6.42 -14.14
N LEU A 326 10.94 7.31 -14.61
CA LEU A 326 11.15 7.65 -16.01
C LEU A 326 12.10 6.64 -16.67
N ASN A 327 11.79 6.21 -17.90
CA ASN A 327 12.59 5.25 -18.61
C ASN A 327 12.68 3.94 -17.77
N ASP A 328 13.75 3.14 -17.92
CA ASP A 328 13.84 1.84 -17.19
C ASP A 328 14.16 2.14 -15.71
N ALA A 329 13.17 2.07 -14.85
CA ALA A 329 13.31 2.53 -13.46
C ALA A 329 12.50 1.62 -12.58
N GLN A 330 13.14 1.11 -11.53
CA GLN A 330 12.44 0.32 -10.53
C GLN A 330 11.86 1.24 -9.48
N LYS A 331 10.56 1.12 -9.21
CA LYS A 331 9.87 1.97 -8.19
C LYS A 331 10.35 1.61 -6.76
N GLY A 332 10.53 2.64 -5.96
CA GLY A 332 11.05 2.50 -4.62
C GLY A 332 12.51 2.87 -4.49
N MET A 333 13.29 2.95 -5.58
CA MET A 333 14.60 3.51 -5.47
C MET A 333 14.45 4.98 -5.00
N SER A 334 15.30 5.38 -4.05
CA SER A 334 15.15 6.63 -3.30
C SER A 334 16.47 7.23 -2.89
N TYR A 335 16.40 8.44 -2.35
CA TYR A 335 17.58 9.12 -1.87
C TYR A 335 18.16 8.56 -0.55
N HIS A 336 17.59 7.48 -0.07
CA HIS A 336 18.10 6.79 1.08
C HIS A 336 19.13 5.76 0.61
N SER A 337 19.29 5.60 -0.69
CA SER A 337 20.22 4.59 -1.21
C SER A 337 21.68 4.97 -0.89
N ARG A 338 22.55 3.97 -0.90
CA ARG A 338 23.98 4.16 -0.58
C ARG A 338 24.63 5.20 -1.53
N GLU A 339 24.19 5.24 -2.78
CA GLU A 339 24.75 6.22 -3.72
C GLU A 339 24.47 7.70 -3.33
N LEU A 340 23.29 7.96 -2.81
CA LEU A 340 22.88 9.31 -2.46
C LEU A 340 23.43 9.70 -1.09
N VAL A 341 23.68 8.74 -0.21
CA VAL A 341 24.44 9.02 1.02
C VAL A 341 25.78 9.58 0.64
N THR A 342 26.45 8.86 -0.29
CA THR A 342 27.72 9.23 -0.85
C THR A 342 27.70 10.59 -1.58
N ALA A 343 26.70 10.78 -2.47
CA ALA A 343 26.63 12.03 -3.25
C ALA A 343 26.39 13.26 -2.40
N VAL A 344 25.48 13.14 -1.45
CA VAL A 344 25.12 14.23 -0.57
C VAL A 344 26.35 14.68 0.26
N ASP A 345 27.08 13.71 0.80
CA ASP A 345 28.19 14.02 1.71
C ASP A 345 29.39 14.63 0.96
N ILE A 346 29.68 14.09 -0.23
CA ILE A 346 30.70 14.62 -1.07
C ILE A 346 30.33 16.04 -1.57
N ALA A 347 29.09 16.24 -2.03
CA ALA A 347 28.68 17.55 -2.54
C ALA A 347 28.72 18.59 -1.41
N TYR A 348 28.36 18.21 -0.19
CA TYR A 348 28.42 19.14 0.93
C TYR A 348 29.86 19.55 1.20
N HIS A 349 30.71 18.55 1.32
CA HIS A 349 32.13 18.78 1.64
C HIS A 349 32.97 19.50 0.57
N TYR A 350 32.78 19.18 -0.72
CA TYR A 350 33.61 19.71 -1.79
C TYR A 350 32.94 20.79 -2.56
N GLY A 351 31.66 21.08 -2.30
CA GLY A 351 30.92 22.06 -3.03
C GLY A 351 30.89 23.31 -2.16
N ASN A 352 29.86 24.13 -2.29
CA ASN A 352 29.85 25.33 -1.45
C ASN A 352 29.24 25.16 -0.03
N HIS A 353 29.15 23.92 0.47
CA HIS A 353 28.58 23.65 1.78
C HIS A 353 27.10 24.08 1.86
N ASN A 354 26.33 23.64 0.88
CA ASN A 354 24.92 23.93 0.84
C ASN A 354 24.20 23.32 2.03
N PRO A 355 23.68 24.18 2.94
CA PRO A 355 23.06 23.65 4.15
C PRO A 355 21.78 22.87 3.93
N GLN A 356 21.13 23.05 2.76
CA GLN A 356 19.99 22.23 2.41
C GLN A 356 20.31 20.71 2.31
N LEU A 357 21.56 20.37 1.98
CA LEU A 357 21.99 18.97 1.88
C LEU A 357 22.04 18.28 3.24
N LEU A 358 22.26 19.07 4.28
CA LEU A 358 22.28 18.56 5.64
C LEU A 358 20.93 18.03 6.09
N SER A 359 19.84 18.61 5.62
CA SER A 359 18.51 18.05 5.95
C SER A 359 18.26 16.69 5.29
N ILE A 360 18.81 16.48 4.10
CA ILE A 360 18.71 15.19 3.45
C ILE A 360 19.56 14.20 4.24
N ALA A 361 20.77 14.60 4.62
CA ALA A 361 21.61 13.73 5.45
C ALA A 361 20.94 13.33 6.75
N GLU A 362 20.18 14.25 7.36
CA GLU A 362 19.38 13.91 8.56
C GLU A 362 18.27 12.88 8.31
N GLU A 363 17.56 12.99 7.18
CA GLU A 363 16.60 11.95 6.77
C GLU A 363 17.27 10.62 6.52
N GLN A 364 18.42 10.63 5.88
CA GLN A 364 19.15 9.38 5.61
C GLN A 364 19.59 8.71 6.92
N GLY A 365 20.01 9.50 7.91
CA GLY A 365 20.32 8.96 9.24
C GLY A 365 21.69 8.24 9.27
N GLN A 366 22.51 8.47 8.24
CA GLN A 366 23.84 7.94 8.20
C GLN A 366 24.69 8.83 7.33
N VAL A 367 26.00 8.67 7.52
CA VAL A 367 27.02 9.36 6.78
C VAL A 367 28.17 8.42 6.38
N LEU A 368 28.92 8.83 5.37
CA LEU A 368 30.18 8.20 5.02
C LEU A 368 31.16 8.31 6.19
N LEU A 369 31.92 7.25 6.36
CA LEU A 369 32.88 7.17 7.45
C LEU A 369 34.18 7.72 6.95
N ASP A 370 34.19 9.02 6.65
CA ASP A 370 35.33 9.66 6.04
C ASP A 370 35.23 11.19 6.21
N ASP A 371 36.17 11.93 5.59
CA ASP A 371 36.27 13.40 5.75
C ASP A 371 34.97 14.07 5.41
N SER A 372 34.33 13.64 4.32
CA SER A 372 33.11 14.29 3.88
C SER A 372 31.95 14.01 4.88
N GLY A 373 31.87 12.79 5.40
CA GLY A 373 30.84 12.43 6.37
C GLY A 373 31.03 13.14 7.70
N LEU A 374 32.29 13.37 8.08
CA LEU A 374 32.62 14.18 9.25
C LEU A 374 32.13 15.63 9.06
N ALA A 375 32.35 16.19 7.89
CA ALA A 375 31.93 17.57 7.61
C ALA A 375 30.40 17.73 7.68
N VAL A 376 29.65 16.73 7.17
CA VAL A 376 28.20 16.70 7.33
C VAL A 376 27.80 16.59 8.83
N ALA A 377 28.37 15.63 9.55
CA ALA A 377 28.04 15.51 10.97
C ALA A 377 28.30 16.83 11.76
N LEU A 378 29.42 17.48 11.47
CA LEU A 378 29.74 18.74 12.13
C LEU A 378 28.80 19.87 11.73
N GLY A 379 28.42 19.92 10.44
CA GLY A 379 27.43 20.89 9.98
C GLY A 379 26.14 20.72 10.75
N ILE A 380 25.70 19.47 10.92
CA ILE A 380 24.46 19.19 11.63
C ILE A 380 24.57 19.59 13.12
N ARG A 381 25.65 19.23 13.81
CA ARG A 381 25.88 19.61 15.22
C ARG A 381 25.87 21.10 15.50
N GLU A 382 26.42 21.87 14.58
CA GLU A 382 26.50 23.30 14.72
C GLU A 382 25.17 24.01 14.37
N GLY A 383 24.10 23.26 14.08
CA GLY A 383 22.79 23.82 13.73
C GLY A 383 22.68 24.46 12.36
N LYS A 384 23.54 24.12 11.42
CA LYS A 384 23.46 24.67 10.08
C LYS A 384 22.36 24.13 9.15
N SER A 385 21.73 23.03 9.52
CA SER A 385 20.79 22.36 8.63
C SER A 385 19.63 23.27 8.18
N GLU A 386 19.29 23.27 6.89
CA GLU A 386 18.07 23.96 6.37
C GLU A 386 17.33 22.97 5.49
N ASP A 387 16.02 23.11 5.41
CA ASP A 387 15.17 22.20 4.58
C ASP A 387 15.49 22.26 3.11
N PHE A 388 15.55 21.09 2.47
CA PHE A 388 15.81 21.01 1.06
C PHE A 388 14.50 21.42 0.35
N GLN A 389 14.56 22.46 -0.46
CA GLN A 389 13.37 22.99 -1.16
C GLN A 389 13.11 22.20 -2.41
N LYS A 390 11.94 21.57 -2.49
CA LYS A 390 11.47 20.90 -3.70
C LYS A 390 10.61 21.88 -4.51
N LYS A 391 11.12 22.32 -5.66
CA LYS A 391 10.47 23.38 -6.46
C LYS A 391 10.05 22.87 -7.82
N SER A 392 9.26 23.71 -8.48
CA SER A 392 8.99 23.56 -9.87
C SER A 392 10.29 23.86 -10.62
N ILE A 393 10.62 23.08 -11.64
CA ILE A 393 11.91 23.20 -12.27
C ILE A 393 11.84 22.76 -13.74
N LYS A 394 12.61 23.45 -14.57
CA LYS A 394 12.79 23.09 -15.95
C LYS A 394 14.20 22.49 -16.07
N LEU A 395 14.31 21.29 -16.61
CA LEU A 395 15.61 20.67 -16.86
C LEU A 395 15.81 20.46 -18.34
N SER A 396 16.87 21.01 -18.89
CA SER A 396 17.21 20.72 -20.30
C SER A 396 17.88 19.32 -20.44
N ASP A 397 17.81 18.77 -21.64
CA ASP A 397 18.48 17.51 -22.02
C ASP A 397 19.43 17.79 -23.20
N GLY A 398 20.40 16.87 -23.37
CA GLY A 398 21.47 17.01 -24.32
C GLY A 398 22.64 17.71 -23.67
N ALA A 399 23.84 17.44 -24.18
CA ALA A 399 25.08 18.11 -23.68
C ALA A 399 25.01 19.65 -23.67
N ASN A 400 24.35 20.25 -24.67
CA ASN A 400 24.25 21.72 -24.72
C ASN A 400 22.88 22.23 -24.37
N GLY A 401 21.99 21.40 -23.82
CA GLY A 401 20.71 21.91 -23.36
C GLY A 401 19.69 22.16 -24.42
N ASP A 402 19.90 21.59 -25.61
CA ASP A 402 19.03 21.83 -26.77
C ASP A 402 18.32 20.58 -27.27
N GLN A 403 18.31 19.49 -26.50
CA GLN A 403 17.61 18.28 -26.95
C GLN A 403 16.38 17.93 -26.09
N GLY A 404 15.43 18.86 -26.01
CA GLY A 404 14.27 18.72 -25.20
C GLY A 404 14.58 18.86 -23.71
N GLY A 405 13.76 18.26 -22.90
CA GLY A 405 13.85 18.48 -21.44
C GLY A 405 12.77 17.71 -20.72
N VAL A 406 12.77 17.93 -19.42
CA VAL A 406 11.80 17.41 -18.49
C VAL A 406 11.35 18.58 -17.65
N ALA A 407 10.05 18.72 -17.44
CA ALA A 407 9.50 19.73 -16.50
C ALA A 407 8.82 19.08 -15.29
N ILE A 408 9.10 19.60 -14.12
CA ILE A 408 8.42 19.29 -12.90
C ILE A 408 7.65 20.50 -12.38
N LEU A 409 6.33 20.39 -12.28
CA LEU A 409 5.52 21.46 -11.72
C LEU A 409 5.01 20.97 -10.39
N ARG A 410 5.28 21.74 -9.34
CA ARG A 410 4.84 21.45 -7.98
C ARG A 410 3.92 22.55 -7.42
N TYR A 411 2.95 22.16 -6.61
CA TYR A 411 2.13 23.13 -5.88
C TYR A 411 2.37 22.98 -4.40
N GLY A 412 2.43 24.13 -3.70
CA GLY A 412 2.45 24.11 -2.23
C GLY A 412 3.65 23.34 -1.70
N ASN A 413 3.46 22.52 -0.69
CA ASN A 413 4.61 21.88 -0.03
C ASN A 413 4.65 20.49 -0.56
N GLU A 414 5.04 20.35 -1.83
CA GLU A 414 4.87 19.10 -2.58
C GLU A 414 3.48 18.53 -2.43
N ALA A 415 2.46 19.42 -2.38
CA ALA A 415 1.06 19.00 -2.26
C ALA A 415 0.61 18.28 -3.55
N MET A 416 1.15 18.67 -4.71
CA MET A 416 0.82 18.06 -6.01
CA MET A 416 0.83 18.09 -6.02
C MET A 416 2.04 18.25 -6.93
N THR A 417 2.38 17.20 -7.67
CA THR A 417 3.56 17.21 -8.53
C THR A 417 3.26 16.61 -9.90
N LEU A 418 3.48 17.40 -10.94
CA LEU A 418 3.27 16.99 -12.34
C LEU A 418 4.68 16.86 -12.96
N VAL A 419 4.97 15.72 -13.56
CA VAL A 419 6.22 15.48 -14.25
C VAL A 419 5.97 15.29 -15.76
N TYR A 420 6.52 16.16 -16.59
CA TYR A 420 6.23 16.18 -18.05
C TYR A 420 7.53 15.90 -18.77
N LYS A 421 7.55 14.83 -19.54
CA LYS A 421 8.76 14.35 -20.16
C LYS A 421 8.76 14.61 -21.70
N TYR A 422 9.57 15.57 -22.14
CA TYR A 422 9.71 15.97 -23.57
C TYR A 422 11.23 15.86 -23.90
N ALA A 423 11.83 14.73 -23.55
CA ALA A 423 13.26 14.58 -23.56
C ALA A 423 13.77 13.92 -24.87
N ALA A 424 15.08 13.79 -24.93
CA ALA A 424 15.73 13.00 -25.96
C ALA A 424 15.52 11.48 -25.68
N GLN A 425 16.15 10.60 -26.46
CA GLN A 425 15.82 9.17 -26.40
C GLN A 425 16.17 8.53 -25.02
N GLY A 426 17.30 8.93 -24.45
CA GLY A 426 17.74 8.47 -23.14
C GLY A 426 18.71 7.28 -23.18
N LEU A 427 19.31 7.05 -24.35
CA LEU A 427 20.22 5.93 -24.55
C LEU A 427 19.45 4.64 -24.44
N SER A 428 20.12 3.54 -24.14
CA SER A 428 19.52 2.19 -24.34
C SER A 428 18.26 1.93 -23.50
N HIS A 429 18.22 2.51 -22.29
CA HIS A 429 17.12 2.30 -21.38
C HIS A 429 15.96 3.25 -21.58
N GLY A 430 16.06 4.16 -22.54
CA GLY A 430 14.99 5.09 -22.81
C GLY A 430 13.72 4.47 -23.32
N HIS A 431 12.59 5.07 -23.05
CA HIS A 431 11.28 4.62 -23.49
C HIS A 431 10.75 5.44 -24.70
N TYR A 432 9.81 4.91 -25.46
CA TYR A 432 9.20 5.54 -26.65
C TYR A 432 7.99 6.27 -26.13
N ASP A 433 8.26 7.41 -25.55
CA ASP A 433 7.28 8.09 -24.68
C ASP A 433 7.34 9.64 -24.77
N LYS A 434 7.51 10.19 -25.96
CA LYS A 434 7.61 11.65 -26.16
C LYS A 434 6.35 12.30 -25.62
N LEU A 435 6.52 13.33 -24.78
CA LEU A 435 5.44 14.12 -24.21
C LEU A 435 4.53 13.37 -23.21
N SER A 436 4.98 12.22 -22.67
CA SER A 436 4.24 11.57 -21.61
C SER A 436 4.30 12.35 -20.29
N PHE A 437 3.33 12.11 -19.42
CA PHE A 437 3.39 12.69 -18.07
C PHE A 437 3.01 11.68 -17.02
N SER A 438 3.36 12.03 -15.79
CA SER A 438 2.89 11.31 -14.63
C SER A 438 2.53 12.34 -13.54
N LEU A 439 1.69 11.92 -12.59
CA LEU A 439 1.13 12.79 -11.56
C LEU A 439 1.15 12.12 -10.19
N TYR A 440 1.53 12.89 -9.16
CA TYR A 440 1.79 12.44 -7.80
C TYR A 440 1.14 13.46 -6.83
N GLU A 441 0.67 12.98 -5.70
CA GLU A 441 0.18 13.81 -4.60
C GLU A 441 0.84 13.31 -3.31
N LYS A 442 1.68 14.14 -2.70
CA LYS A 442 2.32 13.83 -1.37
C LYS A 442 2.89 12.40 -1.30
N GLY A 443 3.57 11.95 -2.32
CA GLY A 443 4.21 10.62 -2.29
C GLY A 443 3.34 9.52 -2.87
N THR A 444 2.15 9.85 -3.34
CA THR A 444 1.27 8.84 -3.92
C THR A 444 1.17 9.08 -5.41
N GLU A 445 1.38 8.01 -6.15
CA GLU A 445 1.27 8.00 -7.58
C GLU A 445 -0.24 7.91 -7.96
N ILE A 446 -0.69 8.86 -8.79
CA ILE A 446 -2.06 9.00 -9.20
CA ILE A 446 -2.07 9.00 -9.22
C ILE A 446 -2.22 8.57 -10.67
N LEU A 447 -1.48 9.24 -11.56
CA LEU A 447 -1.24 8.76 -12.94
C LEU A 447 0.23 8.30 -13.11
N GLN A 448 0.43 7.02 -13.39
CA GLN A 448 1.77 6.43 -13.49
C GLN A 448 2.49 6.32 -14.83
N ASP A 449 3.81 6.13 -14.70
CA ASP A 449 4.76 5.85 -15.75
C ASP A 449 5.09 4.46 -15.24
N TYR A 450 5.02 3.46 -16.09
CA TYR A 450 5.11 2.08 -15.65
C TYR A 450 6.44 1.72 -15.02
N GLY A 451 7.56 2.30 -15.50
CA GLY A 451 8.90 1.88 -15.03
C GLY A 451 9.34 0.66 -15.84
N LEU A 452 10.25 -0.15 -15.29
CA LEU A 452 10.76 -1.34 -16.01
C LEU A 452 9.96 -2.61 -15.75
N ALA A 453 10.24 -3.66 -16.51
CA ALA A 453 9.74 -4.99 -16.23
C ALA A 453 11.01 -5.79 -15.91
N ARG A 454 11.27 -5.88 -14.62
CA ARG A 454 12.50 -6.45 -14.06
C ARG A 454 12.35 -6.37 -12.57
N PHE A 455 12.80 -7.41 -11.86
CA PHE A 455 12.76 -7.46 -10.43
C PHE A 455 14.22 -7.49 -10.03
N VAL A 456 14.77 -6.28 -9.81
CA VAL A 456 16.23 -6.08 -9.81
C VAL A 456 16.92 -7.00 -8.77
N ASN A 457 17.80 -7.91 -9.24
CA ASN A 457 18.56 -8.82 -8.38
C ASN A 457 17.74 -9.89 -7.67
N ILE A 458 16.53 -10.15 -8.16
CA ILE A 458 15.74 -11.28 -7.64
C ILE A 458 15.92 -12.42 -8.63
N GLU A 459 16.72 -13.40 -8.22
CA GLU A 459 17.10 -14.53 -9.08
C GLU A 459 15.96 -15.31 -9.75
N GLN A 460 14.87 -15.49 -9.03
CA GLN A 460 13.73 -16.26 -9.45
C GLN A 460 13.00 -15.55 -10.60
N LYS A 461 13.23 -14.25 -10.81
CA LYS A 461 12.65 -13.52 -11.91
C LYS A 461 13.72 -13.30 -12.97
N GLY A 462 13.90 -14.32 -13.81
CA GLY A 462 14.84 -14.33 -14.93
C GLY A 462 16.25 -13.86 -14.53
N GLY A 463 16.74 -14.37 -13.44
CA GLY A 463 18.12 -14.06 -12.99
C GLY A 463 18.30 -12.61 -12.49
N GLY A 464 17.19 -11.93 -12.26
CA GLY A 464 17.25 -10.55 -11.73
C GLY A 464 17.49 -9.52 -12.79
N ASN A 465 17.39 -9.97 -14.06
CA ASN A 465 17.76 -9.21 -15.24
C ASN A 465 16.52 -8.75 -16.04
N TYR A 466 16.71 -7.88 -17.02
CA TYR A 466 15.59 -7.39 -17.85
C TYR A 466 14.81 -8.58 -18.40
N LEU A 467 13.49 -8.49 -18.27
CA LEU A 467 12.58 -9.53 -18.80
C LEU A 467 12.16 -9.16 -20.21
N LYS A 468 11.66 -10.15 -20.89
CA LYS A 468 11.17 -10.00 -22.26
C LYS A 468 10.10 -8.89 -22.37
N GLU A 469 9.28 -8.75 -21.36
CA GLU A 469 8.18 -7.78 -21.34
C GLU A 469 8.68 -6.37 -21.07
N ASN A 470 9.96 -6.20 -20.79
CA ASN A 470 10.50 -4.85 -20.68
C ASN A 470 10.52 -4.20 -22.06
N THR A 471 10.89 -5.00 -23.07
CA THR A 471 10.79 -4.54 -24.45
C THR A 471 9.35 -4.54 -24.95
N THR A 472 8.63 -5.63 -24.78
CA THR A 472 7.26 -5.75 -25.33
C THR A 472 6.16 -4.91 -24.70
N TRP A 473 6.32 -4.54 -23.44
CA TRP A 473 5.38 -3.71 -22.75
C TRP A 473 5.98 -2.37 -22.26
N ALA A 474 6.83 -2.42 -21.25
CA ALA A 474 7.38 -1.25 -20.60
C ALA A 474 7.90 -0.10 -21.45
N LYS A 475 8.68 -0.41 -22.45
CA LYS A 475 9.24 0.60 -23.30
C LYS A 475 8.27 1.18 -24.36
N GLN A 476 7.19 0.49 -24.67
CA GLN A 476 6.28 0.88 -25.77
C GLN A 476 5.40 2.07 -25.41
N THR A 477 5.00 2.83 -26.42
CA THR A 477 4.20 4.00 -26.25
C THR A 477 2.83 3.76 -25.56
N ILE A 478 2.16 2.67 -25.94
CA ILE A 478 0.86 2.31 -25.38
C ILE A 478 0.87 2.12 -23.87
N ALA A 479 2.03 1.86 -23.30
CA ALA A 479 2.18 1.78 -21.89
C ALA A 479 2.30 3.11 -21.14
N HIS A 480 2.24 4.25 -21.86
CA HIS A 480 2.46 5.61 -21.31
C HIS A 480 1.25 6.53 -21.54
N ASN A 481 1.18 7.58 -20.73
CA ASN A 481 0.16 8.57 -20.86
C ASN A 481 0.56 9.58 -21.93
N THR A 482 0.47 9.16 -23.20
CA THR A 482 0.78 10.03 -24.35
C THR A 482 0.11 9.48 -25.64
N LEU A 483 0.19 10.24 -26.74
CA LEU A 483 -0.50 9.87 -27.97
C LEU A 483 0.11 8.62 -28.66
N VAL A 484 -0.73 7.66 -29.05
CA VAL A 484 -0.35 6.55 -29.90
C VAL A 484 -1.17 6.65 -31.21
N GLN A 485 -0.49 6.53 -32.34
CA GLN A 485 -1.07 6.67 -33.67
C GLN A 485 -0.99 5.29 -34.32
N ASN A 486 -2.13 4.80 -34.78
CA ASN A 486 -2.26 3.55 -35.52
C ASN A 486 -1.55 2.38 -34.84
N GLU A 487 -1.76 2.26 -33.55
CA GLU A 487 -1.25 1.13 -32.76
C GLU A 487 0.22 0.90 -32.96
N THR A 488 0.97 2.00 -33.08
CA THR A 488 2.38 1.98 -33.39
C THR A 488 3.09 2.89 -32.39
N SER A 489 4.27 2.44 -31.90
CA SER A 489 5.06 3.24 -30.98
C SER A 489 5.73 4.39 -31.71
N HIS A 490 6.06 5.42 -30.93
CA HIS A 490 6.88 6.48 -31.44
C HIS A 490 8.13 5.95 -32.11
N PHE A 491 8.46 6.53 -33.27
CA PHE A 491 9.67 6.11 -34.05
C PHE A 491 9.64 4.61 -34.42
N GLU A 492 8.44 4.04 -34.43
CA GLU A 492 8.21 2.58 -34.61
C GLU A 492 8.96 1.73 -33.60
N GLY A 493 9.18 2.29 -32.40
CA GLY A 493 9.94 1.59 -31.40
C GLY A 493 11.34 1.16 -31.83
N LYS A 494 11.98 1.90 -32.75
CA LYS A 494 13.33 1.61 -33.21
C LYS A 494 14.39 2.55 -32.66
N TYR A 495 15.36 1.98 -31.96
CA TYR A 495 16.41 2.75 -31.33
C TYR A 495 17.20 3.61 -32.34
N GLU A 496 17.51 3.01 -33.50
CA GLU A 496 18.28 3.68 -34.50
C GLU A 496 17.58 4.91 -35.07
N VAL A 497 16.24 5.01 -34.99
CA VAL A 497 15.50 6.20 -35.38
C VAL A 497 15.35 7.16 -34.18
N GLY A 498 14.82 6.64 -33.06
CA GLY A 498 14.52 7.47 -31.89
C GLY A 498 15.74 8.18 -31.31
N SER A 499 16.88 7.46 -31.29
CA SER A 499 18.17 8.04 -30.84
C SER A 499 18.63 9.28 -31.61
N GLN A 500 18.13 9.52 -32.81
CA GLN A 500 18.42 10.75 -33.58
C GLN A 500 17.47 11.93 -33.27
N HIS A 501 16.48 11.75 -32.40
CA HIS A 501 15.39 12.73 -32.28
C HIS A 501 15.09 13.07 -30.84
N HIS A 502 14.54 14.25 -30.64
CA HIS A 502 14.09 14.71 -29.34
C HIS A 502 12.86 15.60 -29.48
N SER A 503 12.05 15.71 -28.43
CA SER A 503 10.98 16.72 -28.44
C SER A 503 11.58 18.10 -28.22
N GLU A 504 10.78 19.15 -28.45
CA GLU A 504 11.24 20.52 -28.43
C GLU A 504 10.42 21.36 -27.41
N LEU A 505 11.11 22.03 -26.51
CA LEU A 505 10.42 22.98 -25.64
C LEU A 505 9.79 24.09 -26.49
N TYR A 506 8.50 24.36 -26.27
CA TYR A 506 7.84 25.52 -26.85
C TYR A 506 7.94 26.68 -25.82
N PHE A 507 7.38 26.50 -24.63
CA PHE A 507 7.70 27.41 -23.49
C PHE A 507 7.49 26.74 -22.14
N PHE A 508 8.08 27.37 -21.11
CA PHE A 508 7.95 26.99 -19.71
C PHE A 508 7.76 28.28 -18.94
N ASP A 509 6.71 28.36 -18.14
CA ASP A 509 6.56 29.54 -17.26
C ASP A 509 5.91 29.07 -15.97
N ALA A 510 6.72 28.98 -14.90
CA ALA A 510 6.27 28.62 -13.58
C ALA A 510 6.43 29.75 -12.56
N SER A 511 6.55 31.00 -12.98
CA SER A 511 6.80 32.09 -12.01
C SER A 511 5.58 32.38 -11.11
N ASN A 512 4.38 32.17 -11.62
CA ASN A 512 3.16 32.31 -10.84
C ASN A 512 2.84 30.94 -10.19
N PRO A 513 2.99 30.83 -8.85
CA PRO A 513 2.77 29.51 -8.20
C PRO A 513 1.32 29.01 -8.33
N GLU A 514 0.37 29.89 -8.65
CA GLU A 514 -1.02 29.47 -8.87
C GLU A 514 -1.31 28.94 -10.27
N VAL A 515 -0.49 29.32 -11.26
CA VAL A 515 -0.76 29.01 -12.65
C VAL A 515 0.59 28.79 -13.30
N GLN A 516 0.97 27.53 -13.41
CA GLN A 516 2.26 27.17 -13.97
C GLN A 516 1.98 26.37 -15.22
N VAL A 517 2.67 26.68 -16.34
CA VAL A 517 2.35 26.15 -17.67
C VAL A 517 3.66 25.78 -18.41
N VAL A 518 3.64 24.65 -19.09
CA VAL A 518 4.73 24.21 -19.89
C VAL A 518 4.18 23.59 -21.14
N SER A 519 4.89 23.77 -22.24
CA SER A 519 4.35 23.37 -23.58
C SER A 519 5.53 22.86 -24.40
N ALA A 520 5.31 21.74 -25.08
CA ALA A 520 6.29 21.15 -25.98
C ALA A 520 5.69 20.49 -27.23
N LYS A 521 6.56 20.32 -28.24
CA LYS A 521 6.15 19.73 -29.52
C LYS A 521 7.00 18.53 -29.93
N GLU A 522 6.39 17.68 -30.76
CA GLU A 522 7.06 16.50 -31.25
C GLU A 522 6.57 16.24 -32.67
N GLN A 523 7.47 16.30 -33.64
CA GLN A 523 7.06 16.10 -35.00
C GLN A 523 7.73 14.93 -35.72
N ASN A 524 8.59 14.17 -35.02
CA ASN A 524 9.30 13.06 -35.66
C ASN A 524 8.87 11.68 -35.19
N ALA A 525 8.24 11.62 -34.02
CA ALA A 525 7.64 10.40 -33.48
C ALA A 525 6.77 9.71 -34.51
N TYR A 526 5.96 10.49 -35.22
CA TYR A 526 5.13 9.99 -36.32
C TYR A 526 5.32 10.95 -37.48
N PRO A 527 6.21 10.61 -38.45
CA PRO A 527 6.44 11.55 -39.59
C PRO A 527 5.12 11.89 -40.29
N GLY A 528 4.84 13.17 -40.50
CA GLY A 528 3.56 13.59 -41.09
C GLY A 528 2.49 14.00 -40.09
N THR A 529 2.81 13.86 -38.79
CA THR A 529 1.91 14.21 -37.70
C THR A 529 2.72 15.18 -36.80
N GLU A 530 2.07 16.24 -36.31
CA GLU A 530 2.65 17.14 -35.29
C GLU A 530 1.85 16.98 -33.99
N MET A 531 2.55 16.77 -32.88
CA MET A 531 1.91 16.69 -31.57
C MET A 531 2.34 17.94 -30.79
N HIS A 532 1.41 18.70 -30.26
CA HIS A 532 1.69 19.88 -29.46
C HIS A 532 0.96 19.75 -28.12
N ARG A 533 1.71 19.47 -27.05
CA ARG A 533 1.09 19.24 -25.76
C ARG A 533 1.45 20.32 -24.74
N THR A 534 0.42 20.92 -24.16
CA THR A 534 0.53 21.97 -23.17
C THR A 534 -0.14 21.45 -21.89
N MET A 535 0.61 21.52 -20.78
CA MET A 535 0.19 21.07 -19.48
C MET A 535 0.25 22.21 -18.50
N ALA A 536 -0.74 22.34 -17.63
CA ALA A 536 -0.76 23.39 -16.64
C ALA A 536 -1.20 22.83 -15.30
N LEU A 537 -0.66 23.41 -14.25
CA LEU A 537 -1.05 23.13 -12.88
C LEU A 537 -1.65 24.43 -12.37
N ILE A 538 -2.96 24.40 -12.13
CA ILE A 538 -3.77 25.63 -11.92
C ILE A 538 -4.58 25.53 -10.63
N LYS A 539 -4.37 26.49 -9.77
CA LYS A 539 -5.20 26.74 -8.62
C LYS A 539 -6.07 27.96 -8.89
N THR A 540 -7.38 27.77 -8.85
CA THR A 540 -8.32 28.88 -9.10
C THR A 540 -9.55 28.68 -8.20
N ASP A 541 -10.30 29.77 -8.07
CA ASP A 541 -11.49 29.85 -7.25
C ASP A 541 -12.51 28.81 -7.70
N GLY A 542 -13.12 28.11 -6.75
CA GLY A 542 -14.11 27.10 -7.08
C GLY A 542 -13.63 25.64 -6.95
N PHE A 543 -12.33 25.44 -6.72
CA PHE A 543 -11.67 24.11 -6.60
C PHE A 543 -10.89 24.10 -5.29
N GLU A 544 -10.99 23.02 -4.56
CA GLU A 544 -10.32 22.87 -3.25
C GLU A 544 -8.77 22.78 -3.48
N LYS A 545 -8.39 22.19 -4.61
CA LYS A 545 -7.02 21.93 -4.92
C LYS A 545 -6.64 22.37 -6.34
N PRO A 546 -5.35 22.49 -6.61
CA PRO A 546 -4.86 22.68 -7.96
C PRO A 546 -5.27 21.48 -8.80
N PHE A 547 -5.54 21.71 -10.11
CA PHE A 547 -5.85 20.69 -11.08
C PHE A 547 -4.82 20.75 -12.18
N VAL A 548 -4.71 19.64 -12.92
CA VAL A 548 -3.89 19.56 -14.09
C VAL A 548 -4.79 19.75 -15.30
N LEU A 549 -4.38 20.67 -16.17
CA LEU A 549 -5.00 20.85 -17.49
C LEU A 549 -4.01 20.31 -18.53
N ASP A 550 -4.53 19.46 -19.42
CA ASP A 550 -3.78 18.80 -20.47
C ASP A 550 -4.43 19.07 -21.84
N ILE A 551 -3.70 19.76 -22.71
CA ILE A 551 -4.18 20.06 -24.07
C ILE A 551 -3.21 19.36 -25.00
N LEU A 552 -3.70 18.40 -25.77
CA LEU A 552 -2.91 17.67 -26.72
C LEU A 552 -3.42 17.94 -28.10
N ARG A 553 -2.77 18.86 -28.82
CA ARG A 553 -3.19 19.24 -30.16
C ARG A 553 -2.45 18.39 -31.20
N VAL A 554 -3.16 17.85 -32.15
CA VAL A 554 -2.59 16.93 -33.15
C VAL A 554 -2.99 17.46 -34.54
N GLY A 555 -1.98 17.62 -35.40
CA GLY A 555 -2.17 17.99 -36.80
C GLY A 555 -1.54 16.88 -37.62
N SER A 556 -2.20 16.44 -38.67
CA SER A 556 -1.70 15.37 -39.50
C SER A 556 -2.16 15.55 -40.94
N ASN A 557 -1.59 14.77 -41.85
CA ASN A 557 -1.96 14.81 -43.29
C ASN A 557 -2.79 13.62 -43.79
N ALA A 558 -3.06 12.64 -42.93
CA ALA A 558 -3.97 11.54 -43.18
C ALA A 558 -4.91 11.36 -41.98
N ALA A 559 -6.00 10.66 -42.24
CA ALA A 559 -6.90 10.20 -41.22
C ALA A 559 -6.30 8.96 -40.50
N ASN A 560 -6.14 9.07 -39.19
CA ASN A 560 -5.55 8.00 -38.37
C ASN A 560 -6.40 7.57 -37.20
N GLN A 561 -5.94 6.51 -36.56
CA GLN A 561 -6.49 6.14 -35.26
C GLN A 561 -5.59 6.70 -34.13
N TYR A 562 -6.14 7.59 -33.28
CA TYR A 562 -5.43 8.12 -32.11
C TYR A 562 -5.90 7.53 -30.80
N ASP A 563 -4.96 7.04 -29.98
CA ASP A 563 -5.25 6.46 -28.67
C ASP A 563 -4.59 7.37 -27.63
N LEU A 564 -5.29 7.69 -26.55
CA LEU A 564 -4.74 8.50 -25.44
C LEU A 564 -4.96 7.81 -24.10
N PRO A 565 -3.94 7.09 -23.57
CA PRO A 565 -4.11 6.36 -22.29
C PRO A 565 -3.95 7.23 -21.05
N PHE A 566 -4.68 6.84 -19.99
CA PHE A 566 -4.51 7.37 -18.64
C PHE A 566 -4.42 6.18 -17.69
N TYR A 567 -3.21 5.86 -17.24
CA TYR A 567 -2.98 4.74 -16.33
C TYR A 567 -3.11 5.24 -14.91
N PHE A 568 -4.32 5.08 -14.38
CA PHE A 568 -4.71 5.65 -13.08
C PHE A 568 -4.46 4.62 -12.00
N LYS A 569 -4.23 5.10 -10.79
CA LYS A 569 -4.10 4.25 -9.62
C LYS A 569 -5.32 4.44 -8.69
N GLY A 570 -5.95 3.34 -8.31
CA GLY A 570 -7.04 3.34 -7.35
C GLY A 570 -8.27 2.57 -7.82
N GLN A 571 -9.29 2.64 -6.93
CA GLN A 571 -10.60 2.02 -7.05
C GLN A 571 -11.58 2.93 -7.80
N VAL A 572 -12.10 2.45 -8.93
CA VAL A 572 -13.13 3.14 -9.68
C VAL A 572 -14.36 3.43 -8.82
N MET A 573 -14.78 4.70 -8.82
CA MET A 573 -15.94 5.14 -8.09
C MET A 573 -17.22 5.45 -8.92
N GLN A 574 -17.05 6.05 -10.09
CA GLN A 574 -18.13 6.72 -10.81
C GLN A 574 -17.71 7.04 -12.24
N THR A 575 -18.62 6.90 -13.20
CA THR A 575 -18.44 7.46 -14.50
C THR A 575 -19.72 8.20 -14.87
N ASN A 576 -19.67 9.10 -15.85
CA ASN A 576 -20.89 9.73 -16.39
C ASN A 576 -21.29 9.13 -17.75
N PHE A 577 -20.75 7.96 -18.08
CA PHE A 577 -21.06 7.28 -19.33
C PHE A 577 -21.28 5.78 -19.04
N ASP A 578 -22.07 5.14 -19.90
CA ASP A 578 -22.32 3.71 -19.84
C ASP A 578 -21.20 2.99 -20.55
N PHE A 579 -20.95 1.76 -20.12
CA PHE A 579 -19.96 0.92 -20.77
C PHE A 579 -20.35 -0.54 -20.63
N THR A 580 -19.90 -1.35 -21.56
CA THR A 580 -20.22 -2.77 -21.57
C THR A 580 -19.18 -3.53 -20.79
N THR A 581 -19.55 -4.66 -20.25
CA THR A 581 -18.65 -5.53 -19.55
C THR A 581 -18.68 -6.88 -20.26
N PRO A 582 -17.61 -7.21 -20.96
CA PRO A 582 -17.68 -8.47 -21.72
C PRO A 582 -17.66 -9.74 -20.84
N LYS A 583 -18.22 -10.80 -21.34
CA LYS A 583 -18.27 -12.09 -20.65
C LYS A 583 -16.89 -12.78 -20.63
N SER A 584 -16.03 -12.48 -21.60
CA SER A 584 -14.67 -12.97 -21.59
C SER A 584 -13.73 -11.82 -21.86
N LEU A 585 -12.50 -11.85 -21.33
CA LEU A 585 -11.49 -10.80 -21.65
C LEU A 585 -10.59 -11.20 -22.84
N GLU A 586 -10.54 -10.30 -23.83
CA GLU A 586 -9.71 -10.46 -25.01
C GLU A 586 -8.63 -9.36 -25.01
N PRO A 587 -7.49 -9.62 -25.65
CA PRO A 587 -6.45 -8.58 -25.82
C PRO A 587 -6.95 -7.43 -26.68
N LEU A 588 -6.53 -6.22 -26.34
CA LEU A 588 -6.95 -5.04 -27.06
C LEU A 588 -6.41 -5.01 -28.51
N GLY A 589 -5.18 -5.49 -28.72
CA GLY A 589 -4.60 -5.57 -30.04
C GLY A 589 -3.55 -6.66 -30.10
N SER A 590 -2.85 -6.73 -31.23
CA SER A 590 -1.92 -7.83 -31.50
C SER A 590 -0.42 -7.49 -31.36
N ASP A 591 -0.04 -6.20 -31.33
CA ASP A 591 1.37 -5.77 -31.42
C ASP A 591 1.72 -4.48 -30.62
N ASN A 592 3.02 -4.24 -30.46
CA ASN A 592 3.54 -2.96 -29.99
C ASN A 592 3.01 -2.58 -28.57
N GLY A 593 2.77 -3.63 -27.77
CA GLY A 593 2.24 -3.55 -26.43
C GLY A 593 0.78 -3.81 -26.23
N TYR A 594 -0.04 -3.61 -27.29
CA TYR A 594 -1.48 -3.83 -27.17
C TYR A 594 -1.81 -5.31 -26.85
N GLN A 595 -0.90 -6.22 -27.20
CA GLN A 595 -1.05 -7.64 -26.81
C GLN A 595 -0.95 -7.92 -25.31
N HIS A 596 -0.46 -6.94 -24.54
CA HIS A 596 -0.43 -7.04 -23.07
C HIS A 596 -1.63 -6.41 -22.32
N LEU A 597 -2.59 -5.82 -23.04
CA LEU A 597 -3.80 -5.18 -22.44
C LEU A 597 -5.06 -6.01 -22.66
N TRP A 598 -5.74 -6.36 -21.56
CA TRP A 598 -7.08 -6.95 -21.66
C TRP A 598 -8.10 -5.81 -21.83
N SER A 599 -9.00 -5.97 -22.79
CA SER A 599 -10.12 -5.08 -22.96
CA SER A 599 -10.15 -5.08 -22.95
C SER A 599 -11.16 -5.42 -21.87
N GLU A 600 -11.31 -4.53 -20.88
CA GLU A 600 -12.17 -4.78 -19.73
C GLU A 600 -13.53 -4.07 -19.83
N GLY A 601 -13.75 -3.20 -20.80
CA GLY A 601 -15.06 -2.56 -20.95
C GLY A 601 -14.95 -1.46 -21.94
N LEU A 602 -16.03 -1.23 -22.69
CA LEU A 602 -16.04 -0.33 -23.81
C LEU A 602 -17.23 0.61 -23.62
N GLY A 603 -16.98 1.90 -23.61
CA GLY A 603 -18.03 2.92 -23.46
C GLY A 603 -18.09 3.90 -24.61
N GLN A 604 -19.18 4.61 -24.66
CA GLN A 604 -19.41 5.66 -25.64
C GLN A 604 -19.84 6.90 -24.82
N PRO A 605 -19.32 8.08 -25.14
CA PRO A 605 -19.73 9.26 -24.40
C PRO A 605 -21.23 9.55 -24.49
N LYS A 606 -21.81 10.02 -23.39
CA LYS A 606 -23.19 10.53 -23.36
C LYS A 606 -23.29 12.02 -23.71
N GLY A 607 -22.17 12.76 -23.66
CA GLY A 607 -22.15 14.20 -23.95
C GLY A 607 -20.79 14.73 -24.32
N ASP A 608 -20.62 16.04 -24.15
CA ASP A 608 -19.41 16.74 -24.56
C ASP A 608 -18.21 16.54 -23.63
N ASN A 609 -18.46 16.16 -22.39
CA ASN A 609 -17.45 15.91 -21.37
C ASN A 609 -17.72 14.52 -20.81
N SER A 610 -16.72 13.65 -20.81
CA SER A 610 -16.79 12.34 -20.20
C SER A 610 -15.94 12.37 -18.91
N GLN A 611 -16.40 11.69 -17.85
CA GLN A 611 -15.83 11.70 -16.53
C GLN A 611 -15.67 10.31 -15.96
N LEU A 612 -14.52 10.13 -15.30
CA LEU A 612 -14.16 8.92 -14.54
C LEU A 612 -13.59 9.37 -13.20
N SER A 613 -14.10 8.85 -12.09
CA SER A 613 -13.59 9.20 -10.79
C SER A 613 -13.09 7.92 -10.12
N TRP A 614 -12.12 8.07 -9.23
CA TRP A 614 -11.59 6.95 -8.46
C TRP A 614 -11.09 7.39 -7.10
N LEU A 615 -10.87 6.40 -6.24
CA LEU A 615 -10.37 6.61 -4.87
C LEU A 615 -9.00 5.94 -4.68
N GLU A 616 -8.02 6.73 -4.26
CA GLU A 616 -6.66 6.25 -4.01
C GLU A 616 -6.09 6.81 -2.74
N ASN A 617 -5.61 5.92 -1.90
CA ASN A 617 -4.98 6.33 -0.61
C ASN A 617 -5.82 7.43 0.10
N GLY A 618 -7.12 7.24 0.22
CA GLY A 618 -7.94 8.14 0.98
C GLY A 618 -8.43 9.41 0.27
N ARG A 619 -8.12 9.61 -1.01
CA ARG A 619 -8.49 10.84 -1.73
C ARG A 619 -9.21 10.48 -3.01
N PHE A 620 -10.13 11.34 -3.45
CA PHE A 620 -10.81 11.19 -4.72
C PHE A 620 -10.13 11.95 -5.82
N TYR A 621 -10.26 11.40 -7.03
CA TYR A 621 -9.73 12.02 -8.22
C TYR A 621 -10.76 11.91 -9.30
N THR A 622 -10.86 12.93 -10.15
CA THR A 622 -11.73 12.91 -11.32
C THR A 622 -10.95 13.35 -12.55
N LEU A 623 -11.03 12.51 -13.59
CA LEU A 623 -10.60 12.84 -14.93
C LEU A 623 -11.80 13.26 -15.72
N THR A 624 -11.76 14.48 -16.30
CA THR A 624 -12.81 14.96 -17.22
C THR A 624 -12.10 15.23 -18.56
N THR A 625 -12.65 14.73 -19.66
CA THR A 625 -12.06 14.92 -20.97
C THR A 625 -13.13 15.30 -22.04
N ALA A 626 -12.78 16.21 -22.95
CA ALA A 626 -13.71 16.64 -24.03
C ALA A 626 -13.86 15.50 -25.04
N THR A 627 -15.07 14.97 -25.15
CA THR A 627 -15.32 13.86 -26.08
C THR A 627 -16.24 14.30 -27.20
N ASN A 628 -16.01 13.75 -28.40
CA ASN A 628 -16.95 13.74 -29.54
C ASN A 628 -17.78 12.47 -29.38
N ASN A 629 -19.00 12.45 -29.92
CA ASN A 629 -19.87 11.23 -29.78
C ASN A 629 -19.38 9.96 -30.51
N ASP A 630 -18.47 10.07 -31.47
CA ASP A 630 -17.83 8.88 -32.06
C ASP A 630 -16.60 8.35 -31.27
N ASP A 631 -16.28 8.92 -30.11
CA ASP A 631 -15.10 8.47 -29.33
C ASP A 631 -15.39 7.16 -28.69
N GLU A 632 -14.37 6.33 -28.54
CA GLU A 632 -14.50 5.13 -27.75
C GLU A 632 -13.69 5.28 -26.42
N LEU A 633 -14.31 4.83 -25.32
CA LEU A 633 -13.69 4.91 -24.00
C LEU A 633 -13.39 3.47 -23.56
N HIS A 634 -12.12 3.09 -23.52
CA HIS A 634 -11.73 1.72 -23.24
C HIS A 634 -11.18 1.58 -21.82
N PHE A 635 -11.87 0.82 -20.97
CA PHE A 635 -11.23 0.32 -19.77
C PHE A 635 -10.30 -0.82 -20.13
N VAL A 636 -9.04 -0.73 -19.69
CA VAL A 636 -8.03 -1.80 -19.97
C VAL A 636 -7.40 -2.27 -18.67
N ARG A 637 -6.77 -3.43 -18.75
CA ARG A 637 -6.03 -4.01 -17.62
C ARG A 637 -4.75 -4.70 -18.13
N ILE A 638 -3.62 -4.36 -17.55
CA ILE A 638 -2.35 -4.90 -17.97
C ILE A 638 -2.32 -6.36 -17.50
N GLY A 639 -1.81 -7.26 -18.34
CA GLY A 639 -1.63 -8.66 -17.95
C GLY A 639 -1.84 -9.74 -18.98
N ALA A 640 -2.32 -9.39 -20.19
CA ALA A 640 -2.38 -10.34 -21.28
C ALA A 640 -0.98 -10.76 -21.74
N ASN A 641 -0.89 -11.95 -22.35
CA ASN A 641 0.34 -12.50 -22.89
C ASN A 641 1.52 -12.28 -21.87
N ASP A 642 1.30 -12.72 -20.63
CA ASP A 642 2.25 -12.58 -19.52
C ASP A 642 2.40 -13.92 -18.81
N PRO A 643 2.96 -14.92 -19.50
CA PRO A 643 2.95 -16.31 -18.98
C PRO A 643 3.65 -16.53 -17.61
N GLU A 644 4.50 -15.60 -17.16
CA GLU A 644 5.27 -15.77 -15.92
C GLU A 644 4.92 -14.77 -14.81
N PHE A 645 3.79 -14.07 -15.00
CA PHE A 645 3.30 -13.06 -14.11
C PHE A 645 4.44 -12.03 -13.88
N ASN A 646 4.97 -11.52 -14.97
CA ASN A 646 6.02 -10.52 -14.90
C ASN A 646 5.47 -9.10 -14.86
N LEU A 647 4.18 -8.94 -15.09
CA LEU A 647 3.54 -7.61 -15.18
C LEU A 647 2.47 -7.44 -14.10
N ARG A 648 2.32 -6.20 -13.67
CA ARG A 648 1.33 -5.82 -12.71
C ARG A 648 -0.05 -5.71 -13.37
N ARG A 649 -1.10 -6.08 -12.64
CA ARG A 649 -2.46 -5.92 -13.13
C ARG A 649 -3.09 -4.55 -12.87
N ASP A 650 -2.39 -3.48 -13.27
CA ASP A 650 -2.85 -2.11 -13.12
C ASP A 650 -3.86 -1.85 -14.26
N ALA A 651 -4.76 -0.89 -14.02
CA ALA A 651 -5.76 -0.50 -15.01
C ALA A 651 -5.43 0.77 -15.76
N GLY A 652 -6.21 1.04 -16.79
CA GLY A 652 -6.20 2.34 -17.49
C GLY A 652 -7.50 2.61 -18.20
N LEU A 653 -7.63 3.84 -18.65
CA LEU A 653 -8.72 4.27 -19.49
C LEU A 653 -8.06 4.80 -20.72
N ILE A 654 -8.44 4.30 -21.88
CA ILE A 654 -7.92 4.82 -23.14
C ILE A 654 -9.03 5.54 -23.94
N ILE A 655 -8.76 6.79 -24.34
CA ILE A 655 -9.62 7.49 -25.29
C ILE A 655 -9.14 7.13 -26.71
N ARG A 656 -10.04 6.58 -27.53
CA ARG A 656 -9.72 6.16 -28.87
C ARG A 656 -10.55 6.99 -29.83
N ARG A 657 -9.89 7.67 -30.76
CA ARG A 657 -10.50 8.56 -31.72
C ARG A 657 -10.12 8.05 -33.13
N LYS A 658 -11.05 7.36 -33.80
CA LYS A 658 -10.76 6.75 -35.13
C LYS A 658 -11.00 7.71 -36.26
N ASN A 659 -10.43 7.36 -37.42
CA ASN A 659 -10.64 8.05 -38.71
C ASN A 659 -10.57 9.58 -38.60
N THR A 660 -9.49 10.06 -37.99
CA THR A 660 -9.39 11.45 -37.61
C THR A 660 -8.04 11.96 -38.07
N LYS A 661 -8.04 13.17 -38.60
CA LYS A 661 -6.82 13.82 -39.06
C LYS A 661 -6.28 14.85 -38.03
N ASN A 662 -6.95 16.01 -37.91
CA ASN A 662 -6.62 17.05 -36.92
C ASN A 662 -7.59 16.93 -35.77
N THR A 663 -7.09 16.91 -34.54
CA THR A 663 -7.94 16.88 -33.35
C THR A 663 -7.16 17.43 -32.17
N THR A 664 -7.87 17.83 -31.12
CA THR A 664 -7.29 18.37 -29.92
C THR A 664 -7.95 17.68 -28.74
N PHE A 665 -7.17 16.96 -27.92
CA PHE A 665 -7.69 16.37 -26.74
C PHE A 665 -7.54 17.40 -25.63
N VAL A 666 -8.57 17.56 -24.81
CA VAL A 666 -8.50 18.46 -23.63
C VAL A 666 -8.98 17.69 -22.40
N SER A 667 -8.17 17.70 -21.34
CA SER A 667 -8.51 16.97 -20.16
C SER A 667 -8.13 17.71 -18.89
N ILE A 668 -8.91 17.48 -17.85
CA ILE A 668 -8.61 17.97 -16.51
C ILE A 668 -8.54 16.81 -15.53
N LEU A 669 -7.57 16.88 -14.64
CA LEU A 669 -7.45 15.94 -13.56
C LEU A 669 -7.53 16.69 -12.23
N GLU A 670 -8.60 16.43 -11.48
CA GLU A 670 -8.81 17.10 -10.18
C GLU A 670 -8.48 16.15 -9.03
N SER A 671 -8.07 16.70 -7.92
CA SER A 671 -8.02 15.99 -6.65
C SER A 671 -9.00 16.68 -5.67
N HIS A 672 -9.84 15.89 -5.02
CA HIS A 672 -10.82 16.44 -4.07
C HIS A 672 -11.27 15.46 -3.04
N GLY A 673 -11.54 15.99 -1.85
CA GLY A 673 -12.11 15.23 -0.82
C GLY A 673 -11.26 14.15 -0.19
N HIS A 674 -11.91 13.38 0.65
CA HIS A 674 -11.21 12.43 1.54
C HIS A 674 -12.23 11.34 1.93
N TYR A 675 -11.67 10.14 2.19
CA TYR A 675 -12.42 9.02 2.74
C TYR A 675 -11.55 8.38 3.80
N SER A 676 -12.15 8.05 4.93
CA SER A 676 -11.47 7.33 6.00
C SER A 676 -12.29 6.10 6.37
N PRO A 677 -11.69 4.89 6.34
CA PRO A 677 -12.46 3.74 6.87
C PRO A 677 -12.53 3.67 8.44
N VAL A 678 -11.95 4.63 9.15
CA VAL A 678 -12.02 4.70 10.61
C VAL A 678 -13.28 5.50 11.00
N SER A 679 -13.44 6.68 10.42
CA SER A 679 -14.59 7.49 10.69
C SER A 679 -15.79 7.10 9.79
N GLU A 680 -15.51 6.40 8.69
CA GLU A 680 -16.47 6.14 7.61
C GLU A 680 -17.15 7.41 7.01
N PHE A 681 -16.45 8.54 7.01
CA PHE A 681 -16.88 9.79 6.36
C PHE A 681 -16.27 9.97 4.98
N SER A 682 -17.12 10.17 3.98
CA SER A 682 -16.73 10.53 2.63
C SER A 682 -17.04 12.06 2.47
N VAL A 683 -16.03 12.90 2.20
CA VAL A 683 -16.17 14.38 2.03
C VAL A 683 -15.74 14.79 0.60
N ASN A 684 -16.49 15.76 0.01
CA ASN A 684 -16.23 16.37 -1.28
CA ASN A 684 -16.20 16.39 -1.32
C ASN A 684 -15.83 15.33 -2.33
N ALA A 685 -16.74 14.38 -2.51
CA ALA A 685 -16.51 13.22 -3.38
C ALA A 685 -16.89 13.46 -4.83
N ASN A 686 -17.56 14.56 -5.14
CA ASN A 686 -17.85 14.90 -6.55
C ASN A 686 -16.84 15.90 -7.19
N SER A 687 -16.76 15.87 -8.51
CA SER A 687 -16.00 16.85 -9.28
C SER A 687 -16.61 18.24 -9.01
N SER A 688 -15.78 19.28 -9.12
CA SER A 688 -16.23 20.67 -9.18
C SER A 688 -16.26 21.20 -10.62
N ILE A 689 -16.04 20.36 -11.63
CA ILE A 689 -16.15 20.86 -13.02
C ILE A 689 -17.60 20.87 -13.44
N SER A 690 -18.07 22.01 -13.93
CA SER A 690 -19.36 22.06 -14.58
C SER A 690 -19.18 21.73 -16.06
N LYS A 691 -18.15 22.30 -16.71
CA LYS A 691 -17.88 22.00 -18.09
C LYS A 691 -16.47 22.50 -18.51
N ILE A 692 -15.87 21.82 -19.47
CA ILE A 692 -14.72 22.31 -20.19
C ILE A 692 -15.11 22.38 -21.66
N GLU A 693 -14.73 23.46 -22.30
CA GLU A 693 -15.10 23.68 -23.69
C GLU A 693 -13.94 24.28 -24.46
N LEU A 694 -13.75 23.74 -25.65
CA LEU A 694 -12.84 24.25 -26.63
C LEU A 694 -13.51 25.43 -27.37
N MET A 695 -13.09 26.65 -27.09
CA MET A 695 -13.71 27.87 -27.63
C MET A 695 -13.11 28.26 -28.96
N LEU A 696 -11.88 27.80 -29.20
CA LEU A 696 -11.19 28.09 -30.42
C LEU A 696 -10.18 26.98 -30.58
N ASP A 697 -10.14 26.43 -31.79
CA ASP A 697 -9.31 25.26 -32.10
C ASP A 697 -8.70 25.35 -33.50
N THR A 698 -7.72 26.23 -33.68
CA THR A 698 -7.07 26.41 -34.96
C THR A 698 -5.58 26.10 -34.82
N LYS A 699 -4.87 26.07 -35.93
CA LYS A 699 -3.41 25.95 -35.93
C LYS A 699 -2.74 27.09 -35.17
N GLU A 700 -3.27 28.30 -35.30
CA GLU A 700 -2.63 29.48 -34.73
C GLU A 700 -2.93 29.66 -33.22
N TYR A 701 -4.16 29.33 -32.82
CA TYR A 701 -4.66 29.59 -31.45
C TYR A 701 -5.54 28.46 -30.92
N THR A 702 -5.37 28.16 -29.64
CA THR A 702 -6.22 27.24 -28.89
C THR A 702 -6.77 27.99 -27.69
N ALA A 703 -8.05 27.81 -27.39
CA ALA A 703 -8.67 28.45 -26.21
C ALA A 703 -9.60 27.51 -25.55
N VAL A 704 -9.46 27.40 -24.23
CA VAL A 704 -10.22 26.46 -23.41
C VAL A 704 -10.86 27.20 -22.26
N LEU A 705 -12.17 27.02 -22.15
CA LEU A 705 -13.01 27.63 -21.13
C LEU A 705 -13.24 26.52 -20.09
N ILE A 706 -13.10 26.88 -18.83
CA ILE A 706 -13.32 25.98 -17.69
C ILE A 706 -14.34 26.64 -16.77
N ASP A 707 -15.53 26.04 -16.65
CA ASP A 707 -16.56 26.49 -15.71
C ASP A 707 -16.55 25.58 -14.52
N ALA A 708 -16.38 26.16 -13.34
CA ALA A 708 -16.55 25.41 -12.09
C ALA A 708 -18.03 25.41 -11.70
N LYS A 709 -18.44 24.42 -10.90
CA LYS A 709 -19.86 24.31 -10.43
C LYS A 709 -20.27 25.48 -9.56
N SER A 710 -19.32 26.00 -8.77
CA SER A 710 -19.61 27.13 -7.90
C SER A 710 -20.39 28.20 -8.66
N ASN A 711 -20.49 28.01 -9.98
CA ASN A 711 -21.22 28.94 -10.84
C ASN A 711 -20.42 30.17 -11.26
N THR A 712 -20.45 31.19 -10.41
CA THR A 712 -19.75 32.44 -10.69
C THR A 712 -18.24 32.23 -11.00
N GLU A 713 -17.79 30.99 -11.20
CA GLU A 713 -16.36 30.72 -11.37
C GLU A 713 -16.01 30.18 -12.77
N GLN A 714 -15.48 31.08 -13.61
CA GLN A 714 -15.17 30.78 -15.03
C GLN A 714 -13.78 31.34 -15.45
N THR A 715 -12.96 30.47 -16.03
CA THR A 715 -11.64 30.82 -16.50
C THR A 715 -11.42 30.43 -17.94
N LEU A 716 -10.47 31.11 -18.57
CA LEU A 716 -10.17 30.94 -20.00
C LEU A 716 -8.64 30.93 -20.22
N LEU A 717 -8.13 29.86 -20.82
CA LEU A 717 -6.72 29.78 -21.25
C LEU A 717 -6.67 29.90 -22.75
N ILE A 718 -5.81 30.79 -23.21
CA ILE A 718 -5.62 31.03 -24.61
C ILE A 718 -4.15 30.77 -24.89
N LEU A 719 -3.85 29.96 -25.88
CA LEU A 719 -2.49 29.67 -26.31
C LEU A 719 -2.27 30.20 -27.69
N ALA A 720 -1.14 30.88 -27.91
CA ALA A 720 -0.65 31.18 -29.24
C ALA A 720 0.33 30.05 -29.62
N ASN A 721 0.09 29.35 -30.72
CA ASN A 721 0.80 28.11 -31.05
C ASN A 721 2.00 28.25 -31.99
N GLU A 722 2.10 29.40 -32.66
CA GLU A 722 3.10 29.58 -33.74
C GLU A 722 4.09 30.71 -33.47
N ASN A 723 4.15 31.18 -32.24
CA ASN A 723 5.05 32.24 -31.87
C ASN A 723 5.14 32.31 -30.37
N LYS A 724 6.29 31.93 -29.85
CA LYS A 724 6.61 31.90 -28.42
C LYS A 724 7.17 33.20 -27.85
N ASN A 725 7.45 34.16 -28.71
CA ASN A 725 8.02 35.39 -28.21
C ASN A 725 7.17 36.05 -27.10
N VAL A 726 7.77 36.30 -25.95
CA VAL A 726 7.09 36.86 -24.78
C VAL A 726 6.61 38.29 -24.98
N ASN A 727 7.15 39.01 -25.97
CA ASN A 727 6.73 40.39 -26.30
C ASN A 727 5.84 40.54 -27.53
N LYS A 728 5.43 39.43 -28.13
CA LYS A 728 4.55 39.50 -29.29
C LYS A 728 3.08 39.69 -28.86
N GLU A 729 2.44 40.69 -29.49
CA GLU A 729 1.06 41.01 -29.23
C GLU A 729 0.17 40.08 -30.06
N HIS A 730 -0.90 39.62 -29.45
CA HIS A 730 -1.92 38.84 -30.16
C HIS A 730 -3.28 39.51 -29.98
N ILE A 731 -4.06 39.58 -31.04
CA ILE A 731 -5.45 40.07 -31.05
C ILE A 731 -6.28 38.94 -31.68
N ILE A 732 -7.25 38.40 -30.95
CA ILE A 732 -8.19 37.44 -31.54
C ILE A 732 -9.61 37.75 -31.12
N GLU A 733 -10.54 37.09 -31.79
CA GLU A 733 -11.96 37.19 -31.48
C GLU A 733 -12.50 35.81 -31.10
N ILE A 734 -13.23 35.74 -29.99
CA ILE A 734 -13.98 34.56 -29.59
C ILE A 734 -15.40 35.00 -29.28
N LYS A 735 -16.36 34.35 -29.93
CA LYS A 735 -17.82 34.65 -29.82
C LYS A 735 -18.11 36.13 -29.88
N GLY A 736 -17.45 36.81 -30.80
CA GLY A 736 -17.66 38.21 -31.04
C GLY A 736 -16.88 39.14 -30.16
N LYS A 737 -16.14 38.61 -29.20
CA LYS A 737 -15.38 39.44 -28.26
C LYS A 737 -13.85 39.39 -28.51
N GLU A 738 -13.26 40.59 -28.50
CA GLU A 738 -11.83 40.75 -28.72
C GLU A 738 -11.00 40.37 -27.48
N TYR A 739 -9.92 39.63 -27.66
CA TYR A 739 -8.96 39.34 -26.56
C TYR A 739 -7.56 39.70 -27.05
N ARG A 740 -6.86 40.43 -26.20
CA ARG A 740 -5.58 41.07 -26.52
C ARG A 740 -4.61 40.72 -25.40
N TRP A 741 -3.42 40.25 -25.73
CA TRP A 741 -2.40 39.91 -24.70
C TRP A 741 -1.05 39.84 -25.38
N THR A 742 0.02 39.80 -24.58
CA THR A 742 1.35 39.53 -25.14
C THR A 742 1.95 38.21 -24.64
N GLY A 743 2.70 37.55 -25.50
CA GLY A 743 3.32 36.28 -25.16
C GLY A 743 2.50 35.07 -25.52
N PRO A 744 3.05 33.88 -25.22
CA PRO A 744 2.42 32.71 -25.82
C PRO A 744 1.11 32.22 -25.17
N TYR A 745 0.77 32.69 -23.99
CA TYR A 745 -0.49 32.31 -23.37
C TYR A 745 -1.04 33.41 -22.50
N GLN A 746 -2.32 33.29 -22.22
CA GLN A 746 -3.01 34.15 -21.28
C GLN A 746 -4.00 33.28 -20.55
N PHE A 747 -4.12 33.51 -19.25
CA PHE A 747 -5.10 32.85 -18.40
C PHE A 747 -5.91 33.96 -17.75
N ILE A 748 -7.20 34.00 -17.99
CA ILE A 748 -8.04 35.08 -17.51
C ILE A 748 -9.34 34.61 -16.87
N LYS A 749 -9.68 35.28 -15.77
CA LYS A 749 -10.97 35.10 -15.09
C LYS A 749 -12.03 35.86 -15.88
N ILE A 750 -13.06 35.15 -16.32
CA ILE A 750 -14.19 35.74 -17.06
C ILE A 750 -15.28 36.17 -16.08
N ASN A 751 -15.62 37.47 -16.11
CA ASN A 751 -16.50 38.15 -15.15
C ASN A 751 -17.89 38.56 -15.72
N ALA B 25 -36.15 15.30 41.94
CA ALA B 25 -34.88 14.83 42.61
C ALA B 25 -33.72 14.43 41.67
N GLN B 26 -34.02 13.93 40.46
CA GLN B 26 -32.96 13.57 39.49
C GLN B 26 -32.16 14.78 39.04
N GLU B 27 -30.85 14.71 39.25
CA GLU B 27 -29.91 15.69 38.72
C GLU B 27 -29.69 15.57 37.21
N HIS B 28 -29.36 16.69 36.62
CA HIS B 28 -29.06 16.78 35.18
C HIS B 28 -27.84 17.68 35.05
N PRO B 29 -26.77 17.23 34.37
CA PRO B 29 -26.68 15.90 33.74
C PRO B 29 -26.41 14.83 34.78
N SER B 30 -26.67 13.59 34.42
CA SER B 30 -26.32 12.44 35.29
C SER B 30 -26.07 11.11 34.56
N LEU B 31 -26.56 10.93 33.34
CA LEU B 31 -26.38 9.63 32.64
C LEU B 31 -24.90 9.25 32.37
N ILE B 32 -24.18 10.17 31.72
CA ILE B 32 -22.87 9.90 31.16
C ILE B 32 -21.91 10.88 31.82
N LEU B 33 -22.01 12.17 31.49
CA LEU B 33 -21.35 13.23 32.27
C LEU B 33 -22.16 13.45 33.52
N THR B 34 -21.53 13.40 34.71
CA THR B 34 -22.22 13.62 35.99
C THR B 34 -21.76 14.97 36.60
N LYS B 35 -22.49 15.47 37.59
CA LYS B 35 -22.17 16.79 38.19
C LYS B 35 -20.89 16.78 38.99
N ALA B 36 -20.66 15.68 39.70
CA ALA B 36 -19.38 15.47 40.37
C ALA B 36 -18.25 15.34 39.34
N GLY B 37 -18.51 14.67 38.21
CA GLY B 37 -17.52 14.63 37.14
C GLY B 37 -17.13 16.02 36.61
N VAL B 38 -18.13 16.89 36.39
CA VAL B 38 -17.84 18.25 35.91
C VAL B 38 -16.88 18.98 36.87
N GLU B 39 -17.17 18.91 38.15
CA GLU B 39 -16.32 19.56 39.19
C GLU B 39 -14.90 19.07 39.12
N LYS B 40 -14.73 17.75 39.05
CA LYS B 40 -13.37 17.20 39.01
C LYS B 40 -12.63 17.55 37.72
N ILE B 41 -13.35 17.55 36.60
CA ILE B 41 -12.74 17.90 35.34
C ILE B 41 -12.16 19.33 35.48
N ARG B 42 -13.01 20.24 35.93
CA ARG B 42 -12.65 21.65 36.07
C ARG B 42 -11.43 21.89 36.95
N ALA B 43 -11.31 21.13 38.04
CA ALA B 43 -10.19 21.21 38.96
C ALA B 43 -8.89 20.75 38.32
N GLU B 44 -8.96 19.84 37.35
CA GLU B 44 -7.80 19.27 36.72
C GLU B 44 -7.40 19.89 35.38
N LEU B 45 -8.32 20.62 34.73
CA LEU B 45 -8.03 21.20 33.42
C LEU B 45 -6.68 21.94 33.45
N GLY B 46 -5.91 21.73 32.39
CA GLY B 46 -4.57 22.27 32.22
C GLY B 46 -3.44 21.35 32.69
N ASN B 47 -3.73 20.28 33.43
CA ASN B 47 -2.72 19.34 33.88
C ASN B 47 -3.08 17.87 33.50
N ILE B 48 -3.84 17.68 32.40
CA ILE B 48 -4.23 16.32 31.89
C ILE B 48 -4.17 16.31 30.35
N PRO B 49 -2.93 16.23 29.78
CA PRO B 49 -2.69 16.53 28.35
C PRO B 49 -3.64 15.88 27.33
N ILE B 50 -3.84 14.57 27.41
CA ILE B 50 -4.73 13.86 26.48
C ILE B 50 -6.18 14.43 26.55
N PHE B 51 -6.63 14.81 27.75
CA PHE B 51 -7.93 15.42 27.93
C PHE B 51 -7.94 16.86 27.40
N ASP B 52 -6.95 17.66 27.81
CA ASP B 52 -6.81 19.07 27.33
C ASP B 52 -6.71 19.18 25.79
N ALA B 53 -5.94 18.28 25.18
CA ALA B 53 -5.84 18.22 23.73
C ALA B 53 -7.17 17.87 23.06
N THR B 54 -7.94 16.93 23.64
CA THR B 54 -9.27 16.61 23.11
C THR B 54 -10.27 17.78 23.23
N LEU B 55 -10.30 18.38 24.41
CA LEU B 55 -11.15 19.51 24.66
C LEU B 55 -10.94 20.68 23.66
N GLU B 56 -9.69 21.05 23.44
CA GLU B 56 -9.33 22.06 22.44
C GLU B 56 -9.78 21.75 20.99
N LYS B 57 -9.55 20.52 20.57
CA LYS B 57 -9.96 20.05 19.27
C LYS B 57 -11.47 20.07 19.15
N VAL B 58 -12.19 19.53 20.15
CA VAL B 58 -13.66 19.51 20.12
C VAL B 58 -14.27 20.96 20.16
N LYS B 59 -13.68 21.82 20.96
CA LYS B 59 -14.12 23.21 21.03
C LYS B 59 -14.01 23.88 19.67
N ALA B 60 -12.88 23.70 18.98
CA ALA B 60 -12.72 24.24 17.63
C ALA B 60 -13.76 23.68 16.63
N GLU B 61 -14.07 22.37 16.71
CA GLU B 61 -15.06 21.73 15.81
CA GLU B 61 -15.04 21.76 15.80
C GLU B 61 -16.43 22.33 16.03
N VAL B 62 -16.85 22.42 17.31
CA VAL B 62 -18.14 22.92 17.63
C VAL B 62 -18.20 24.43 17.23
N ASP B 63 -17.19 25.23 17.60
CA ASP B 63 -17.23 26.68 17.30
C ASP B 63 -17.39 26.89 15.77
N ALA B 64 -16.69 26.09 14.96
CA ALA B 64 -16.83 26.13 13.50
C ALA B 64 -18.23 25.91 13.03
N GLU B 65 -18.90 24.90 13.59
CA GLU B 65 -20.30 24.61 13.25
C GLU B 65 -21.27 25.68 13.70
N ILE B 66 -21.05 26.20 14.91
CA ILE B 66 -21.82 27.36 15.38
C ILE B 66 -21.67 28.53 14.38
N ALA B 67 -20.45 28.85 13.92
CA ALA B 67 -20.30 29.93 12.88
C ALA B 67 -21.10 29.62 11.60
N LEU B 68 -21.19 28.36 11.19
CA LEU B 68 -21.94 28.03 9.99
C LEU B 68 -23.45 28.09 10.15
N GLY B 69 -23.97 27.99 11.38
CA GLY B 69 -25.42 28.14 11.67
C GLY B 69 -26.07 26.77 11.89
N ILE B 70 -27.35 26.68 11.61
CA ILE B 70 -28.11 25.50 11.99
C ILE B 70 -28.87 25.11 10.75
N ASP B 71 -28.61 23.90 10.23
CA ASP B 71 -29.26 23.41 9.04
C ASP B 71 -29.96 22.05 9.30
N THR B 72 -31.29 22.03 9.11
CA THR B 72 -32.14 20.82 9.35
C THR B 72 -32.94 20.52 8.06
N PRO B 73 -32.24 20.05 6.99
CA PRO B 73 -32.88 19.97 5.65
C PRO B 73 -33.93 18.89 5.61
N LEU B 74 -34.92 19.12 4.76
CA LEU B 74 -35.90 18.12 4.40
C LEU B 74 -35.16 16.81 3.92
N PRO B 75 -35.34 15.70 4.63
CA PRO B 75 -34.67 14.45 4.26
C PRO B 75 -34.73 14.19 2.75
N LYS B 76 -33.81 13.41 2.25
CA LYS B 76 -33.80 13.03 0.87
C LYS B 76 -32.84 11.96 0.42
N ASP B 77 -31.65 12.00 0.97
CA ASP B 77 -30.53 11.24 0.43
C ASP B 77 -30.18 9.98 1.17
N TYR B 78 -29.43 9.16 0.44
CA TYR B 78 -28.75 8.04 1.04
C TYR B 78 -27.39 8.53 1.60
N SER B 79 -26.65 7.59 2.19
CA SER B 79 -25.36 7.86 2.78
C SER B 79 -24.53 8.65 1.80
N GLY B 80 -23.56 9.38 2.31
CA GLY B 80 -22.71 10.17 1.46
C GLY B 80 -23.44 11.37 0.91
N GLY B 81 -24.77 11.32 0.87
CA GLY B 81 -25.49 12.48 0.33
C GLY B 81 -25.77 13.56 1.38
N TYR B 82 -26.02 14.77 0.88
CA TYR B 82 -26.10 15.94 1.76
C TYR B 82 -27.02 15.78 3.01
N THR B 83 -28.27 15.30 2.85
CA THR B 83 -29.20 15.40 3.99
C THR B 83 -28.82 14.36 5.07
N HIS B 84 -28.25 13.24 4.63
CA HIS B 84 -27.78 12.22 5.52
C HIS B 84 -26.56 12.77 6.31
N GLU B 85 -25.58 13.30 5.61
CA GLU B 85 -24.33 13.80 6.22
C GLU B 85 -24.63 14.99 7.13
N ARG B 86 -25.59 15.86 6.76
CA ARG B 86 -25.89 17.02 7.61
C ARG B 86 -26.59 16.56 8.92
N HIS B 87 -27.63 15.71 8.81
CA HIS B 87 -28.32 15.29 10.02
C HIS B 87 -27.40 14.45 10.93
N LYS B 88 -26.48 13.72 10.31
CA LYS B 88 -25.52 12.91 11.03
C LYS B 88 -24.56 13.80 11.78
N ARG B 89 -24.01 14.79 11.08
CA ARG B 89 -23.09 15.72 11.67
C ARG B 89 -23.81 16.46 12.84
N ASN B 90 -25.08 16.83 12.68
CA ASN B 90 -25.82 17.50 13.77
C ASN B 90 -25.85 16.70 15.08
N PHE B 91 -26.09 15.38 15.00
CA PHE B 91 -26.06 14.57 16.19
C PHE B 91 -24.73 14.55 16.88
N PHE B 92 -23.66 14.41 16.13
CA PHE B 92 -22.30 14.46 16.75
C PHE B 92 -21.95 15.81 17.41
N ILE B 93 -22.30 16.89 16.73
CA ILE B 93 -22.06 18.22 17.21
C ILE B 93 -22.92 18.57 18.44
N LEU B 94 -24.19 18.14 18.48
CA LEU B 94 -25.04 18.32 19.67
C LEU B 94 -24.46 17.68 20.93
N GLN B 95 -24.07 16.41 20.85
CA GLN B 95 -23.45 15.76 22.00
C GLN B 95 -22.14 16.44 22.45
N LYS B 96 -21.32 16.86 21.50
CA LYS B 96 -20.12 17.68 21.80
C LYS B 96 -20.42 19.05 22.45
N ALA B 97 -21.38 19.77 21.89
CA ALA B 97 -21.83 21.03 22.50
C ALA B 97 -22.29 20.88 23.95
N GLY B 98 -22.95 19.75 24.26
CA GLY B 98 -23.46 19.50 25.55
C GLY B 98 -22.40 19.39 26.60
N VAL B 99 -21.41 18.54 26.34
CA VAL B 99 -20.29 18.46 27.27
C VAL B 99 -19.45 19.77 27.33
N LEU B 100 -19.34 20.51 26.22
CA LEU B 100 -18.62 21.80 26.23
C LEU B 100 -19.33 22.82 27.12
N TYR B 101 -20.66 22.88 27.02
CA TYR B 101 -21.50 23.73 27.88
C TYR B 101 -21.16 23.44 29.37
N GLN B 102 -21.24 22.16 29.75
CA GLN B 102 -21.02 21.76 31.13
C GLN B 102 -19.60 22.03 31.62
N ILE B 103 -18.60 21.62 30.82
CA ILE B 103 -17.21 21.72 31.22
C ILE B 103 -16.74 23.18 31.29
N LEU B 104 -16.99 23.95 30.22
CA LEU B 104 -16.55 25.34 30.15
C LEU B 104 -17.47 26.32 30.80
N ASN B 105 -18.69 25.88 31.18
CA ASN B 105 -19.69 26.76 31.73
C ASN B 105 -19.98 27.95 30.80
N ASP B 106 -20.20 27.69 29.53
CA ASP B 106 -20.34 28.74 28.55
C ASP B 106 -21.62 28.49 27.78
N GLU B 107 -22.56 29.41 27.98
CA GLU B 107 -23.90 29.35 27.44
C GLU B 107 -24.04 29.44 25.97
N LYS B 108 -23.04 29.93 25.25
CA LYS B 108 -23.13 29.85 23.79
C LYS B 108 -23.40 28.39 23.30
N TYR B 109 -22.85 27.40 24.01
CA TYR B 109 -23.07 26.00 23.69
C TYR B 109 -24.50 25.55 23.99
N ALA B 110 -25.03 25.95 25.13
CA ALA B 110 -26.43 25.66 25.46
C ALA B 110 -27.45 26.29 24.52
N LEU B 111 -27.17 27.55 24.14
CA LEU B 111 -28.05 28.30 23.27
C LEU B 111 -28.12 27.63 21.90
N TYR B 112 -26.97 27.14 21.45
CA TYR B 112 -26.89 26.45 20.15
C TYR B 112 -27.68 25.14 20.14
N ILE B 113 -27.51 24.35 21.21
CA ILE B 113 -28.33 23.14 21.44
C ILE B 113 -29.85 23.44 21.47
N LYS B 114 -30.20 24.44 22.28
CA LYS B 114 -31.57 24.89 22.35
C LYS B 114 -32.14 25.30 21.00
N ASP B 115 -31.44 26.16 20.25
CA ASP B 115 -31.91 26.58 18.94
C ASP B 115 -32.04 25.43 17.94
N MET B 116 -31.04 24.57 17.95
CA MET B 116 -31.05 23.42 17.06
C MET B 116 -32.19 22.46 17.42
N LEU B 117 -32.38 22.14 18.72
CA LEU B 117 -33.52 21.29 19.15
C LEU B 117 -34.89 21.83 18.74
N PHE B 118 -35.07 23.14 18.88
CA PHE B 118 -36.31 23.82 18.47
C PHE B 118 -36.49 23.89 16.97
N GLN B 119 -35.42 24.03 16.22
CA GLN B 119 -35.52 23.89 14.75
C GLN B 119 -35.93 22.47 14.36
N TYR B 120 -35.39 21.45 15.01
CA TYR B 120 -35.90 20.09 14.79
C TYR B 120 -37.38 19.93 15.20
N GLU B 121 -37.71 20.47 16.39
CA GLU B 121 -39.08 20.46 16.90
C GLU B 121 -40.05 21.04 15.87
N GLY B 122 -39.64 22.09 15.16
CA GLY B 122 -40.51 22.71 14.17
C GLY B 122 -40.70 21.95 12.85
N MET B 123 -39.85 20.97 12.56
CA MET B 123 -39.93 20.19 11.30
C MET B 123 -40.27 18.72 11.50
N TYR B 124 -39.84 18.13 12.64
CA TYR B 124 -39.89 16.65 12.76
C TYR B 124 -41.32 16.04 12.70
N LYS B 125 -42.24 16.59 13.47
CA LYS B 125 -43.66 16.15 13.44
C LYS B 125 -44.33 16.22 12.07
N ASP B 126 -43.96 17.15 11.21
CA ASP B 126 -44.56 17.28 9.89
C ASP B 126 -43.89 16.46 8.79
N LEU B 127 -42.81 15.79 9.13
CA LEU B 127 -42.11 14.99 8.17
C LEU B 127 -42.82 13.69 7.81
N PRO B 128 -42.65 13.30 6.56
CA PRO B 128 -43.21 12.04 6.06
C PRO B 128 -42.05 11.06 6.01
N VAL B 129 -42.32 9.76 6.03
CA VAL B 129 -41.26 8.76 5.99
C VAL B 129 -40.21 9.11 4.94
N HIS B 130 -38.95 8.77 5.21
CA HIS B 130 -37.85 9.04 4.29
C HIS B 130 -38.28 8.62 2.90
N PRO B 131 -38.10 9.50 1.91
CA PRO B 131 -38.55 9.14 0.51
C PRO B 131 -37.78 7.97 -0.14
N GLN B 132 -36.59 7.67 0.32
CA GLN B 132 -35.86 6.48 -0.15
C GLN B 132 -36.50 5.20 0.38
N THR B 133 -36.76 4.24 -0.52
CA THR B 133 -37.59 3.08 -0.20
C THR B 133 -36.81 1.77 0.08
N ARG B 134 -35.50 1.77 0.08
CA ARG B 134 -34.74 0.53 0.20
C ARG B 134 -34.91 -0.20 1.56
N SER B 135 -34.97 0.58 2.66
CA SER B 135 -34.89 -0.01 3.97
C SER B 135 -36.18 -0.79 4.33
N TYR B 136 -36.00 -1.98 4.92
CA TYR B 136 -37.06 -2.70 5.63
C TYR B 136 -37.66 -1.87 6.81
N ALA B 137 -37.00 -0.80 7.23
CA ALA B 137 -37.48 0.07 8.28
C ALA B 137 -37.03 1.52 8.01
N ARG B 138 -37.76 2.13 7.09
CA ARG B 138 -37.50 3.48 6.67
C ARG B 138 -37.62 4.43 7.88
N GLY B 139 -36.62 5.28 8.02
CA GLY B 139 -36.58 6.28 9.06
C GLY B 139 -37.37 7.52 8.69
N LYS B 140 -37.23 8.59 9.49
CA LYS B 140 -37.73 9.94 9.08
C LYS B 140 -36.65 10.94 8.75
N LEU B 141 -35.72 11.14 9.65
CA LEU B 141 -34.53 11.94 9.35
C LEU B 141 -33.57 11.25 8.36
N PHE B 142 -33.50 9.91 8.41
CA PHE B 142 -32.56 9.17 7.58
C PHE B 142 -33.29 8.04 6.82
N TRP B 143 -32.64 7.49 5.80
CA TRP B 143 -33.24 6.39 4.98
C TRP B 143 -33.67 5.15 5.82
N GLN B 144 -33.07 4.98 6.99
CA GLN B 144 -33.33 3.86 7.81
C GLN B 144 -33.39 4.25 9.30
N CYS B 145 -34.20 3.50 10.03
CA CYS B 145 -34.35 3.63 11.47
C CYS B 145 -33.06 3.47 12.29
N LEU B 146 -32.13 2.67 11.78
CA LEU B 146 -30.82 2.57 12.41
C LEU B 146 -30.21 3.99 12.62
N ASN B 147 -30.24 4.83 11.60
CA ASN B 147 -29.62 6.14 11.71
C ASN B 147 -30.44 7.13 12.54
N ASP B 148 -31.78 7.10 12.44
CA ASP B 148 -32.66 7.78 13.39
C ASP B 148 -32.30 7.43 14.84
N SER B 149 -32.05 6.12 15.10
CA SER B 149 -31.68 5.68 16.43
C SER B 149 -30.29 6.19 16.84
N ASN B 150 -29.29 6.18 15.95
CA ASN B 150 -28.01 6.84 16.23
C ASN B 150 -28.23 8.30 16.72
N TRP B 151 -29.05 9.04 15.98
CA TRP B 151 -29.36 10.44 16.27
C TRP B 151 -29.88 10.60 17.69
N LEU B 152 -30.87 9.79 18.05
CA LEU B 152 -31.43 9.85 19.38
C LEU B 152 -30.49 9.46 20.52
N VAL B 153 -29.65 8.45 20.32
CA VAL B 153 -28.64 8.13 21.32
C VAL B 153 -27.74 9.34 21.64
N TYR B 154 -27.26 10.00 20.59
CA TYR B 154 -26.36 11.13 20.75
C TYR B 154 -27.08 12.35 21.29
N VAL B 155 -28.27 12.66 20.74
CA VAL B 155 -29.06 13.83 21.16
C VAL B 155 -29.55 13.73 22.61
N SER B 156 -29.88 12.52 23.08
CA SER B 156 -30.24 12.34 24.49
C SER B 156 -29.20 12.85 25.50
N GLN B 157 -27.95 12.64 25.15
CA GLN B 157 -26.83 13.11 25.93
C GLN B 157 -26.74 14.67 25.97
N ALA B 158 -27.00 15.31 24.83
CA ALA B 158 -27.08 16.77 24.73
C ALA B 158 -28.22 17.30 25.59
N TYR B 159 -29.41 16.69 25.44
CA TYR B 159 -30.56 17.03 26.26
C TYR B 159 -30.30 16.90 27.79
N ASP B 160 -29.60 15.86 28.21
CA ASP B 160 -29.20 15.71 29.63
C ASP B 160 -28.32 16.90 30.11
N CYS B 161 -27.44 17.36 29.25
CA CYS B 161 -26.57 18.51 29.53
C CYS B 161 -27.26 19.90 29.53
N VAL B 162 -28.36 20.09 28.81
CA VAL B 162 -29.05 21.41 28.80
C VAL B 162 -30.38 21.41 29.54
N TYR B 163 -30.69 20.32 30.22
CA TYR B 163 -32.02 20.09 30.75
C TYR B 163 -32.42 21.21 31.75
N ASP B 164 -31.48 21.58 32.65
CA ASP B 164 -31.70 22.66 33.65
C ASP B 164 -31.59 24.07 33.05
N TYR B 165 -30.92 24.21 31.91
CA TYR B 165 -30.82 25.47 31.23
C TYR B 165 -32.13 25.82 30.56
N LEU B 166 -32.86 24.80 30.13
CA LEU B 166 -34.12 25.00 29.46
C LEU B 166 -35.17 25.27 30.53
N SER B 167 -36.21 26.00 30.16
CA SER B 167 -37.36 26.20 31.02
C SER B 167 -38.23 24.92 31.00
N LYS B 168 -39.06 24.81 32.02
CA LYS B 168 -40.05 23.77 32.08
C LYS B 168 -41.03 23.75 30.89
N LYS B 169 -41.53 24.92 30.52
CA LYS B 169 -42.33 25.10 29.30
C LYS B 169 -41.61 24.57 28.00
N GLU B 170 -40.32 24.93 27.86
CA GLU B 170 -39.49 24.47 26.74
C GLU B 170 -39.31 22.94 26.74
N ARG B 171 -38.96 22.36 27.90
CA ARG B 171 -38.86 20.89 28.01
C ARG B 171 -40.15 20.17 27.67
N LYS B 172 -41.30 20.70 28.15
CA LYS B 172 -42.56 20.10 27.90
C LYS B 172 -42.87 20.01 26.38
N GLN B 173 -42.63 21.09 25.64
CA GLN B 173 -42.84 21.12 24.21
C GLN B 173 -41.89 20.20 23.46
N LEU B 174 -40.61 20.23 23.83
CA LEU B 174 -39.66 19.31 23.15
C LEU B 174 -40.00 17.83 23.39
N GLU B 175 -40.35 17.51 24.62
CA GLU B 175 -40.72 16.12 24.98
C GLU B 175 -42.01 15.66 24.27
N LYS B 176 -43.01 16.56 24.23
CA LYS B 176 -44.30 16.19 23.62
C LYS B 176 -44.24 16.09 22.10
N ASN B 177 -43.51 16.96 21.46
CA ASN B 177 -43.57 17.08 20.02
C ASN B 177 -42.33 16.64 19.28
N LEU B 178 -41.25 16.40 20.00
CA LEU B 178 -40.04 15.89 19.37
C LEU B 178 -39.64 14.54 19.94
N PHE B 179 -39.30 14.47 21.21
CA PHE B 179 -38.73 13.23 21.76
C PHE B 179 -39.68 12.03 21.89
N ARG B 180 -40.87 12.25 22.45
CA ARG B 180 -41.80 11.14 22.57
C ARG B 180 -42.27 10.56 21.22
N PRO B 181 -42.65 11.41 20.26
CA PRO B 181 -42.95 10.87 18.90
C PRO B 181 -41.72 10.18 18.23
N PHE B 182 -40.52 10.71 18.42
CA PHE B 182 -39.36 10.14 17.80
C PHE B 182 -39.12 8.71 18.38
N ALA B 183 -39.20 8.59 19.70
CA ALA B 183 -38.98 7.32 20.38
C ALA B 183 -40.01 6.28 20.00
N ASP B 184 -41.30 6.68 19.87
CA ASP B 184 -42.33 5.79 19.32
C ASP B 184 -42.09 5.31 17.92
N TYR B 185 -41.65 6.23 17.03
CA TYR B 185 -41.40 5.93 15.62
C TYR B 185 -40.39 4.77 15.42
N ILE B 186 -39.26 4.84 16.13
CA ILE B 186 -38.23 3.82 16.03
C ILE B 186 -38.50 2.56 16.91
N SER B 187 -39.66 2.49 17.56
CA SER B 187 -40.00 1.34 18.39
C SER B 187 -41.34 0.75 17.99
N ILE B 188 -42.39 1.20 18.63
CA ILE B 188 -43.75 0.66 18.41
C ILE B 188 -44.31 0.80 16.99
N GLU B 189 -43.89 1.84 16.27
CA GLU B 189 -44.25 1.97 14.83
C GLU B 189 -43.43 1.16 13.86
N ASN B 190 -42.27 0.68 14.29
CA ASN B 190 -41.37 -0.14 13.46
C ASN B 190 -40.81 -1.33 14.29
N PRO B 191 -41.72 -2.20 14.78
CA PRO B 191 -41.29 -3.29 15.64
C PRO B 191 -40.30 -4.27 14.94
N GLN B 192 -40.37 -4.35 13.61
CA GLN B 192 -39.48 -5.17 12.81
C GLN B 192 -37.99 -4.74 12.93
N PHE B 193 -37.79 -3.44 13.17
CA PHE B 193 -36.49 -2.91 13.47
C PHE B 193 -36.10 -3.05 14.94
N TYR B 194 -37.06 -2.76 15.82
CA TYR B 194 -36.81 -2.60 17.24
C TYR B 194 -36.73 -3.91 18.06
N ASN B 195 -37.51 -4.90 17.71
CA ASN B 195 -37.68 -6.10 18.50
C ASN B 195 -36.88 -7.34 18.23
N ARG B 196 -35.68 -7.19 17.75
CA ARG B 196 -34.82 -8.31 17.45
C ARG B 196 -33.60 -8.47 18.31
N VAL B 197 -32.91 -9.57 18.09
CA VAL B 197 -31.56 -9.71 18.63
C VAL B 197 -30.64 -9.43 17.46
N HIS B 198 -30.11 -8.23 17.42
CA HIS B 198 -29.38 -7.71 16.26
C HIS B 198 -28.81 -6.33 16.70
N ASN B 199 -27.64 -5.95 16.18
CA ASN B 199 -27.10 -4.63 16.42
C ASN B 199 -28.09 -3.47 16.18
N HIS B 200 -28.96 -3.59 15.19
CA HIS B 200 -30.01 -2.60 14.89
C HIS B 200 -30.86 -2.35 16.09
N SER B 201 -31.36 -3.44 16.68
CA SER B 201 -32.25 -3.35 17.82
C SER B 201 -31.50 -2.88 19.06
N THR B 202 -30.23 -3.23 19.19
CA THR B 202 -29.47 -2.68 20.29
C THR B 202 -29.41 -1.12 20.22
N TRP B 203 -29.21 -0.56 19.02
CA TRP B 203 -29.22 0.88 18.80
C TRP B 203 -30.59 1.45 19.14
N GLY B 204 -31.64 0.80 18.65
CA GLY B 204 -33.00 1.22 18.92
C GLY B 204 -33.34 1.20 20.41
N ASN B 205 -32.98 0.11 21.09
CA ASN B 205 -33.28 -0.04 22.52
C ASN B 205 -32.55 1.03 23.34
N ALA B 206 -31.30 1.26 23.01
CA ALA B 206 -30.53 2.29 23.65
C ALA B 206 -31.11 3.69 23.43
N ALA B 207 -31.55 3.99 22.20
CA ALA B 207 -32.11 5.31 21.87
C ALA B 207 -33.32 5.61 22.75
N VAL B 208 -34.26 4.66 22.76
CA VAL B 208 -35.47 4.75 23.53
C VAL B 208 -35.16 4.81 25.07
N GLY B 209 -34.23 3.96 25.48
CA GLY B 209 -33.81 3.95 26.87
C GLY B 209 -33.06 5.20 27.35
N MET B 210 -32.19 5.77 26.50
CA MET B 210 -31.43 6.94 26.91
C MET B 210 -32.39 8.15 27.12
N ILE B 211 -33.28 8.39 26.16
CA ILE B 211 -34.24 9.48 26.31
C ILE B 211 -35.24 9.21 27.49
N GLY B 212 -35.64 7.95 27.65
CA GLY B 212 -36.44 7.57 28.78
C GLY B 212 -35.79 7.89 30.12
N LEU B 213 -34.50 7.56 30.25
CA LEU B 213 -33.78 7.86 31.47
C LEU B 213 -33.67 9.40 31.75
N VAL B 214 -33.45 10.17 30.70
CA VAL B 214 -33.31 11.62 30.86
C VAL B 214 -34.63 12.20 31.34
N MET B 215 -35.73 11.75 30.77
CA MET B 215 -37.07 12.22 31.08
C MET B 215 -37.73 11.57 32.30
N GLY B 216 -37.19 10.50 32.86
CA GLY B 216 -37.88 9.73 33.88
C GLY B 216 -39.17 9.06 33.40
N ASP B 217 -39.21 8.60 32.15
CA ASP B 217 -40.35 7.94 31.63
C ASP B 217 -40.17 6.41 31.80
N GLU B 218 -40.91 5.89 32.76
CA GLU B 218 -40.78 4.50 33.17
C GLU B 218 -41.25 3.56 32.09
N GLU B 219 -42.25 3.97 31.30
CA GLU B 219 -42.73 3.16 30.20
C GLU B 219 -41.59 2.93 29.17
N LEU B 220 -40.89 4.01 28.83
CA LEU B 220 -39.87 3.96 27.80
C LEU B 220 -38.67 3.16 28.33
N ILE B 221 -38.37 3.32 29.61
CA ILE B 221 -37.28 2.58 30.20
C ILE B 221 -37.56 1.06 30.13
N GLN B 222 -38.78 0.64 30.46
CA GLN B 222 -39.21 -0.77 30.38
C GLN B 222 -39.20 -1.31 28.96
N ARG B 223 -39.65 -0.50 28.01
CA ARG B 223 -39.60 -0.82 26.61
C ARG B 223 -38.16 -1.03 26.12
N ALA B 224 -37.21 -0.20 26.57
CA ALA B 224 -35.78 -0.36 26.26
C ALA B 224 -35.19 -1.66 26.80
N LEU B 225 -35.48 -1.97 28.07
CA LEU B 225 -34.98 -3.16 28.73
C LEU B 225 -35.59 -4.45 28.28
N TYR B 226 -36.89 -4.45 27.96
CA TYR B 226 -37.68 -5.67 27.71
C TYR B 226 -38.39 -5.76 26.36
N GLY B 227 -38.25 -4.75 25.50
CA GLY B 227 -38.87 -4.77 24.20
C GLY B 227 -40.36 -4.59 24.24
N ILE B 228 -40.98 -4.82 23.10
CA ILE B 228 -42.42 -4.70 22.91
C ILE B 228 -43.01 -6.09 23.07
N GLU B 229 -44.06 -6.24 23.87
CA GLU B 229 -44.82 -7.50 23.91
C GLU B 229 -45.84 -7.56 22.79
N ASP B 230 -46.04 -8.74 22.23
CA ASP B 230 -47.09 -8.95 21.22
C ASP B 230 -46.89 -7.97 20.04
N ASP B 231 -45.79 -8.15 19.33
CA ASP B 231 -45.41 -7.29 18.20
C ASP B 231 -46.17 -7.57 16.89
N GLY B 232 -46.83 -8.72 16.81
CA GLY B 232 -47.61 -9.12 15.62
C GLY B 232 -46.83 -9.37 14.34
N LEU B 233 -45.51 -9.56 14.42
CA LEU B 233 -44.71 -9.73 13.21
C LEU B 233 -44.96 -11.11 12.54
N PRO B 234 -45.03 -11.16 11.20
CA PRO B 234 -45.34 -12.43 10.54
C PRO B 234 -44.12 -13.38 10.41
N ILE B 235 -44.45 -14.64 10.18
CA ILE B 235 -43.47 -15.69 10.08
C ILE B 235 -42.61 -15.43 8.87
N GLY B 236 -41.30 -15.56 9.07
CA GLY B 236 -40.39 -15.48 7.96
C GLY B 236 -40.06 -14.08 7.48
N ALA B 237 -40.56 -13.03 8.16
CA ALA B 237 -40.19 -11.66 7.78
C ALA B 237 -38.65 -11.57 7.86
N LYS B 238 -38.04 -10.98 6.82
CA LYS B 238 -36.59 -10.72 6.73
C LYS B 238 -36.19 -9.24 6.69
N ASP B 239 -34.93 -8.97 7.04
CA ASP B 239 -34.24 -7.67 6.82
C ASP B 239 -33.73 -7.63 5.36
N ASN B 240 -32.95 -6.62 4.99
CA ASN B 240 -32.46 -6.46 3.61
C ASN B 240 -31.24 -7.32 3.29
N ASP B 241 -30.55 -7.79 4.32
CA ASP B 241 -29.34 -8.58 4.15
C ASP B 241 -29.59 -10.12 4.22
N GLY B 242 -30.85 -10.52 4.17
CA GLY B 242 -31.22 -11.95 4.14
C GLY B 242 -31.49 -12.62 5.47
N GLY B 243 -31.53 -11.84 6.56
CA GLY B 243 -31.69 -12.34 7.93
C GLY B 243 -33.11 -12.24 8.46
N PHE B 244 -33.51 -13.22 9.29
CA PHE B 244 -34.83 -13.20 9.89
C PHE B 244 -34.93 -12.09 10.92
N ILE B 245 -36.09 -11.43 10.90
CA ILE B 245 -36.40 -10.37 11.84
C ILE B 245 -36.47 -10.96 13.26
N LYS B 246 -37.30 -12.00 13.41
CA LYS B 246 -37.54 -12.68 14.68
C LYS B 246 -37.10 -14.14 14.65
N VAL B 247 -36.74 -14.64 15.84
CA VAL B 247 -36.42 -16.03 16.07
C VAL B 247 -37.39 -16.56 17.15
N GLU B 248 -38.08 -17.64 16.81
CA GLU B 248 -39.01 -18.33 17.71
C GLU B 248 -38.41 -18.53 19.14
N GLY B 249 -39.19 -18.25 20.16
CA GLY B 249 -38.75 -18.39 21.56
C GLY B 249 -37.76 -17.34 22.10
N GLN B 250 -37.32 -16.40 21.28
CA GLN B 250 -36.23 -15.48 21.67
C GLN B 250 -36.88 -14.22 22.23
N LYS B 251 -36.35 -13.70 23.33
CA LYS B 251 -36.83 -12.44 23.90
C LYS B 251 -36.38 -11.23 23.08
N ALA B 252 -36.95 -10.06 23.43
CA ALA B 252 -36.59 -8.77 22.88
C ALA B 252 -36.07 -7.80 23.98
N GLY B 253 -35.46 -6.71 23.51
CA GLY B 253 -34.93 -5.66 24.35
C GLY B 253 -33.44 -5.71 24.66
N PHE B 254 -33.01 -4.69 25.36
CA PHE B 254 -31.60 -4.54 25.69
C PHE B 254 -30.97 -5.74 26.40
N LEU B 255 -31.61 -6.25 27.44
CA LEU B 255 -31.06 -7.38 28.18
C LEU B 255 -30.91 -8.64 27.31
N ALA B 256 -31.91 -8.92 26.47
CA ALA B 256 -31.83 -10.06 25.53
C ALA B 256 -30.69 -9.87 24.53
N ASN B 257 -30.45 -8.60 24.13
CA ASN B 257 -29.30 -8.26 23.29
C ASN B 257 -27.94 -8.40 23.95
N ILE B 258 -27.88 -8.44 25.26
CA ILE B 258 -26.65 -8.77 25.95
C ILE B 258 -26.52 -10.30 26.08
N ASP B 259 -27.62 -10.97 26.41
CA ASP B 259 -27.61 -12.39 26.72
C ASP B 259 -27.36 -13.28 25.52
N GLU B 260 -27.94 -12.97 24.36
CA GLU B 260 -27.92 -13.91 23.23
C GLU B 260 -26.74 -13.85 22.24
N PRO B 261 -26.37 -12.67 21.77
CA PRO B 261 -25.35 -12.60 20.77
C PRO B 261 -23.91 -12.54 21.31
N PHE B 262 -23.72 -12.50 22.64
CA PHE B 262 -22.39 -12.56 23.23
C PHE B 262 -22.18 -13.96 23.83
N SER B 263 -20.98 -14.49 23.65
CA SER B 263 -20.63 -15.77 24.29
C SER B 263 -20.13 -15.49 25.69
N PRO B 264 -19.91 -16.54 26.51
CA PRO B 264 -19.22 -16.30 27.80
C PRO B 264 -17.76 -15.76 27.73
N ASP B 265 -17.10 -15.78 26.56
CA ASP B 265 -15.77 -15.14 26.36
C ASP B 265 -15.86 -13.67 25.92
N GLY B 266 -17.06 -13.13 25.83
CA GLY B 266 -17.23 -11.76 25.35
C GLY B 266 -17.10 -11.63 23.86
N TYR B 267 -17.26 -12.73 23.13
CA TYR B 267 -17.25 -12.71 21.66
C TYR B 267 -18.62 -12.44 21.09
N TYR B 268 -18.75 -11.36 20.31
CA TYR B 268 -20.01 -10.89 19.75
C TYR B 268 -20.20 -11.63 18.43
N THR B 269 -21.32 -12.35 18.29
CA THR B 269 -21.46 -13.35 17.19
C THR B 269 -21.40 -12.81 15.74
N GLU B 270 -21.75 -11.55 15.56
CA GLU B 270 -21.65 -10.94 14.22
C GLU B 270 -20.22 -10.66 13.78
N GLY B 271 -19.27 -10.74 14.69
CA GLY B 271 -17.87 -10.54 14.33
C GLY B 271 -17.46 -9.13 14.69
N PRO B 272 -16.17 -8.85 14.63
CA PRO B 272 -15.64 -7.63 15.22
C PRO B 272 -15.99 -6.32 14.55
N TYR B 273 -16.18 -6.30 13.23
CA TYR B 273 -16.60 -5.08 12.56
C TYR B 273 -17.93 -4.62 13.16
N ALA B 274 -18.90 -5.55 13.21
CA ALA B 274 -20.23 -5.27 13.85
C ALA B 274 -20.11 -5.06 15.37
N GLN B 275 -19.23 -5.78 16.03
CA GLN B 275 -19.13 -5.61 17.45
C GLN B 275 -18.67 -4.19 17.78
N ARG B 276 -17.69 -3.72 16.98
CA ARG B 276 -17.19 -2.37 17.11
C ARG B 276 -18.36 -1.35 17.11
N TYR B 277 -19.31 -1.54 16.20
CA TYR B 277 -20.43 -0.63 16.03
C TYR B 277 -21.37 -0.73 17.25
N ALA B 278 -21.66 -1.95 17.68
CA ALA B 278 -22.58 -2.18 18.74
C ALA B 278 -22.05 -1.80 20.12
N MET B 279 -20.73 -1.71 20.29
CA MET B 279 -20.20 -1.37 21.63
C MET B 279 -20.68 0.04 22.08
N TYR B 280 -20.91 0.96 21.13
CA TYR B 280 -21.30 2.31 21.53
C TYR B 280 -22.64 2.24 22.27
N PRO B 281 -23.71 1.74 21.63
CA PRO B 281 -24.96 1.70 22.37
C PRO B 281 -24.95 0.76 23.58
N PHE B 282 -24.25 -0.38 23.48
CA PHE B 282 -24.14 -1.26 24.64
C PHE B 282 -23.55 -0.53 25.84
N LEU B 283 -22.39 0.10 25.65
CA LEU B 283 -21.64 0.63 26.79
C LEU B 283 -22.20 2.00 27.25
N ILE B 284 -22.70 2.83 26.34
CA ILE B 284 -23.35 4.08 26.71
C ILE B 284 -24.63 3.85 27.51
N PHE B 285 -25.55 3.06 26.97
CA PHE B 285 -26.75 2.76 27.72
C PHE B 285 -26.46 2.03 29.06
N ALA B 286 -25.44 1.17 29.10
CA ALA B 286 -25.07 0.50 30.35
C ALA B 286 -24.53 1.50 31.41
N GLU B 287 -23.70 2.40 30.94
CA GLU B 287 -23.21 3.45 31.79
C GLU B 287 -24.38 4.28 32.35
N ALA B 288 -25.28 4.70 31.47
CA ALA B 288 -26.47 5.46 31.90
C ALA B 288 -27.29 4.67 32.92
N LEU B 289 -27.50 3.39 32.66
CA LEU B 289 -28.25 2.55 33.57
C LEU B 289 -27.52 2.44 34.90
N HIS B 290 -26.21 2.29 34.87
CA HIS B 290 -25.44 2.18 36.11
C HIS B 290 -25.59 3.47 36.97
N ASN B 291 -25.53 4.63 36.34
CA ASN B 291 -25.65 5.91 37.06
C ASN B 291 -27.07 6.22 37.56
N VAL B 292 -28.09 5.94 36.76
CA VAL B 292 -29.48 6.31 37.10
C VAL B 292 -30.25 5.16 37.78
N ARG B 293 -29.99 3.91 37.39
CA ARG B 293 -30.68 2.74 37.92
C ARG B 293 -29.72 1.65 38.37
N PRO B 294 -28.94 1.92 39.42
CA PRO B 294 -27.92 0.98 39.87
C PRO B 294 -28.45 -0.40 40.25
N GLN B 295 -29.71 -0.48 40.64
CA GLN B 295 -30.37 -1.74 41.01
C GLN B 295 -30.51 -2.73 39.86
N GLN B 296 -30.32 -2.26 38.65
CA GLN B 296 -30.31 -3.10 37.48
C GLN B 296 -29.04 -3.98 37.41
N LYS B 297 -27.94 -3.51 38.00
CA LYS B 297 -26.65 -4.19 37.99
C LYS B 297 -26.20 -4.55 36.59
N ILE B 298 -26.26 -3.57 35.69
CA ILE B 298 -26.05 -3.85 34.28
C ILE B 298 -24.60 -4.34 33.97
N PHE B 299 -23.63 -3.82 34.70
CA PHE B 299 -22.25 -4.22 34.49
C PHE B 299 -21.90 -5.59 35.07
N GLU B 300 -22.82 -6.18 35.82
CA GLU B 300 -22.73 -7.57 36.23
C GLU B 300 -23.50 -8.51 35.29
N HIS B 301 -24.41 -8.00 34.46
CA HIS B 301 -25.26 -8.86 33.66
C HIS B 301 -24.41 -9.88 32.85
N LYS B 302 -24.87 -11.12 32.84
CA LYS B 302 -24.23 -12.26 32.16
C LYS B 302 -22.76 -12.39 32.53
N ASP B 303 -22.49 -12.43 33.82
CA ASP B 303 -21.11 -12.56 34.34
C ASP B 303 -20.17 -11.44 33.88
N GLY B 304 -20.67 -10.21 33.81
CA GLY B 304 -19.81 -9.08 33.44
C GLY B 304 -19.40 -9.07 31.95
N VAL B 305 -20.26 -9.54 31.05
CA VAL B 305 -19.84 -9.75 29.67
C VAL B 305 -19.50 -8.47 28.89
N LEU B 306 -20.24 -7.36 29.11
CA LEU B 306 -19.97 -6.12 28.36
C LEU B 306 -18.56 -5.61 28.57
N LEU B 307 -18.12 -5.55 29.81
CA LEU B 307 -16.76 -5.11 30.11
C LEU B 307 -15.73 -6.09 29.57
N LYS B 308 -15.96 -7.38 29.72
CA LYS B 308 -15.07 -8.39 29.13
C LYS B 308 -14.98 -8.26 27.62
N SER B 309 -16.09 -7.92 26.97
CA SER B 309 -16.14 -7.90 25.52
C SER B 309 -15.21 -6.87 24.90
N VAL B 310 -14.80 -5.86 25.67
CA VAL B 310 -13.88 -4.84 25.22
C VAL B 310 -12.49 -5.41 25.02
N ASN B 311 -11.97 -6.17 25.99
CA ASN B 311 -10.67 -6.88 25.83
CA ASN B 311 -10.70 -6.88 25.82
C ASN B 311 -10.74 -7.86 24.66
N THR B 312 -11.85 -8.56 24.52
CA THR B 312 -12.02 -9.53 23.42
C THR B 312 -11.96 -8.83 22.07
N LEU B 313 -12.63 -7.68 21.95
CA LEU B 313 -12.64 -6.97 20.67
C LEU B 313 -11.21 -6.46 20.33
N LEU B 314 -10.53 -5.87 21.32
CA LEU B 314 -9.18 -5.41 21.12
C LEU B 314 -8.23 -6.57 20.70
N SER B 315 -8.46 -7.78 21.20
CA SER B 315 -7.71 -8.96 20.74
C SER B 315 -8.03 -9.41 19.34
N LEU B 316 -9.15 -9.00 18.76
CA LEU B 316 -9.48 -9.32 17.37
C LEU B 316 -8.97 -8.29 16.35
N SER B 317 -7.87 -7.62 16.69
CA SER B 317 -7.23 -6.66 15.80
C SER B 317 -5.81 -7.11 15.52
N ASP B 318 -5.34 -6.77 14.33
CA ASP B 318 -3.97 -7.05 13.85
C ASP B 318 -3.00 -6.10 14.56
N ALA B 319 -1.72 -6.18 14.18
CA ALA B 319 -0.67 -5.30 14.81
C ALA B 319 -0.89 -3.80 14.69
N ASP B 320 -1.64 -3.35 13.71
CA ASP B 320 -1.95 -1.93 13.55
C ASP B 320 -3.25 -1.52 14.19
N GLY B 321 -3.90 -2.41 14.92
CA GLY B 321 -5.18 -2.09 15.51
C GLY B 321 -6.38 -2.25 14.59
N GLU B 322 -6.17 -2.88 13.41
CA GLU B 322 -7.27 -3.06 12.46
C GLU B 322 -7.99 -4.38 12.70
N PHE B 323 -9.32 -4.34 12.81
CA PHE B 323 -10.12 -5.53 13.07
C PHE B 323 -10.01 -6.54 11.93
N PHE B 324 -9.87 -7.82 12.27
CA PHE B 324 -9.78 -8.89 11.25
C PHE B 324 -11.07 -8.89 10.46
N PRO B 325 -11.00 -8.93 9.11
CA PRO B 325 -12.22 -8.71 8.33
C PRO B 325 -13.10 -9.95 8.18
N LEU B 326 -13.60 -10.43 9.32
CA LEU B 326 -14.49 -11.61 9.33
C LEU B 326 -15.96 -11.21 9.01
N ASN B 327 -16.64 -12.04 8.26
CA ASN B 327 -18.05 -11.78 7.86
C ASN B 327 -18.11 -10.41 7.14
N ASP B 328 -19.21 -9.66 7.17
CA ASP B 328 -19.30 -8.42 6.38
C ASP B 328 -18.46 -7.36 7.11
N ALA B 329 -17.25 -7.09 6.64
CA ALA B 329 -16.37 -6.15 7.34
C ALA B 329 -15.62 -5.31 6.36
N GLN B 330 -15.59 -4.00 6.57
CA GLN B 330 -14.78 -3.16 5.68
C GLN B 330 -13.38 -3.11 6.23
N LYS B 331 -12.36 -3.31 5.38
CA LYS B 331 -10.98 -3.25 5.90
C LYS B 331 -10.58 -1.82 6.25
N GLY B 332 -9.75 -1.66 7.28
CA GLY B 332 -9.36 -0.35 7.75
C GLY B 332 -10.06 0.10 9.02
N MET B 333 -11.24 -0.47 9.33
CA MET B 333 -11.87 -0.20 10.61
C MET B 333 -10.96 -0.70 11.74
N SER B 334 -10.75 0.14 12.72
CA SER B 334 -9.81 -0.11 13.79
C SER B 334 -10.17 0.41 15.16
N TYR B 335 -9.33 0.13 16.14
CA TYR B 335 -9.58 0.58 17.50
C TYR B 335 -9.34 2.04 17.74
N HIS B 336 -9.16 2.74 16.67
CA HIS B 336 -9.03 4.19 16.73
C HIS B 336 -10.38 4.88 16.51
N SER B 337 -11.38 4.08 16.15
CA SER B 337 -12.72 4.58 15.91
C SER B 337 -13.34 5.17 17.18
N ARG B 338 -14.36 6.02 17.00
CA ARG B 338 -15.01 6.74 18.12
C ARG B 338 -15.65 5.71 19.07
N GLU B 339 -16.15 4.59 18.51
CA GLU B 339 -16.75 3.58 19.34
C GLU B 339 -15.70 2.96 20.29
N LEU B 340 -14.47 2.75 19.83
CA LEU B 340 -13.43 2.17 20.72
C LEU B 340 -12.82 3.17 21.70
N VAL B 341 -12.88 4.44 21.38
CA VAL B 341 -12.49 5.48 22.34
C VAL B 341 -13.43 5.41 23.49
N THR B 342 -14.72 5.35 23.15
CA THR B 342 -15.80 5.24 24.12
C THR B 342 -15.67 3.95 24.91
N ALA B 343 -15.48 2.85 24.20
CA ALA B 343 -15.45 1.55 24.90
C ALA B 343 -14.27 1.41 25.88
N VAL B 344 -13.09 1.81 25.45
CA VAL B 344 -11.86 1.76 26.28
C VAL B 344 -12.05 2.60 27.55
N ASP B 345 -12.59 3.81 27.40
CA ASP B 345 -12.69 4.75 28.51
C ASP B 345 -13.75 4.28 29.54
N ILE B 346 -14.89 3.76 29.04
CA ILE B 346 -15.92 3.25 29.89
C ILE B 346 -15.45 1.98 30.61
N ALA B 347 -14.74 1.09 29.89
CA ALA B 347 -14.29 -0.15 30.49
C ALA B 347 -13.24 0.17 31.56
N TYR B 348 -12.36 1.13 31.29
CA TYR B 348 -11.40 1.55 32.29
C TYR B 348 -12.08 2.02 33.60
N HIS B 349 -13.02 2.94 33.48
CA HIS B 349 -13.58 3.65 34.62
C HIS B 349 -14.58 2.79 35.44
N TYR B 350 -15.43 2.01 34.75
CA TYR B 350 -16.49 1.24 35.40
C TYR B 350 -16.11 -0.20 35.61
N GLY B 351 -14.97 -0.64 35.10
CA GLY B 351 -14.53 -2.01 35.23
C GLY B 351 -13.51 -2.02 36.32
N ASN B 352 -12.53 -2.92 36.27
CA ASN B 352 -11.57 -2.95 37.39
C ASN B 352 -10.28 -2.15 37.14
N HIS B 353 -10.36 -1.09 36.35
CA HIS B 353 -9.23 -0.21 36.07
C HIS B 353 -7.99 -0.92 35.50
N ASN B 354 -8.20 -1.65 34.40
CA ASN B 354 -7.18 -2.42 33.73
C ASN B 354 -6.17 -1.49 33.07
N PRO B 355 -4.91 -1.54 33.55
CA PRO B 355 -3.93 -0.60 33.10
C PRO B 355 -3.49 -0.81 31.66
N GLN B 356 -3.72 -2.01 31.11
CA GLN B 356 -3.51 -2.30 29.68
C GLN B 356 -4.39 -1.42 28.79
N LEU B 357 -5.60 -1.06 29.25
CA LEU B 357 -6.48 -0.19 28.48
C LEU B 357 -5.89 1.22 28.32
N LEU B 358 -5.05 1.64 29.27
CA LEU B 358 -4.43 2.95 29.19
C LEU B 358 -3.48 3.09 28.01
N SER B 359 -2.81 2.00 27.62
CA SER B 359 -1.86 2.07 26.51
C SER B 359 -2.63 2.22 25.17
N ILE B 360 -3.81 1.59 25.06
CA ILE B 360 -4.68 1.79 23.90
C ILE B 360 -5.14 3.25 23.85
N ALA B 361 -5.52 3.81 25.02
CA ALA B 361 -5.95 5.22 25.05
C ALA B 361 -4.83 6.16 24.57
N GLU B 362 -3.60 5.86 24.94
CA GLU B 362 -2.43 6.64 24.52
C GLU B 362 -2.21 6.56 23.00
N GLU B 363 -2.39 5.38 22.41
CA GLU B 363 -2.36 5.24 20.96
C GLU B 363 -3.50 5.99 20.29
N GLN B 364 -4.70 5.93 20.86
CA GLN B 364 -5.83 6.68 20.32
C GLN B 364 -5.51 8.20 20.33
N GLY B 365 -4.88 8.68 21.39
CA GLY B 365 -4.53 10.07 21.50
C GLY B 365 -5.69 10.99 21.83
N GLN B 366 -6.84 10.46 22.21
CA GLN B 366 -7.97 11.28 22.68
C GLN B 366 -8.73 10.49 23.70
N VAL B 367 -9.63 11.19 24.42
CA VAL B 367 -10.51 10.62 25.43
C VAL B 367 -11.90 11.25 25.35
N LEU B 368 -12.87 10.57 25.91
CA LEU B 368 -14.20 11.16 26.10
C LEU B 368 -14.09 12.35 27.04
N LEU B 369 -14.94 13.34 26.81
CA LEU B 369 -14.93 14.55 27.61
C LEU B 369 -15.97 14.41 28.72
N ASP B 370 -15.70 13.44 29.59
CA ASP B 370 -16.56 13.09 30.68
C ASP B 370 -15.78 12.38 31.80
N ASP B 371 -16.50 11.92 32.82
CA ASP B 371 -15.93 11.27 33.99
C ASP B 371 -14.99 10.14 33.55
N SER B 372 -15.43 9.30 32.62
CA SER B 372 -14.63 8.12 32.28
C SER B 372 -13.32 8.57 31.54
N GLY B 373 -13.42 9.63 30.75
CA GLY B 373 -12.28 10.16 30.08
C GLY B 373 -11.24 10.78 31.02
N LEU B 374 -11.74 11.47 32.03
CA LEU B 374 -10.89 12.03 33.06
C LEU B 374 -10.13 10.92 33.79
N ALA B 375 -10.83 9.87 34.13
CA ALA B 375 -10.24 8.77 34.89
C ALA B 375 -9.06 8.18 34.08
N VAL B 376 -9.25 8.01 32.76
CA VAL B 376 -8.19 7.55 31.84
C VAL B 376 -7.02 8.56 31.80
N ALA B 377 -7.33 9.84 31.62
CA ALA B 377 -6.31 10.87 31.67
C ALA B 377 -5.43 10.84 32.94
N LEU B 378 -6.08 10.68 34.08
CA LEU B 378 -5.38 10.69 35.37
C LEU B 378 -4.55 9.40 35.53
N GLY B 379 -5.09 8.28 35.07
CA GLY B 379 -4.35 7.02 35.03
C GLY B 379 -3.04 7.14 34.24
N ILE B 380 -3.11 7.78 33.08
CA ILE B 380 -1.93 8.05 32.27
C ILE B 380 -0.94 8.97 33.01
N ARG B 381 -1.41 10.08 33.56
CA ARG B 381 -0.58 11.04 34.28
C ARG B 381 0.14 10.41 35.45
N GLU B 382 -0.51 9.50 36.15
CA GLU B 382 0.08 8.80 37.28
C GLU B 382 1.03 7.64 36.90
N GLY B 383 1.35 7.47 35.62
CA GLY B 383 2.27 6.43 35.18
C GLY B 383 1.73 5.01 35.30
N LYS B 384 0.41 4.82 35.30
CA LYS B 384 -0.16 3.50 35.44
C LYS B 384 -0.21 2.64 34.19
N SER B 385 0.09 3.20 33.03
CA SER B 385 -0.13 2.54 31.76
C SER B 385 0.75 1.25 31.56
N GLU B 386 0.16 0.19 31.02
CA GLU B 386 0.84 -1.07 30.68
C GLU B 386 0.42 -1.47 29.28
N ASP B 387 1.33 -2.15 28.59
CA ASP B 387 1.11 -2.49 27.17
C ASP B 387 -0.03 -3.47 27.04
N PHE B 388 -0.92 -3.24 26.09
CA PHE B 388 -1.96 -4.19 25.84
C PHE B 388 -1.35 -5.47 25.24
N GLN B 389 -1.53 -6.61 25.90
CA GLN B 389 -0.97 -7.88 25.39
C GLN B 389 -1.87 -8.53 24.36
N LYS B 390 -1.33 -8.75 23.17
CA LYS B 390 -2.00 -9.46 22.11
C LYS B 390 -1.51 -10.92 22.14
N LYS B 391 -2.35 -11.87 22.48
CA LYS B 391 -1.96 -13.26 22.68
C LYS B 391 -2.79 -14.18 21.81
N SER B 392 -2.36 -15.43 21.80
CA SER B 392 -3.10 -16.53 21.25
C SER B 392 -4.30 -16.73 22.16
N ILE B 393 -5.49 -16.89 21.58
CA ILE B 393 -6.70 -17.00 22.34
C ILE B 393 -7.75 -17.84 21.60
N LYS B 394 -8.57 -18.50 22.40
CA LYS B 394 -9.69 -19.28 21.95
C LYS B 394 -10.93 -18.50 22.31
N LEU B 395 -11.84 -18.24 21.38
CA LEU B 395 -13.09 -17.57 21.72
C LEU B 395 -14.26 -18.47 21.37
N SER B 396 -15.14 -18.73 22.34
CA SER B 396 -16.34 -19.55 22.05
C SER B 396 -17.41 -18.65 21.38
N ASP B 397 -18.31 -19.29 20.63
CA ASP B 397 -19.48 -18.64 20.03
C ASP B 397 -20.79 -19.27 20.58
N GLY B 398 -21.89 -18.51 20.44
CA GLY B 398 -23.19 -18.85 20.95
C GLY B 398 -23.32 -18.39 22.39
N ALA B 399 -24.56 -18.17 22.82
CA ALA B 399 -24.85 -17.65 24.16
C ALA B 399 -24.23 -18.45 25.30
N ASN B 400 -24.22 -19.77 25.14
CA ASN B 400 -23.57 -20.63 26.15
C ASN B 400 -22.18 -21.15 25.81
N GLY B 401 -21.53 -20.60 24.78
CA GLY B 401 -20.16 -21.00 24.44
C GLY B 401 -20.01 -22.36 23.80
N ASP B 402 -21.10 -22.93 23.30
CA ASP B 402 -21.11 -24.27 22.66
C ASP B 402 -21.47 -24.26 21.16
N GLN B 403 -21.38 -23.12 20.49
CA GLN B 403 -21.68 -23.08 19.05
C GLN B 403 -20.45 -22.71 18.23
N GLY B 404 -19.41 -23.53 18.40
CA GLY B 404 -18.14 -23.32 17.75
C GLY B 404 -17.36 -22.17 18.32
N GLY B 405 -16.56 -21.56 17.47
CA GLY B 405 -15.68 -20.48 17.90
C GLY B 405 -14.75 -19.96 16.83
N VAL B 406 -13.84 -19.13 17.33
CA VAL B 406 -12.78 -18.46 16.59
C VAL B 406 -11.46 -18.61 17.38
N ALA B 407 -10.37 -18.93 16.70
CA ALA B 407 -9.06 -19.06 17.36
C ALA B 407 -8.06 -18.15 16.67
N ILE B 408 -7.24 -17.52 17.49
CA ILE B 408 -6.18 -16.68 17.05
C ILE B 408 -4.91 -17.26 17.60
N LEU B 409 -3.98 -17.65 16.70
CA LEU B 409 -2.66 -18.10 17.06
C LEU B 409 -1.69 -17.04 16.68
N ARG B 410 -0.91 -16.60 17.67
CA ARG B 410 0.10 -15.56 17.52
C ARG B 410 1.48 -16.05 17.89
N TYR B 411 2.49 -15.56 17.18
CA TYR B 411 3.88 -15.89 17.48
C TYR B 411 4.60 -14.62 17.81
N GLY B 412 5.43 -14.68 18.85
CA GLY B 412 6.35 -13.55 19.15
C GLY B 412 5.56 -12.28 19.53
N ASN B 413 6.03 -11.13 19.08
CA ASN B 413 5.42 -9.87 19.47
C ASN B 413 4.55 -9.50 18.30
N GLU B 414 3.46 -10.25 18.16
CA GLU B 414 2.60 -10.15 16.96
C GLU B 414 3.35 -10.30 15.65
N ALA B 415 4.42 -11.12 15.66
CA ALA B 415 5.27 -11.34 14.46
C ALA B 415 4.51 -12.11 13.37
N MET B 416 3.60 -12.99 13.77
CA MET B 416 2.75 -13.74 12.84
C MET B 416 1.43 -14.09 13.51
N THR B 417 0.33 -13.98 12.76
CA THR B 417 -1.01 -14.14 13.30
C THR B 417 -1.89 -14.93 12.32
N LEU B 418 -2.40 -16.05 12.84
CA LEU B 418 -3.30 -16.95 12.13
C LEU B 418 -4.68 -16.84 12.82
N VAL B 419 -5.71 -16.57 12.02
CA VAL B 419 -7.08 -16.43 12.50
C VAL B 419 -7.88 -17.55 11.87
N TYR B 420 -8.43 -18.42 12.72
CA TYR B 420 -9.17 -19.61 12.27
C TYR B 420 -10.61 -19.54 12.73
N LYS B 421 -11.53 -19.56 11.78
CA LYS B 421 -12.94 -19.31 12.02
C LYS B 421 -13.78 -20.60 11.90
N TYR B 422 -14.23 -21.14 13.03
CA TYR B 422 -15.03 -22.36 13.07
C TYR B 422 -16.37 -22.00 13.86
N ALA B 423 -16.95 -20.87 13.47
CA ALA B 423 -17.97 -20.22 14.23
C ALA B 423 -19.39 -20.65 13.81
N ALA B 424 -20.37 -20.11 14.48
CA ALA B 424 -21.77 -20.17 14.05
C ALA B 424 -22.02 -19.23 12.85
N GLN B 425 -23.28 -19.09 12.42
CA GLN B 425 -23.59 -18.41 11.16
C GLN B 425 -23.24 -16.93 11.20
N GLY B 426 -23.53 -16.27 12.31
CA GLY B 426 -23.19 -14.88 12.53
C GLY B 426 -24.30 -13.89 12.17
N LEU B 427 -25.55 -14.36 12.16
CA LEU B 427 -26.72 -13.55 11.77
C LEU B 427 -26.63 -13.11 10.30
N SER B 428 -27.32 -12.02 9.94
CA SER B 428 -27.53 -11.66 8.53
CA SER B 428 -27.52 -11.67 8.52
C SER B 428 -26.21 -11.39 7.79
N HIS B 429 -25.26 -10.77 8.47
CA HIS B 429 -23.99 -10.41 7.87
C HIS B 429 -22.94 -11.57 7.78
N GLY B 430 -23.29 -12.75 8.29
CA GLY B 430 -22.39 -13.89 8.34
C GLY B 430 -22.09 -14.48 6.98
N HIS B 431 -20.92 -15.11 6.84
CA HIS B 431 -20.49 -15.66 5.55
C HIS B 431 -20.55 -17.20 5.57
N TYR B 432 -20.57 -17.80 4.39
CA TYR B 432 -20.66 -19.23 4.21
C TYR B 432 -19.24 -19.81 4.16
N ASP B 433 -18.58 -19.83 5.33
CA ASP B 433 -17.13 -19.98 5.33
C ASP B 433 -16.64 -20.79 6.54
N LYS B 434 -17.36 -21.88 6.83
CA LYS B 434 -16.98 -22.82 7.90
C LYS B 434 -15.50 -23.26 7.71
N LEU B 435 -14.72 -23.12 8.77
CA LEU B 435 -13.30 -23.53 8.81
C LEU B 435 -12.30 -22.70 7.97
N SER B 436 -12.71 -21.50 7.53
CA SER B 436 -11.82 -20.61 6.78
C SER B 436 -10.76 -20.05 7.71
N PHE B 437 -9.64 -19.63 7.11
CA PHE B 437 -8.63 -18.92 7.84
C PHE B 437 -8.04 -17.75 7.05
N SER B 438 -7.37 -16.87 7.75
CA SER B 438 -6.59 -15.81 7.18
C SER B 438 -5.26 -15.69 7.96
N LEU B 439 -4.26 -15.11 7.32
CA LEU B 439 -2.91 -15.02 7.86
C LEU B 439 -2.35 -13.61 7.69
N TYR B 440 -1.70 -13.12 8.76
CA TYR B 440 -1.15 -11.78 8.85
C TYR B 440 0.30 -11.84 9.36
N GLU B 441 1.14 -10.92 8.91
CA GLU B 441 2.45 -10.69 9.50
C GLU B 441 2.62 -9.21 9.81
N LYS B 442 2.77 -8.89 11.09
CA LYS B 442 2.99 -7.49 11.53
C LYS B 442 2.12 -6.44 10.82
N GLY B 443 0.85 -6.68 10.76
CA GLY B 443 -0.09 -5.71 10.18
C GLY B 443 -0.30 -5.89 8.70
N THR B 444 0.34 -6.87 8.06
CA THR B 444 0.21 -7.05 6.61
C THR B 444 -0.55 -8.35 6.39
N GLU B 445 -1.62 -8.24 5.63
CA GLU B 445 -2.39 -9.35 5.24
C GLU B 445 -1.66 -10.20 4.16
N ILE B 446 -1.54 -11.51 4.41
CA ILE B 446 -0.85 -12.48 3.52
C ILE B 446 -1.81 -13.41 2.78
N LEU B 447 -2.81 -13.90 3.48
CA LEU B 447 -3.89 -14.73 2.97
C LEU B 447 -5.12 -14.13 3.62
N GLN B 448 -5.96 -13.60 2.76
CA GLN B 448 -7.13 -12.88 3.14
C GLN B 448 -8.45 -13.56 3.17
N ASP B 449 -9.31 -12.91 3.94
CA ASP B 449 -10.73 -13.04 4.03
C ASP B 449 -11.16 -11.74 3.29
N TYR B 450 -11.93 -11.89 2.23
CA TYR B 450 -12.33 -10.76 1.43
C TYR B 450 -12.98 -9.57 2.13
N GLY B 451 -13.86 -9.80 3.11
CA GLY B 451 -14.63 -8.73 3.79
C GLY B 451 -15.89 -8.50 2.98
N LEU B 452 -16.44 -7.27 3.02
CA LEU B 452 -17.68 -6.98 2.28
C LEU B 452 -17.45 -6.42 0.88
N ALA B 453 -18.53 -6.41 0.07
CA ALA B 453 -18.55 -5.67 -1.17
C ALA B 453 -19.51 -4.50 -0.91
N ARG B 454 -18.93 -3.39 -0.44
CA ARG B 454 -19.62 -2.17 -0.05
C ARG B 454 -18.54 -1.12 0.25
N PHE B 455 -18.82 0.12 -0.09
CA PHE B 455 -17.94 1.26 0.13
C PHE B 455 -18.76 2.13 1.09
N VAL B 456 -18.52 1.93 2.38
CA VAL B 456 -19.43 2.37 3.45
C VAL B 456 -19.52 3.89 3.43
N ASN B 457 -20.73 4.40 3.15
CA ASN B 457 -21.04 5.83 3.15
C ASN B 457 -20.55 6.60 1.95
N ILE B 458 -20.07 5.89 0.92
CA ILE B 458 -19.68 6.51 -0.31
C ILE B 458 -20.91 6.46 -1.23
N GLU B 459 -21.55 7.63 -1.39
CA GLU B 459 -22.79 7.77 -2.17
C GLU B 459 -22.73 7.21 -3.59
N GLN B 460 -21.58 7.38 -4.22
CA GLN B 460 -21.36 7.06 -5.65
C GLN B 460 -21.34 5.55 -5.85
N LYS B 461 -21.10 4.77 -4.77
CA LYS B 461 -21.23 3.32 -4.83
C LYS B 461 -22.51 2.82 -4.18
N GLY B 462 -23.60 2.80 -4.97
CA GLY B 462 -24.85 2.26 -4.56
C GLY B 462 -25.37 2.89 -3.28
N GLY B 463 -25.24 4.23 -3.20
CA GLY B 463 -25.68 5.00 -2.03
C GLY B 463 -24.98 4.65 -0.72
N GLY B 464 -23.80 4.07 -0.85
CA GLY B 464 -22.99 3.62 0.27
C GLY B 464 -23.48 2.41 0.97
N ASN B 465 -24.38 1.65 0.32
CA ASN B 465 -25.02 0.48 0.89
C ASN B 465 -24.49 -0.81 0.31
N TYR B 466 -24.91 -1.94 0.87
CA TYR B 466 -24.51 -3.25 0.37
C TYR B 466 -24.78 -3.36 -1.15
N LEU B 467 -23.78 -3.84 -1.87
CA LEU B 467 -23.90 -4.05 -3.31
C LEU B 467 -24.36 -5.47 -3.58
N LYS B 468 -24.88 -5.67 -4.78
CA LYS B 468 -25.28 -6.95 -5.27
C LYS B 468 -24.18 -8.04 -5.07
N GLU B 469 -22.93 -7.67 -5.30
CA GLU B 469 -21.81 -8.61 -5.22
C GLU B 469 -21.45 -9.02 -3.78
N ASN B 470 -22.04 -8.38 -2.78
CA ASN B 470 -21.83 -8.83 -1.42
C ASN B 470 -22.43 -10.21 -1.25
N THR B 471 -23.63 -10.39 -1.80
CA THR B 471 -24.27 -11.68 -1.82
C THR B 471 -23.61 -12.61 -2.82
N THR B 472 -23.50 -12.20 -4.07
CA THR B 472 -22.97 -13.04 -5.13
C THR B 472 -21.50 -13.45 -5.08
N TRP B 473 -20.66 -12.68 -4.40
CA TRP B 473 -19.25 -12.97 -4.25
C TRP B 473 -18.79 -13.14 -2.79
N ALA B 474 -18.73 -12.02 -2.09
CA ALA B 474 -18.26 -11.88 -0.74
C ALA B 474 -18.66 -12.92 0.29
N LYS B 475 -19.93 -13.23 0.36
CA LYS B 475 -20.43 -14.19 1.29
C LYS B 475 -20.24 -15.64 0.87
N GLN B 476 -19.88 -15.89 -0.38
CA GLN B 476 -19.91 -17.28 -0.91
C GLN B 476 -18.63 -18.05 -0.49
N THR B 477 -18.73 -19.36 -0.39
CA THR B 477 -17.60 -20.17 0.08
C THR B 477 -16.34 -20.07 -0.80
N ILE B 478 -16.55 -20.00 -2.10
CA ILE B 478 -15.46 -19.90 -3.09
C ILE B 478 -14.55 -18.69 -2.95
N ALA B 479 -15.09 -17.63 -2.32
CA ALA B 479 -14.34 -16.46 -1.94
C ALA B 479 -13.47 -16.59 -0.70
N HIS B 480 -13.48 -17.71 -0.03
CA HIS B 480 -12.78 -17.94 1.23
C HIS B 480 -11.80 -19.12 1.14
N ASN B 481 -10.89 -19.14 2.10
CA ASN B 481 -9.82 -20.09 2.12
C ASN B 481 -10.34 -21.30 2.88
N THR B 482 -11.19 -22.08 2.22
CA THR B 482 -11.81 -23.26 2.82
C THR B 482 -12.38 -24.13 1.73
N LEU B 483 -12.81 -25.31 2.13
CA LEU B 483 -13.21 -26.36 1.20
C LEU B 483 -14.57 -26.04 0.50
N VAL B 484 -14.59 -26.15 -0.81
CA VAL B 484 -15.80 -26.01 -1.56
C VAL B 484 -16.03 -27.34 -2.25
N GLN B 485 -17.25 -27.86 -2.13
CA GLN B 485 -17.65 -29.15 -2.70
C GLN B 485 -18.68 -28.88 -3.78
N ASN B 486 -18.41 -29.44 -4.95
CA ASN B 486 -19.30 -29.38 -6.12
C ASN B 486 -19.79 -27.97 -6.49
N GLU B 487 -18.84 -27.04 -6.50
CA GLU B 487 -19.16 -25.65 -6.83
C GLU B 487 -20.39 -25.11 -6.14
N THR B 488 -20.62 -25.52 -4.89
CA THR B 488 -21.79 -25.16 -4.11
C THR B 488 -21.24 -24.58 -2.77
N SER B 489 -21.89 -23.55 -2.22
CA SER B 489 -21.49 -22.96 -0.97
C SER B 489 -21.96 -23.82 0.19
N HIS B 490 -21.26 -23.70 1.33
CA HIS B 490 -21.72 -24.31 2.55
C HIS B 490 -23.18 -24.00 2.78
N PHE B 491 -23.95 -25.03 3.20
CA PHE B 491 -25.43 -24.95 3.42
C PHE B 491 -26.23 -24.44 2.22
N GLU B 492 -25.69 -24.66 1.03
CA GLU B 492 -26.15 -24.09 -0.25
C GLU B 492 -26.35 -22.59 -0.21
N GLY B 493 -25.51 -21.91 0.58
CA GLY B 493 -25.64 -20.48 0.76
C GLY B 493 -27.02 -20.04 1.23
N LYS B 494 -27.75 -20.89 1.98
CA LYS B 494 -29.09 -20.59 2.50
C LYS B 494 -29.03 -20.22 3.94
N TYR B 495 -29.46 -19.01 4.23
CA TYR B 495 -29.40 -18.44 5.56
C TYR B 495 -30.19 -19.31 6.54
N GLU B 496 -31.38 -19.72 6.12
CA GLU B 496 -32.24 -20.45 7.00
C GLU B 496 -31.67 -21.81 7.45
N VAL B 497 -30.81 -22.39 6.63
CA VAL B 497 -30.11 -23.63 6.97
C VAL B 497 -28.82 -23.32 7.79
N GLY B 498 -28.00 -22.45 7.27
CA GLY B 498 -26.75 -22.11 7.96
C GLY B 498 -26.97 -21.63 9.38
N SER B 499 -27.99 -20.79 9.57
CA SER B 499 -28.30 -20.24 10.90
C SER B 499 -28.68 -21.35 11.93
N GLN B 500 -29.01 -22.56 11.51
CA GLN B 500 -29.16 -23.72 12.42
C GLN B 500 -27.84 -24.38 12.81
N HIS B 501 -26.69 -23.96 12.26
CA HIS B 501 -25.48 -24.78 12.35
C HIS B 501 -24.23 -24.01 12.72
N HIS B 502 -23.28 -24.74 13.28
CA HIS B 502 -21.99 -24.20 13.68
C HIS B 502 -20.94 -25.30 13.56
N SER B 503 -19.68 -24.91 13.32
CA SER B 503 -18.61 -25.92 13.37
C SER B 503 -18.34 -26.26 14.84
N GLU B 504 -17.60 -27.35 15.09
CA GLU B 504 -17.38 -27.84 16.44
C GLU B 504 -15.86 -27.85 16.74
N LEU B 505 -15.48 -27.22 17.83
CA LEU B 505 -14.09 -27.32 18.30
C LEU B 505 -13.77 -28.80 18.61
N TYR B 506 -12.70 -29.30 18.02
CA TYR B 506 -12.12 -30.55 18.41
C TYR B 506 -11.11 -30.37 19.59
N PHE B 507 -10.05 -29.58 19.39
CA PHE B 507 -9.20 -29.15 20.53
C PHE B 507 -8.47 -27.88 20.21
N PHE B 508 -8.04 -27.23 21.27
CA PHE B 508 -7.24 -26.00 21.17
C PHE B 508 -6.11 -26.22 22.13
N ASP B 509 -4.85 -26.13 21.66
CA ASP B 509 -3.67 -26.14 22.58
C ASP B 509 -2.59 -25.18 22.11
N ALA B 510 -2.54 -24.04 22.81
CA ALA B 510 -1.59 -23.05 22.53
C ALA B 510 -0.61 -22.86 23.68
N SER B 511 -0.50 -23.83 24.61
CA SER B 511 0.37 -23.63 25.78
C SER B 511 1.88 -23.54 25.36
N ASN B 512 2.27 -24.35 24.36
CA ASN B 512 3.66 -24.27 23.86
C ASN B 512 3.80 -23.15 22.82
N PRO B 513 4.48 -22.04 23.15
CA PRO B 513 4.52 -20.93 22.16
C PRO B 513 5.18 -21.28 20.80
N GLU B 514 6.04 -22.30 20.79
CA GLU B 514 6.68 -22.75 19.57
C GLU B 514 5.78 -23.64 18.75
N VAL B 515 4.77 -24.29 19.35
CA VAL B 515 3.91 -25.27 18.66
C VAL B 515 2.47 -25.14 19.15
N GLN B 516 1.64 -24.38 18.40
CA GLN B 516 0.29 -24.06 18.81
C GLN B 516 -0.65 -24.68 17.79
N VAL B 517 -1.64 -25.42 18.26
CA VAL B 517 -2.46 -26.26 17.42
C VAL B 517 -3.94 -26.09 17.81
N VAL B 518 -4.77 -26.01 16.79
CA VAL B 518 -6.22 -25.93 16.96
C VAL B 518 -6.83 -26.80 15.87
N SER B 519 -7.96 -27.40 16.18
CA SER B 519 -8.59 -28.35 15.30
C SER B 519 -10.10 -28.27 15.47
N ALA B 520 -10.84 -28.37 14.36
CA ALA B 520 -12.28 -28.27 14.37
C ALA B 520 -12.88 -29.08 13.24
N LYS B 521 -14.18 -29.36 13.38
CA LYS B 521 -14.92 -30.23 12.41
C LYS B 521 -16.24 -29.61 11.99
N GLU B 522 -16.67 -29.98 10.81
CA GLU B 522 -17.89 -29.46 10.22
C GLU B 522 -18.51 -30.58 9.40
N GLN B 523 -19.68 -31.05 9.84
CA GLN B 523 -20.38 -32.13 9.11
C GLN B 523 -21.75 -31.76 8.53
N ASN B 524 -22.14 -30.50 8.60
CA ASN B 524 -23.45 -30.06 8.12
C ASN B 524 -23.36 -29.14 6.95
N ALA B 525 -22.20 -28.48 6.75
CA ALA B 525 -22.01 -27.63 5.55
C ALA B 525 -22.36 -28.37 4.25
N TYR B 526 -21.89 -29.62 4.16
CA TYR B 526 -22.23 -30.50 3.04
C TYR B 526 -22.72 -31.82 3.63
N PRO B 527 -24.06 -32.02 3.70
CA PRO B 527 -24.51 -33.27 4.32
C PRO B 527 -24.00 -34.52 3.56
N GLY B 528 -23.54 -35.51 4.30
CA GLY B 528 -22.84 -36.65 3.74
C GLY B 528 -21.31 -36.49 3.67
N THR B 529 -20.78 -35.31 4.04
CA THR B 529 -19.32 -35.02 4.03
C THR B 529 -18.91 -34.50 5.41
N GLU B 530 -17.78 -34.99 5.90
CA GLU B 530 -17.16 -34.51 7.14
C GLU B 530 -15.84 -33.81 6.79
N MET B 531 -15.68 -32.60 7.29
CA MET B 531 -14.42 -31.84 7.12
C MET B 531 -13.78 -31.73 8.50
N HIS B 532 -12.51 -32.13 8.61
CA HIS B 532 -11.74 -31.99 9.88
C HIS B 532 -10.44 -31.25 9.59
N ARG B 533 -10.39 -29.97 9.98
CA ARG B 533 -9.30 -29.11 9.67
C ARG B 533 -8.48 -28.80 10.93
N THR B 534 -7.19 -29.14 10.86
CA THR B 534 -6.24 -28.85 11.93
C THR B 534 -5.22 -27.87 11.39
N MET B 535 -5.05 -26.76 12.14
CA MET B 535 -4.10 -25.71 11.84
C MET B 535 -3.09 -25.55 12.95
N ALA B 536 -1.82 -25.39 12.57
CA ALA B 536 -0.75 -25.22 13.55
C ALA B 536 0.17 -24.09 13.16
N LEU B 537 0.62 -23.36 14.17
CA LEU B 537 1.65 -22.40 14.03
C LEU B 537 2.90 -22.95 14.74
N ILE B 538 3.96 -23.17 13.94
CA ILE B 538 5.14 -23.99 14.36
C ILE B 538 6.47 -23.31 14.04
N LYS B 539 7.25 -23.10 15.09
CA LYS B 539 8.64 -22.72 14.97
CA LYS B 539 8.63 -22.71 14.99
C LYS B 539 9.48 -23.95 15.26
N THR B 540 10.32 -24.33 14.31
CA THR B 540 11.25 -25.44 14.49
C THR B 540 12.58 -25.14 13.75
N ASP B 541 13.61 -25.87 14.15
CA ASP B 541 14.95 -25.77 13.60
C ASP B 541 14.92 -26.01 12.06
N GLY B 542 15.69 -25.19 11.32
CA GLY B 542 15.67 -25.23 9.85
C GLY B 542 14.87 -24.13 9.19
N PHE B 543 14.17 -23.31 9.97
CA PHE B 543 13.24 -22.28 9.40
C PHE B 543 13.54 -20.98 10.07
N GLU B 544 13.56 -19.92 9.31
CA GLU B 544 13.85 -18.60 9.88
C GLU B 544 12.66 -18.12 10.78
N LYS B 545 11.45 -18.45 10.41
CA LYS B 545 10.25 -17.97 11.06
C LYS B 545 9.29 -19.12 11.36
N PRO B 546 8.28 -18.88 12.23
CA PRO B 546 7.24 -19.90 12.33
C PRO B 546 6.55 -20.10 10.99
N PHE B 547 6.05 -21.31 10.72
CA PHE B 547 5.19 -21.57 9.57
C PHE B 547 3.80 -22.07 9.99
N VAL B 548 2.85 -21.98 9.06
CA VAL B 548 1.49 -22.44 9.28
C VAL B 548 1.40 -23.82 8.67
N LEU B 549 0.94 -24.82 9.44
CA LEU B 549 0.62 -26.12 8.89
C LEU B 549 -0.88 -26.26 8.81
N ASP B 550 -1.39 -26.67 7.65
CA ASP B 550 -2.85 -26.79 7.42
C ASP B 550 -3.17 -28.19 6.97
N ILE B 551 -3.90 -28.94 7.79
CA ILE B 551 -4.36 -30.28 7.46
C ILE B 551 -5.89 -30.27 7.34
N LEU B 552 -6.40 -30.58 6.15
CA LEU B 552 -7.83 -30.55 5.88
C LEU B 552 -8.23 -31.94 5.48
N ARG B 553 -8.76 -32.70 6.45
CA ARG B 553 -9.17 -34.09 6.20
C ARG B 553 -10.65 -34.14 5.81
N VAL B 554 -10.96 -34.85 4.74
CA VAL B 554 -12.30 -34.88 4.13
C VAL B 554 -12.74 -36.34 4.01
N GLY B 555 -13.87 -36.67 4.66
CA GLY B 555 -14.59 -37.96 4.50
C GLY B 555 -15.94 -37.75 3.84
N SER B 556 -16.30 -38.57 2.86
CA SER B 556 -17.60 -38.43 2.15
C SER B 556 -18.19 -39.79 1.75
N ASN B 557 -19.45 -39.78 1.32
CA ASN B 557 -20.15 -41.01 0.86
C ASN B 557 -20.23 -41.16 -0.67
N ALA B 558 -19.72 -40.18 -1.40
CA ALA B 558 -19.73 -40.11 -2.83
C ALA B 558 -18.44 -39.41 -3.36
N ALA B 559 -18.16 -39.62 -4.63
CA ALA B 559 -17.07 -39.01 -5.32
C ALA B 559 -17.47 -37.57 -5.70
N ASN B 560 -16.73 -36.55 -5.24
CA ASN B 560 -17.05 -35.16 -5.45
C ASN B 560 -15.92 -34.40 -6.09
N GLN B 561 -16.21 -33.15 -6.45
CA GLN B 561 -15.18 -32.24 -6.85
C GLN B 561 -14.86 -31.33 -5.65
N TYR B 562 -13.60 -31.33 -5.19
CA TYR B 562 -13.18 -30.47 -4.08
C TYR B 562 -12.26 -29.37 -4.58
N ASP B 563 -12.58 -28.12 -4.22
CA ASP B 563 -11.74 -26.97 -4.50
C ASP B 563 -11.24 -26.42 -3.16
N LEU B 564 -9.95 -26.11 -3.09
CA LEU B 564 -9.37 -25.45 -1.93
C LEU B 564 -8.63 -24.16 -2.35
N PRO B 565 -9.25 -22.98 -2.11
CA PRO B 565 -8.60 -21.71 -2.49
C PRO B 565 -7.65 -21.15 -1.47
N PHE B 566 -6.65 -20.42 -1.96
CA PHE B 566 -5.73 -19.64 -1.14
C PHE B 566 -5.65 -18.29 -1.78
N TYR B 567 -6.28 -17.29 -1.15
CA TYR B 567 -6.29 -15.92 -1.69
C TYR B 567 -5.13 -15.13 -1.07
N PHE B 568 -4.06 -15.08 -1.84
CA PHE B 568 -2.74 -14.53 -1.45
C PHE B 568 -2.62 -13.11 -1.92
N LYS B 569 -1.87 -12.33 -1.14
CA LYS B 569 -1.57 -10.97 -1.43
C LYS B 569 -0.11 -10.90 -1.84
N GLY B 570 0.15 -10.32 -3.00
CA GLY B 570 1.48 -9.97 -3.46
C GLY B 570 1.75 -10.37 -4.92
N GLN B 571 3.01 -10.22 -5.31
CA GLN B 571 3.52 -10.44 -6.64
C GLN B 571 4.10 -11.88 -6.77
N VAL B 572 3.54 -12.65 -7.69
CA VAL B 572 4.07 -13.96 -7.98
C VAL B 572 5.55 -13.95 -8.35
N MET B 573 6.28 -14.82 -7.67
CA MET B 573 7.73 -14.96 -7.88
C MET B 573 8.19 -16.26 -8.58
N GLN B 574 7.67 -17.40 -8.14
CA GLN B 574 8.05 -18.68 -8.69
C GLN B 574 7.05 -19.79 -8.34
N THR B 575 7.06 -20.83 -9.19
CA THR B 575 6.31 -22.04 -8.99
C THR B 575 7.27 -23.18 -9.32
N ASN B 576 7.02 -24.39 -8.78
CA ASN B 576 7.79 -25.58 -9.18
C ASN B 576 6.96 -26.45 -10.17
N PHE B 577 5.92 -25.85 -10.76
CA PHE B 577 5.05 -26.51 -11.75
C PHE B 577 4.83 -25.61 -12.95
N ASP B 578 4.56 -26.25 -14.08
CA ASP B 578 4.19 -25.53 -15.31
C ASP B 578 2.69 -25.25 -15.34
N PHE B 579 2.34 -24.18 -16.00
CA PHE B 579 0.95 -23.81 -16.14
C PHE B 579 0.73 -23.04 -17.44
N THR B 580 -0.47 -23.17 -17.98
CA THR B 580 -0.81 -22.57 -19.27
C THR B 580 -1.32 -21.18 -19.05
N THR B 581 -1.18 -20.35 -20.07
CA THR B 581 -1.56 -18.95 -20.11
C THR B 581 -2.62 -18.81 -21.21
N PRO B 582 -3.91 -18.77 -20.89
CA PRO B 582 -4.83 -18.69 -22.06
C PRO B 582 -4.80 -17.32 -22.77
N LYS B 583 -5.05 -17.34 -24.05
CA LYS B 583 -5.15 -16.17 -24.92
C LYS B 583 -6.33 -15.28 -24.54
N SER B 584 -7.38 -15.85 -23.98
CA SER B 584 -8.51 -15.09 -23.46
C SER B 584 -8.93 -15.55 -22.05
N LEU B 585 -9.41 -14.63 -21.22
CA LEU B 585 -9.92 -15.01 -19.89
C LEU B 585 -11.46 -15.32 -19.91
N GLU B 586 -11.77 -16.50 -19.41
CA GLU B 586 -13.10 -16.99 -19.22
C GLU B 586 -13.41 -17.13 -17.73
N PRO B 587 -14.71 -17.00 -17.35
CA PRO B 587 -15.06 -17.30 -15.94
C PRO B 587 -14.85 -18.76 -15.58
N LEU B 588 -14.45 -19.01 -14.35
CA LEU B 588 -14.14 -20.35 -13.86
C LEU B 588 -15.36 -21.24 -13.81
N GLY B 589 -16.51 -20.68 -13.43
CA GLY B 589 -17.78 -21.37 -13.52
C GLY B 589 -18.92 -20.39 -13.68
N SER B 590 -20.13 -20.90 -13.46
CA SER B 590 -21.41 -20.18 -13.75
C SER B 590 -22.20 -19.66 -12.53
N ASP B 591 -21.89 -20.12 -11.31
CA ASP B 591 -22.73 -19.84 -10.11
C ASP B 591 -21.96 -19.86 -8.77
N ASN B 592 -22.62 -19.36 -7.73
CA ASN B 592 -22.20 -19.49 -6.35
C ASN B 592 -20.81 -18.83 -6.09
N GLY B 593 -20.54 -17.74 -6.79
CA GLY B 593 -19.27 -17.00 -6.72
C GLY B 593 -18.31 -17.28 -7.87
N TYR B 594 -18.38 -18.46 -8.48
CA TYR B 594 -17.46 -18.87 -9.56
C TYR B 594 -17.59 -18.01 -10.82
N GLN B 595 -18.78 -17.41 -11.01
CA GLN B 595 -19.00 -16.41 -12.08
C GLN B 595 -18.20 -15.14 -11.90
N HIS B 596 -17.65 -14.92 -10.71
CA HIS B 596 -16.84 -13.74 -10.47
C HIS B 596 -15.32 -13.97 -10.57
N LEU B 597 -14.88 -15.20 -10.88
CA LEU B 597 -13.45 -15.49 -11.06
C LEU B 597 -13.03 -15.70 -12.49
N TRP B 598 -12.06 -14.90 -12.96
CA TRP B 598 -11.40 -15.20 -14.23
C TRP B 598 -10.37 -16.36 -14.04
N SER B 599 -10.40 -17.28 -14.99
CA SER B 599 -9.43 -18.36 -15.07
CA SER B 599 -9.40 -18.37 -15.08
C SER B 599 -8.13 -17.84 -15.73
N GLU B 600 -7.11 -17.62 -14.91
CA GLU B 600 -5.92 -16.95 -15.38
C GLU B 600 -4.76 -17.90 -15.71
N GLY B 601 -4.88 -19.17 -15.37
CA GLY B 601 -3.82 -20.13 -15.64
C GLY B 601 -4.11 -21.47 -15.04
N LEU B 602 -3.73 -22.53 -15.76
CA LEU B 602 -4.02 -23.87 -15.34
C LEU B 602 -2.73 -24.73 -15.30
N GLY B 603 -2.41 -25.27 -14.13
CA GLY B 603 -1.22 -26.07 -13.95
C GLY B 603 -1.55 -27.49 -13.62
N GLN B 604 -0.58 -28.37 -13.90
CA GLN B 604 -0.56 -29.75 -13.44
C GLN B 604 0.69 -29.90 -12.52
N PRO B 605 0.54 -30.61 -11.40
CA PRO B 605 1.69 -30.87 -10.53
C PRO B 605 2.79 -31.69 -11.20
N LYS B 606 4.05 -31.36 -10.95
CA LYS B 606 5.19 -32.17 -11.41
C LYS B 606 5.51 -33.35 -10.44
N GLY B 607 4.96 -33.32 -9.24
CA GLY B 607 5.28 -34.35 -8.26
C GLY B 607 4.43 -34.25 -7.01
N ASP B 608 4.94 -34.81 -5.93
CA ASP B 608 4.19 -34.95 -4.70
C ASP B 608 3.96 -33.62 -3.95
N ASN B 609 4.82 -32.62 -4.14
CA ASN B 609 4.69 -31.32 -3.49
C ASN B 609 4.69 -30.21 -4.55
N SER B 610 3.65 -29.39 -4.57
CA SER B 610 3.62 -28.22 -5.44
C SER B 610 3.86 -26.94 -4.61
N GLN B 611 4.59 -26.00 -5.19
CA GLN B 611 4.98 -24.75 -4.53
C GLN B 611 4.66 -23.55 -5.38
N LEU B 612 4.26 -22.49 -4.68
CA LEU B 612 3.99 -21.20 -5.26
C LEU B 612 4.60 -20.23 -4.28
N SER B 613 5.43 -19.33 -4.77
CA SER B 613 6.05 -18.33 -3.93
CA SER B 613 6.00 -18.32 -3.91
CA SER B 613 6.11 -18.33 -3.98
C SER B 613 5.70 -16.92 -4.45
N TRP B 614 5.60 -15.95 -3.52
CA TRP B 614 5.30 -14.54 -3.82
C TRP B 614 6.02 -13.58 -2.87
N LEU B 615 6.00 -12.30 -3.26
CA LEU B 615 6.63 -11.20 -2.56
C LEU B 615 5.50 -10.19 -2.18
N GLU B 616 5.40 -9.88 -0.88
CA GLU B 616 4.44 -8.93 -0.37
C GLU B 616 5.07 -8.07 0.70
N ASN B 617 4.94 -6.74 0.52
CA ASN B 617 5.48 -5.76 1.41
C ASN B 617 6.93 -6.12 1.85
N GLY B 618 7.80 -6.42 0.88
CA GLY B 618 9.22 -6.65 1.19
C GLY B 618 9.64 -8.03 1.77
N ARG B 619 8.71 -8.98 1.83
CA ARG B 619 8.92 -10.32 2.43
C ARG B 619 8.45 -11.38 1.47
N PHE B 620 9.15 -12.52 1.45
CA PHE B 620 8.80 -13.64 0.61
C PHE B 620 7.96 -14.62 1.39
N TYR B 621 7.03 -15.26 0.67
CA TYR B 621 6.16 -16.27 1.18
C TYR B 621 6.18 -17.49 0.22
N THR B 622 6.08 -18.70 0.75
CA THR B 622 5.93 -19.90 -0.04
C THR B 622 4.77 -20.77 0.45
N LEU B 623 3.89 -21.13 -0.48
CA LEU B 623 2.84 -22.11 -0.24
C LEU B 623 3.33 -23.45 -0.81
N THR B 624 3.39 -24.49 0.02
CA THR B 624 3.73 -25.86 -0.43
C THR B 624 2.52 -26.74 -0.09
N THR B 625 2.05 -27.53 -1.04
CA THR B 625 0.91 -28.36 -0.80
C THR B 625 1.10 -29.78 -1.36
N ALA B 626 0.59 -30.80 -0.66
CA ALA B 626 0.75 -32.20 -1.14
C ALA B 626 -0.24 -32.48 -2.26
N THR B 627 0.27 -32.77 -3.43
CA THR B 627 -0.56 -32.87 -4.60
C THR B 627 -0.45 -34.28 -5.13
N ASN B 628 -1.52 -34.72 -5.77
CA ASN B 628 -1.57 -35.94 -6.57
C ASN B 628 -1.46 -35.52 -8.04
N ASN B 629 -1.06 -36.47 -8.85
CA ASN B 629 -0.86 -36.27 -10.27
C ASN B 629 -2.13 -35.80 -11.07
N ASP B 630 -3.33 -36.17 -10.64
CA ASP B 630 -4.58 -35.66 -11.29
C ASP B 630 -5.14 -34.34 -10.72
N ASP B 631 -4.46 -33.71 -9.76
CA ASP B 631 -4.86 -32.38 -9.25
C ASP B 631 -4.69 -31.31 -10.33
N GLU B 632 -5.56 -30.31 -10.28
CA GLU B 632 -5.41 -29.15 -11.12
C GLU B 632 -5.08 -27.96 -10.22
N LEU B 633 -4.18 -27.11 -10.65
CA LEU B 633 -3.80 -25.92 -9.91
C LEU B 633 -4.27 -24.74 -10.72
N HIS B 634 -5.22 -23.96 -10.20
CA HIS B 634 -5.86 -22.90 -10.95
C HIS B 634 -5.44 -21.54 -10.40
N PHE B 635 -4.74 -20.77 -11.20
CA PHE B 635 -4.58 -19.36 -10.95
C PHE B 635 -5.90 -18.65 -11.34
N VAL B 636 -6.41 -17.84 -10.42
CA VAL B 636 -7.67 -17.07 -10.58
C VAL B 636 -7.49 -15.61 -10.29
N ARG B 637 -8.37 -14.78 -10.87
CA ARG B 637 -8.45 -13.36 -10.61
C ARG B 637 -9.92 -12.93 -10.45
N ILE B 638 -10.18 -12.23 -9.35
CA ILE B 638 -11.51 -11.72 -9.08
C ILE B 638 -11.78 -10.57 -10.05
N GLY B 639 -13.00 -10.46 -10.54
CA GLY B 639 -13.39 -9.32 -11.40
C GLY B 639 -14.30 -9.63 -12.56
N ALA B 640 -14.58 -10.91 -12.83
CA ALA B 640 -15.60 -11.29 -13.80
C ALA B 640 -17.05 -10.94 -13.32
N ASN B 641 -17.93 -10.68 -14.29
CA ASN B 641 -19.33 -10.32 -14.02
C ASN B 641 -19.43 -9.21 -12.93
N ASP B 642 -18.67 -8.14 -13.12
CA ASP B 642 -18.60 -7.01 -12.16
C ASP B 642 -18.75 -5.69 -12.95
N PRO B 643 -19.93 -5.44 -13.54
CA PRO B 643 -20.09 -4.29 -14.46
C PRO B 643 -19.83 -2.90 -13.87
N GLU B 644 -19.87 -2.74 -12.55
CA GLU B 644 -19.67 -1.44 -11.89
C GLU B 644 -18.29 -1.31 -11.17
N PHE B 645 -17.39 -2.27 -11.40
CA PHE B 645 -16.08 -2.30 -10.72
C PHE B 645 -16.29 -2.25 -9.20
N ASN B 646 -17.15 -3.10 -8.70
CA ASN B 646 -17.42 -3.21 -7.28
C ASN B 646 -16.47 -4.13 -6.54
N LEU B 647 -15.72 -4.95 -7.30
CA LEU B 647 -14.79 -5.90 -6.71
C LEU B 647 -13.34 -5.61 -6.99
N ARG B 648 -12.48 -5.97 -6.03
CA ARG B 648 -11.05 -5.81 -6.19
C ARG B 648 -10.47 -6.92 -7.12
N ARG B 649 -9.44 -6.57 -7.92
CA ARG B 649 -8.77 -7.53 -8.79
C ARG B 649 -7.65 -8.32 -8.11
N ASP B 650 -7.97 -8.92 -6.95
CA ASP B 650 -7.06 -9.75 -6.19
C ASP B 650 -7.00 -11.16 -6.84
N ALA B 651 -5.90 -11.86 -6.58
CA ALA B 651 -5.67 -13.19 -7.19
C ALA B 651 -5.80 -14.34 -6.20
N GLY B 652 -5.80 -15.54 -6.71
CA GLY B 652 -5.75 -16.71 -5.86
C GLY B 652 -5.23 -17.88 -6.62
N LEU B 653 -4.90 -18.93 -5.86
CA LEU B 653 -4.56 -20.25 -6.36
C LEU B 653 -5.52 -21.22 -5.76
N ILE B 654 -6.19 -22.00 -6.61
CA ILE B 654 -7.17 -22.97 -6.14
C ILE B 654 -6.65 -24.37 -6.49
N ILE B 655 -6.62 -25.28 -5.52
CA ILE B 655 -6.33 -26.69 -5.79
C ILE B 655 -7.68 -27.39 -6.05
N ARG B 656 -7.84 -28.00 -7.22
CA ARG B 656 -9.03 -28.71 -7.57
C ARG B 656 -8.75 -30.23 -7.65
N ARG B 657 -9.50 -31.01 -6.88
CA ARG B 657 -9.37 -32.42 -6.82
C ARG B 657 -10.73 -33.07 -7.20
N LYS B 658 -10.80 -33.56 -8.43
CA LYS B 658 -12.02 -34.09 -9.07
C LYS B 658 -12.21 -35.56 -8.74
N ASN B 659 -13.47 -36.00 -8.86
CA ASN B 659 -13.84 -37.42 -8.74
C ASN B 659 -13.24 -38.11 -7.50
N THR B 660 -13.38 -37.48 -6.36
CA THR B 660 -12.68 -37.92 -5.20
C THR B 660 -13.66 -38.01 -4.06
N LYS B 661 -13.50 -39.06 -3.29
CA LYS B 661 -14.29 -39.34 -2.11
C LYS B 661 -13.69 -38.87 -0.78
N ASN B 662 -12.70 -39.62 -0.26
CA ASN B 662 -11.96 -39.32 0.98
C ASN B 662 -10.60 -38.80 0.54
N THR B 663 -10.14 -37.71 1.15
CA THR B 663 -8.86 -37.13 0.80
C THR B 663 -8.39 -36.24 1.94
N THR B 664 -7.10 -35.99 1.98
CA THR B 664 -6.55 -35.12 3.00
C THR B 664 -5.62 -34.10 2.30
N PHE B 665 -5.96 -32.82 2.42
CA PHE B 665 -5.07 -31.77 1.92
C PHE B 665 -4.06 -31.42 3.04
N VAL B 666 -2.81 -31.23 2.66
CA VAL B 666 -1.75 -30.85 3.58
C VAL B 666 -0.96 -29.68 2.92
N SER B 667 -0.88 -28.56 3.64
CA SER B 667 -0.25 -27.39 3.14
C SER B 667 0.61 -26.74 4.23
N ILE B 668 1.71 -26.10 3.82
CA ILE B 668 2.52 -25.24 4.66
C ILE B 668 2.68 -23.87 3.99
N LEU B 669 2.61 -22.84 4.83
CA LEU B 669 2.82 -21.49 4.44
C LEU B 669 4.00 -20.97 5.25
N GLU B 670 5.10 -20.66 4.56
CA GLU B 670 6.32 -20.12 5.14
C GLU B 670 6.47 -18.64 4.79
N SER B 671 7.06 -17.89 5.72
CA SER B 671 7.56 -16.55 5.52
C SER B 671 9.08 -16.58 5.61
N HIS B 672 9.76 -16.04 4.61
CA HIS B 672 11.21 -16.06 4.64
C HIS B 672 11.79 -14.91 3.86
N GLY B 673 12.94 -14.42 4.34
CA GLY B 673 13.69 -13.45 3.65
C GLY B 673 13.07 -12.08 3.42
N HIS B 674 13.78 -11.27 2.63
CA HIS B 674 13.38 -9.91 2.35
C HIS B 674 13.93 -9.39 1.02
N TYR B 675 13.30 -8.30 0.56
CA TYR B 675 13.70 -7.56 -0.58
C TYR B 675 13.49 -6.09 -0.25
N SER B 676 14.46 -5.27 -0.61
CA SER B 676 14.36 -3.82 -0.54
C SER B 676 14.69 -3.23 -1.93
N PRO B 677 13.82 -2.35 -2.46
CA PRO B 677 14.20 -1.60 -3.68
C PRO B 677 15.21 -0.45 -3.45
N VAL B 678 15.63 -0.24 -2.21
CA VAL B 678 16.57 0.80 -1.86
C VAL B 678 18.00 0.25 -1.92
N SER B 679 18.21 -0.89 -1.29
CA SER B 679 19.46 -1.60 -1.32
C SER B 679 19.57 -2.54 -2.55
N GLU B 680 18.44 -2.89 -3.14
CA GLU B 680 18.36 -3.92 -4.22
C GLU B 680 18.93 -5.32 -3.84
N PHE B 681 18.92 -5.66 -2.55
CA PHE B 681 19.27 -6.98 -2.01
C PHE B 681 18.01 -7.86 -1.77
N SER B 682 18.03 -9.04 -2.38
CA SER B 682 17.09 -10.11 -2.16
C SER B 682 17.80 -11.15 -1.28
N VAL B 683 17.29 -11.36 -0.09
CA VAL B 683 17.89 -12.32 0.89
C VAL B 683 16.86 -13.44 1.23
N ASN B 684 17.37 -14.70 1.33
CA ASN B 684 16.59 -15.94 1.75
CA ASN B 684 16.60 -15.89 1.75
C ASN B 684 15.28 -16.05 1.01
N ALA B 685 15.38 -16.03 -0.32
CA ALA B 685 14.22 -15.97 -1.22
C ALA B 685 13.64 -17.33 -1.55
N ASN B 686 14.35 -18.39 -1.23
CA ASN B 686 13.81 -19.76 -1.49
C ASN B 686 13.16 -20.35 -0.26
N SER B 687 12.24 -21.29 -0.47
CA SER B 687 11.69 -22.12 0.59
C SER B 687 12.82 -22.94 1.32
N SER B 688 12.60 -23.25 2.58
CA SER B 688 13.39 -24.22 3.31
C SER B 688 12.70 -25.61 3.46
N ILE B 689 11.54 -25.82 2.84
CA ILE B 689 10.91 -27.12 2.81
C ILE B 689 11.55 -28.03 1.76
N SER B 690 12.10 -29.15 2.22
CA SER B 690 12.53 -30.20 1.32
C SER B 690 11.33 -31.10 0.92
N LYS B 691 10.50 -31.49 1.90
CA LYS B 691 9.42 -32.41 1.62
C LYS B 691 8.38 -32.40 2.75
N ILE B 692 7.11 -32.43 2.37
CA ILE B 692 6.02 -32.76 3.28
C ILE B 692 5.39 -34.06 2.83
N GLU B 693 5.14 -34.98 3.76
CA GLU B 693 4.64 -36.31 3.40
C GLU B 693 3.65 -36.79 4.46
N LEU B 694 2.51 -37.30 3.99
CA LEU B 694 1.57 -38.04 4.84
C LEU B 694 2.10 -39.44 5.13
N MET B 695 2.46 -39.73 6.39
CA MET B 695 2.96 -41.04 6.77
C MET B 695 1.84 -42.01 7.17
N LEU B 696 0.75 -41.47 7.69
CA LEU B 696 -0.46 -42.20 8.04
C LEU B 696 -1.62 -41.30 7.66
N ASP B 697 -2.61 -41.88 6.98
CA ASP B 697 -3.78 -41.12 6.51
C ASP B 697 -5.04 -41.97 6.62
N THR B 698 -5.52 -42.15 7.87
CA THR B 698 -6.68 -42.95 8.14
C THR B 698 -7.65 -42.09 8.93
N LYS B 699 -8.86 -42.64 9.11
CA LYS B 699 -9.89 -42.04 9.94
C LYS B 699 -9.44 -41.85 11.38
N GLU B 700 -8.67 -42.79 11.88
CA GLU B 700 -8.30 -42.74 13.28
C GLU B 700 -7.10 -41.82 13.53
N TYR B 701 -6.15 -41.81 12.61
CA TYR B 701 -4.89 -41.06 12.78
C TYR B 701 -4.36 -40.45 11.49
N THR B 702 -3.82 -39.24 11.64
CA THR B 702 -3.14 -38.54 10.59
C THR B 702 -1.73 -38.27 11.08
N ALA B 703 -0.74 -38.56 10.26
CA ALA B 703 0.67 -38.29 10.60
C ALA B 703 1.34 -37.61 9.42
N VAL B 704 1.88 -36.40 9.67
CA VAL B 704 2.62 -35.63 8.65
C VAL B 704 4.09 -35.44 9.04
N LEU B 705 4.98 -35.87 8.16
CA LEU B 705 6.42 -35.69 8.28
C LEU B 705 6.81 -34.41 7.48
N ILE B 706 7.58 -33.57 8.15
CA ILE B 706 8.09 -32.30 7.59
C ILE B 706 9.61 -32.37 7.55
N ASP B 707 10.14 -32.30 6.35
CA ASP B 707 11.59 -32.32 6.11
C ASP B 707 12.07 -30.93 5.72
N ALA B 708 13.00 -30.38 6.49
CA ALA B 708 13.54 -29.05 6.20
C ALA B 708 14.79 -29.14 5.35
N LYS B 709 14.84 -28.35 4.28
CA LYS B 709 15.98 -28.34 3.38
C LYS B 709 17.26 -27.92 4.11
N SER B 710 17.15 -27.76 5.42
CA SER B 710 18.29 -27.37 6.23
C SER B 710 19.11 -28.59 6.67
N ASN B 711 19.76 -29.22 5.69
CA ASN B 711 20.57 -30.40 5.97
C ASN B 711 19.76 -31.45 6.77
N THR B 712 19.90 -31.46 8.10
CA THR B 712 19.34 -32.51 8.97
C THR B 712 18.30 -31.88 9.86
N GLU B 713 17.03 -32.01 9.48
CA GLU B 713 15.94 -31.40 10.22
C GLU B 713 14.62 -32.05 9.80
N GLN B 714 14.05 -32.87 10.71
CA GLN B 714 12.80 -33.64 10.47
C GLN B 714 11.87 -33.64 11.68
N THR B 715 10.62 -33.27 11.46
CA THR B 715 9.63 -33.30 12.47
C THR B 715 8.41 -34.10 12.02
N LEU B 716 7.70 -34.66 13.00
CA LEU B 716 6.51 -35.51 12.76
C LEU B 716 5.34 -35.01 13.61
N LEU B 717 4.25 -34.62 12.96
CA LEU B 717 3.02 -34.27 13.68
C LEU B 717 2.08 -35.47 13.62
N ILE B 718 1.65 -35.96 14.78
CA ILE B 718 0.65 -37.05 14.80
C ILE B 718 -0.65 -36.55 15.41
N LEU B 719 -1.75 -36.84 14.74
CA LEU B 719 -3.08 -36.49 15.24
C LEU B 719 -3.93 -37.72 15.49
N ALA B 720 -4.53 -37.78 16.66
CA ALA B 720 -5.61 -38.74 16.91
C ALA B 720 -6.96 -38.09 16.57
N ASN B 721 -7.67 -38.65 15.61
CA ASN B 721 -8.87 -38.00 15.09
C ASN B 721 -10.21 -38.24 15.84
N GLU B 722 -10.30 -39.32 16.61
CA GLU B 722 -11.56 -39.81 17.13
C GLU B 722 -11.66 -39.80 18.65
N ASN B 723 -10.78 -39.11 19.33
CA ASN B 723 -10.86 -38.99 20.76
C ASN B 723 -9.91 -37.87 21.18
N LYS B 724 -10.47 -36.82 21.76
CA LYS B 724 -9.81 -35.60 22.09
C LYS B 724 -9.25 -35.62 23.52
N ASN B 725 -9.64 -36.63 24.30
CA ASN B 725 -9.26 -36.68 25.70
C ASN B 725 -7.74 -36.54 25.93
N VAL B 726 -7.36 -35.56 26.76
CA VAL B 726 -5.97 -35.27 27.07
C VAL B 726 -5.24 -36.40 27.82
N ASN B 727 -5.96 -37.32 28.45
CA ASN B 727 -5.33 -38.45 29.20
C ASN B 727 -5.44 -39.77 28.46
N LYS B 728 -5.93 -39.76 27.23
CA LYS B 728 -6.05 -41.00 26.48
C LYS B 728 -4.73 -41.37 25.79
N GLU B 729 -4.26 -42.58 26.04
CA GLU B 729 -3.04 -43.10 25.46
C GLU B 729 -3.29 -43.64 24.08
N HIS B 730 -2.39 -43.32 23.12
CA HIS B 730 -2.46 -43.87 21.78
C HIS B 730 -1.18 -44.62 21.43
N ILE B 731 -1.32 -45.69 20.65
CA ILE B 731 -0.25 -46.56 20.24
C ILE B 731 -0.45 -46.85 18.77
N ILE B 732 0.48 -46.41 17.93
CA ILE B 732 0.45 -46.68 16.49
C ILE B 732 1.83 -47.13 16.03
N GLU B 733 1.88 -47.60 14.80
CA GLU B 733 3.13 -47.95 14.19
C GLU B 733 3.27 -47.26 12.87
N ILE B 734 4.47 -46.78 12.57
CA ILE B 734 4.81 -46.19 11.28
C ILE B 734 6.09 -46.87 10.88
N LYS B 735 6.06 -47.54 9.74
CA LYS B 735 7.15 -48.37 9.25
C LYS B 735 7.83 -49.25 10.33
N GLY B 736 7.01 -49.97 11.08
CA GLY B 736 7.50 -50.91 12.12
C GLY B 736 8.02 -50.28 13.41
N LYS B 737 7.76 -48.98 13.60
CA LYS B 737 8.25 -48.29 14.76
C LYS B 737 7.04 -47.83 15.59
N GLU B 738 7.06 -48.17 16.87
CA GLU B 738 5.99 -47.76 17.75
C GLU B 738 6.11 -46.28 18.20
N TYR B 739 5.00 -45.54 18.08
CA TYR B 739 4.89 -44.21 18.66
C TYR B 739 3.77 -44.26 19.67
N ARG B 740 4.05 -43.69 20.82
CA ARG B 740 3.18 -43.76 21.95
C ARG B 740 3.12 -42.36 22.56
N TRP B 741 1.91 -41.87 22.80
CA TRP B 741 1.73 -40.56 23.46
C TRP B 741 0.37 -40.51 24.10
N THR B 742 0.14 -39.44 24.86
CA THR B 742 -1.18 -39.18 25.43
CA THR B 742 -1.12 -39.14 25.50
C THR B 742 -1.76 -37.89 24.89
N GLY B 743 -3.07 -37.92 24.66
CA GLY B 743 -3.76 -36.74 24.16
C GLY B 743 -3.91 -36.69 22.64
N PRO B 744 -4.58 -35.64 22.14
CA PRO B 744 -5.01 -35.69 20.74
C PRO B 744 -3.88 -35.47 19.70
N TYR B 745 -2.72 -34.94 20.11
CA TYR B 745 -1.61 -34.75 19.15
C TYR B 745 -0.26 -34.91 19.78
N GLN B 746 0.70 -35.19 18.93
CA GLN B 746 2.09 -35.15 19.33
C GLN B 746 2.91 -34.53 18.21
N PHE B 747 3.91 -33.73 18.60
CA PHE B 747 4.87 -33.17 17.70
C PHE B 747 6.26 -33.61 18.14
N ILE B 748 6.99 -34.32 17.32
CA ILE B 748 8.26 -34.86 17.69
C ILE B 748 9.31 -34.67 16.61
N LYS B 749 10.51 -34.50 17.11
CA LYS B 749 11.68 -34.34 16.31
C LYS B 749 12.12 -35.77 15.98
N ILE B 750 12.37 -36.08 14.71
CA ILE B 750 12.86 -37.42 14.32
C ILE B 750 14.38 -37.34 14.14
N ASN B 751 15.12 -38.16 14.91
CA ASN B 751 16.58 -38.12 14.99
C ASN B 751 17.34 -39.21 14.21
C1 MAV C . 22.33 -3.73 -18.22
O1 MAV C . 20.97 -3.95 -18.58
C2 MAV C . 22.69 -4.60 -17.04
O2 MAV C . 24.06 -4.34 -16.79
C3 MAV C . 21.93 -4.20 -15.79
O3 MAV C . 22.44 -4.93 -14.65
C4 MAV C . 22.11 -2.70 -15.51
O4 MAV C . 21.27 -2.30 -14.43
C5 MAV C . 21.80 -1.86 -16.75
O5 MAV C . 22.51 -2.34 -17.89
C6 MAV C . 22.27 -0.44 -16.44
O6A MAV C . 21.91 0.14 -15.40
O6B MAV C . 23.01 0.15 -17.24
C1 MAW C . 21.80 -1.79 -13.17
C2 MAW C . 20.97 -1.00 -12.16
O2 MAW C . 19.78 -1.75 -11.90
C3 MAW C . 21.69 -0.76 -10.84
O3 MAW C . 20.76 -0.34 -9.83
C4 MAW C . 22.44 -2.00 -10.38
C5 MAW C . 22.72 -3.02 -11.22
O5 MAW C . 22.26 -3.04 -12.59
C6 MAW C . 23.53 -4.19 -10.79
O6A MAW C . 23.95 -4.32 -9.62
O6B MAW C . 23.80 -5.06 -11.63
C1 MAV D . -27.77 -2.84 7.18
O1 MAV D . -27.15 -3.57 6.12
C2 MAV D . -27.65 -1.32 7.01
O2 MAV D . -28.42 -0.78 8.09
C3 MAV D . -26.23 -0.80 7.18
O3 MAV D . -26.19 0.64 7.20
C4 MAV D . -25.62 -1.36 8.46
O4 MAV D . -24.20 -1.12 8.50
C5 MAV D . -25.82 -2.88 8.62
O5 MAV D . -27.18 -3.24 8.40
C6 MAV D . -25.44 -3.33 10.02
O6A MAV D . -26.14 -4.21 10.56
O6B MAV D . -24.45 -2.84 10.62
C1 MAW D . -23.68 -0.27 9.53
C2 MAW D . -22.16 -0.27 9.63
O2 MAW D . -21.60 -0.09 8.33
C3 MAW D . -21.74 0.85 10.56
O3 MAW D . -20.31 0.97 10.67
C4 MAW D . -22.35 2.16 10.07
C5 MAW D . -23.52 2.21 9.41
O5 MAW D . -24.13 0.98 8.91
C6 MAW D . -24.25 3.48 9.19
O6A MAW D . -25.33 3.42 8.55
O6B MAW D . -23.80 4.57 9.65
CA CA E . 8.16 4.58 -19.10
MG MG F . 29.20 -14.59 -9.76
MG MG G . 4.43 6.46 -4.06
MG MG H . -27.12 -7.12 19.48
CA CA I . -15.62 -13.52 4.51
MG MG J . -0.84 -8.90 12.69
C1 GOL K . -24.96 -17.77 17.84
O1 GOL K . -25.33 -16.60 18.59
C2 GOL K . -25.66 -17.94 16.49
O2 GOL K . -27.01 -18.30 16.68
C3 GOL K . -25.62 -16.66 15.63
O3 GOL K . -24.37 -16.51 14.94
#